data_1BC7
# 
_entry.id   1BC7 
# 
_audit_conform.dict_name       mmcif_pdbx.dic 
_audit_conform.dict_version    5.389 
_audit_conform.dict_location   http://mmcif.pdb.org/dictionaries/ascii/mmcif_pdbx.dic 
# 
loop_
_database_2.database_id 
_database_2.database_code 
_database_2.pdbx_database_accession 
_database_2.pdbx_DOI 
PDB   1BC7         pdb_00001bc7 10.2210/pdb1bc7/pdb 
RCSB  PD0027       ?            ?                   
WWPDB D_1000171580 ?            ?                   
# 
loop_
_pdbx_audit_revision_history.ordinal 
_pdbx_audit_revision_history.data_content_type 
_pdbx_audit_revision_history.major_revision 
_pdbx_audit_revision_history.minor_revision 
_pdbx_audit_revision_history.revision_date 
1 'Structure model' 1 0 1999-01-21 
2 'Structure model' 1 1 2008-05-22 
3 'Structure model' 1 2 2011-07-13 
4 'Structure model' 1 3 2024-02-07 
5 'Structure model' 1 4 2024-04-03 
# 
_pdbx_audit_revision_details.ordinal             1 
_pdbx_audit_revision_details.revision_ordinal    1 
_pdbx_audit_revision_details.data_content_type   'Structure model' 
_pdbx_audit_revision_details.provider            repository 
_pdbx_audit_revision_details.type                'Initial release' 
_pdbx_audit_revision_details.description         ? 
_pdbx_audit_revision_details.details             ? 
# 
loop_
_pdbx_audit_revision_group.ordinal 
_pdbx_audit_revision_group.revision_ordinal 
_pdbx_audit_revision_group.data_content_type 
_pdbx_audit_revision_group.group 
1 2 'Structure model' 'Version format compliance' 
2 3 'Structure model' 'Version format compliance' 
3 4 'Structure model' 'Data collection'           
4 4 'Structure model' 'Database references'       
5 5 'Structure model' 'Refinement description'    
# 
loop_
_pdbx_audit_revision_category.ordinal 
_pdbx_audit_revision_category.revision_ordinal 
_pdbx_audit_revision_category.data_content_type 
_pdbx_audit_revision_category.category 
1 4 'Structure model' chem_comp_atom                
2 4 'Structure model' chem_comp_bond                
3 4 'Structure model' database_2                    
4 5 'Structure model' pdbx_initial_refinement_model 
# 
loop_
_pdbx_audit_revision_item.ordinal 
_pdbx_audit_revision_item.revision_ordinal 
_pdbx_audit_revision_item.data_content_type 
_pdbx_audit_revision_item.item 
1 4 'Structure model' '_database_2.pdbx_DOI'                
2 4 'Structure model' '_database_2.pdbx_database_accession' 
# 
_pdbx_database_status.status_code                     REL 
_pdbx_database_status.entry_id                        1BC7 
_pdbx_database_status.recvd_initial_deposition_date   1998-05-05 
_pdbx_database_status.deposit_site                    BNL 
_pdbx_database_status.process_site                    NDB 
_pdbx_database_status.SG_entry                        . 
_pdbx_database_status.pdb_format_compatible           Y 
_pdbx_database_status.status_code_mr                  ? 
_pdbx_database_status.status_code_sf                  ? 
_pdbx_database_status.status_code_cs                  ? 
_pdbx_database_status.status_code_nmr_data            ? 
_pdbx_database_status.methods_development_category    ? 
# 
loop_
_audit_author.name 
_audit_author.pdbx_ordinal 
'Mo, Y.'          1 
'Vaessen, B.'     2 
'Johnston, K.'    3 
'Marmorstein, R.' 4 
# 
_citation.id                        primary 
_citation.title                     
;Structures of SAP-1 bound to DNA targets from the E74 and c-fos promoters: insights into DNA sequence discrimination by Ets proteins.
;
_citation.journal_abbrev            Mol.Cell 
_citation.journal_volume            2 
_citation.page_first                201 
_citation.page_last                 212 
_citation.year                      1998 
_citation.journal_id_ASTM           MOCEFL 
_citation.country                   US 
_citation.journal_id_ISSN           1097-2765 
_citation.journal_id_CSD            2168 
_citation.book_publisher            ? 
_citation.pdbx_database_id_PubMed   9734357 
_citation.pdbx_database_id_DOI      '10.1016/S1097-2765(00)80130-6' 
# 
loop_
_citation_author.citation_id 
_citation_author.name 
_citation_author.ordinal 
_citation_author.identifier_ORCID 
primary 'Mo, Y.'          1 ? 
primary 'Vaessen, B.'     2 ? 
primary 'Johnston, K.'    3 ? 
primary 'Marmorstein, R.' 4 ? 
# 
loop_
_entity.id 
_entity.type 
_entity.src_method 
_entity.pdbx_description 
_entity.formula_weight 
_entity.pdbx_number_of_molecules 
_entity.pdbx_ec 
_entity.pdbx_mutation 
_entity.pdbx_fragment 
_entity.details 
1 polymer syn 
;DNA (5'-D(*GP*AP*CP*AP*GP*GP*AP*TP*GP*TP*G)-3')
;
3438.259  1   ? ? ?                           ? 
2 polymer syn 
;DNA (5'-D(*CP*AP*CP*AP*TP*CP*CP*TP*GP*TP*C)-3')
;
3269.149  1   ? ? ?                           ? 
3 polymer man 'PROTEIN (ETS-DOMAIN PROTEIN)'                    11219.207 1   ? ? 'ETS DOMAIN, RESIDUES 1-93' ? 
4 water   nat water                                             18.015    137 ? ? ?                           ? 
# 
_entity_name_com.entity_id   3 
_entity_name_com.name        'SAP-1, SERUM RESPONSE FACTOR ACCESSORY PROTEIN 1A, ELK4, SRF ACCESSORY PROTEIN 1' 
# 
loop_
_entity_poly.entity_id 
_entity_poly.type 
_entity_poly.nstd_linkage 
_entity_poly.nstd_monomer 
_entity_poly.pdbx_seq_one_letter_code 
_entity_poly.pdbx_seq_one_letter_code_can 
_entity_poly.pdbx_strand_id 
_entity_poly.pdbx_target_identifier 
1 polydeoxyribonucleotide no no '(DG)(DA)(DC)(DA)(DG)(DG)(DA)(DT)(DG)(DT)(DG)'                                                   
GACAGGATGTG                                                                                      A ? 
2 polydeoxyribonucleotide no no '(DC)(DA)(DC)(DA)(DT)(DC)(DC)(DT)(DG)(DT)(DC)'                                                   
CACATCCTGTC                                                                                      B ? 
3 'polypeptide(L)'        no no 
;MDSAITLWQFLLQLLQKPQNKHMICWTSNDGQFKLLQAEEVARLWGIRKNKPNMNYDKLSRALRYYYVKNIIKKVNGQKF
VYKFVSYPEILNM
;
;MDSAITLWQFLLQLLQKPQNKHMICWTSNDGQFKLLQAEEVARLWGIRKNKPNMNYDKLSRALRYYYVKNIIKKVNGQKF
VYKFVSYPEILNM
;
C ? 
# 
_pdbx_entity_nonpoly.entity_id   4 
_pdbx_entity_nonpoly.name        water 
_pdbx_entity_nonpoly.comp_id     HOH 
# 
loop_
_entity_poly_seq.entity_id 
_entity_poly_seq.num 
_entity_poly_seq.mon_id 
_entity_poly_seq.hetero 
1 1  DG  n 
1 2  DA  n 
1 3  DC  n 
1 4  DA  n 
1 5  DG  n 
1 6  DG  n 
1 7  DA  n 
1 8  DT  n 
1 9  DG  n 
1 10 DT  n 
1 11 DG  n 
2 1  DC  n 
2 2  DA  n 
2 3  DC  n 
2 4  DA  n 
2 5  DT  n 
2 6  DC  n 
2 7  DC  n 
2 8  DT  n 
2 9  DG  n 
2 10 DT  n 
2 11 DC  n 
3 1  MET n 
3 2  ASP n 
3 3  SER n 
3 4  ALA n 
3 5  ILE n 
3 6  THR n 
3 7  LEU n 
3 8  TRP n 
3 9  GLN n 
3 10 PHE n 
3 11 LEU n 
3 12 LEU n 
3 13 GLN n 
3 14 LEU n 
3 15 LEU n 
3 16 GLN n 
3 17 LYS n 
3 18 PRO n 
3 19 GLN n 
3 20 ASN n 
3 21 LYS n 
3 22 HIS n 
3 23 MET n 
3 24 ILE n 
3 25 CYS n 
3 26 TRP n 
3 27 THR n 
3 28 SER n 
3 29 ASN n 
3 30 ASP n 
3 31 GLY n 
3 32 GLN n 
3 33 PHE n 
3 34 LYS n 
3 35 LEU n 
3 36 LEU n 
3 37 GLN n 
3 38 ALA n 
3 39 GLU n 
3 40 GLU n 
3 41 VAL n 
3 42 ALA n 
3 43 ARG n 
3 44 LEU n 
3 45 TRP n 
3 46 GLY n 
3 47 ILE n 
3 48 ARG n 
3 49 LYS n 
3 50 ASN n 
3 51 LYS n 
3 52 PRO n 
3 53 ASN n 
3 54 MET n 
3 55 ASN n 
3 56 TYR n 
3 57 ASP n 
3 58 LYS n 
3 59 LEU n 
3 60 SER n 
3 61 ARG n 
3 62 ALA n 
3 63 LEU n 
3 64 ARG n 
3 65 TYR n 
3 66 TYR n 
3 67 TYR n 
3 68 VAL n 
3 69 LYS n 
3 70 ASN n 
3 71 ILE n 
3 72 ILE n 
3 73 LYS n 
3 74 LYS n 
3 75 VAL n 
3 76 ASN n 
3 77 GLY n 
3 78 GLN n 
3 79 LYS n 
3 80 PHE n 
3 81 VAL n 
3 82 TYR n 
3 83 LYS n 
3 84 PHE n 
3 85 VAL n 
3 86 SER n 
3 87 TYR n 
3 88 PRO n 
3 89 GLU n 
3 90 ILE n 
3 91 LEU n 
3 92 ASN n 
3 93 MET n 
# 
_entity_src_gen.entity_id                          3 
_entity_src_gen.pdbx_src_id                        1 
_entity_src_gen.pdbx_alt_source_flag               sample 
_entity_src_gen.pdbx_seq_type                      ? 
_entity_src_gen.pdbx_beg_seq_num                   ? 
_entity_src_gen.pdbx_end_seq_num                   ? 
_entity_src_gen.gene_src_common_name               human 
_entity_src_gen.gene_src_genus                     Homo 
_entity_src_gen.pdbx_gene_src_gene                 'SAP-1 RESIDUES 1-93' 
_entity_src_gen.gene_src_species                   ? 
_entity_src_gen.gene_src_strain                    ? 
_entity_src_gen.gene_src_tissue                    ? 
_entity_src_gen.gene_src_tissue_fraction           ? 
_entity_src_gen.gene_src_details                   ? 
_entity_src_gen.pdbx_gene_src_fragment             ? 
_entity_src_gen.pdbx_gene_src_scientific_name      'Homo sapiens' 
_entity_src_gen.pdbx_gene_src_ncbi_taxonomy_id     9606 
_entity_src_gen.pdbx_gene_src_variant              ? 
_entity_src_gen.pdbx_gene_src_cell_line            ? 
_entity_src_gen.pdbx_gene_src_atcc                 ? 
_entity_src_gen.pdbx_gene_src_organ                ? 
_entity_src_gen.pdbx_gene_src_organelle            ? 
_entity_src_gen.pdbx_gene_src_cell                 ? 
_entity_src_gen.pdbx_gene_src_cellular_location    NUCLEUS 
_entity_src_gen.host_org_common_name               ? 
_entity_src_gen.pdbx_host_org_scientific_name      'Escherichia coli' 
_entity_src_gen.pdbx_host_org_ncbi_taxonomy_id     562 
_entity_src_gen.host_org_genus                     Escherichia 
_entity_src_gen.pdbx_host_org_gene                 'SAP-1 RESIDUES 1-93' 
_entity_src_gen.pdbx_host_org_organ                ? 
_entity_src_gen.host_org_species                   ? 
_entity_src_gen.pdbx_host_org_tissue               ? 
_entity_src_gen.pdbx_host_org_tissue_fraction      ? 
_entity_src_gen.pdbx_host_org_strain               'BL21 (DE3)' 
_entity_src_gen.pdbx_host_org_variant              LYSS 
_entity_src_gen.pdbx_host_org_cell_line            ? 
_entity_src_gen.pdbx_host_org_atcc                 ? 
_entity_src_gen.pdbx_host_org_culture_collection   ? 
_entity_src_gen.pdbx_host_org_cell                 ? 
_entity_src_gen.pdbx_host_org_organelle            ? 
_entity_src_gen.pdbx_host_org_cellular_location    ? 
_entity_src_gen.pdbx_host_org_vector_type          BACTERIA 
_entity_src_gen.pdbx_host_org_vector               PRSETA 
_entity_src_gen.host_org_details                   ? 
_entity_src_gen.expression_system_id               ? 
_entity_src_gen.plasmid_name                       ? 
_entity_src_gen.plasmid_details                    ? 
_entity_src_gen.pdbx_description                   ? 
# 
loop_
_chem_comp.id 
_chem_comp.type 
_chem_comp.mon_nstd_flag 
_chem_comp.name 
_chem_comp.pdbx_synonyms 
_chem_comp.formula 
_chem_comp.formula_weight 
ALA 'L-peptide linking' y ALANINE                              ? 'C3 H7 N O2'      89.093  
ARG 'L-peptide linking' y ARGININE                             ? 'C6 H15 N4 O2 1'  175.209 
ASN 'L-peptide linking' y ASPARAGINE                           ? 'C4 H8 N2 O3'     132.118 
ASP 'L-peptide linking' y 'ASPARTIC ACID'                      ? 'C4 H7 N O4'      133.103 
CYS 'L-peptide linking' y CYSTEINE                             ? 'C3 H7 N O2 S'    121.158 
DA  'DNA linking'       y "2'-DEOXYADENOSINE-5'-MONOPHOSPHATE" ? 'C10 H14 N5 O6 P' 331.222 
DC  'DNA linking'       y "2'-DEOXYCYTIDINE-5'-MONOPHOSPHATE"  ? 'C9 H14 N3 O7 P'  307.197 
DG  'DNA linking'       y "2'-DEOXYGUANOSINE-5'-MONOPHOSPHATE" ? 'C10 H14 N5 O7 P' 347.221 
DT  'DNA linking'       y "THYMIDINE-5'-MONOPHOSPHATE"         ? 'C10 H15 N2 O8 P' 322.208 
GLN 'L-peptide linking' y GLUTAMINE                            ? 'C5 H10 N2 O3'    146.144 
GLU 'L-peptide linking' y 'GLUTAMIC ACID'                      ? 'C5 H9 N O4'      147.129 
GLY 'peptide linking'   y GLYCINE                              ? 'C2 H5 N O2'      75.067  
HIS 'L-peptide linking' y HISTIDINE                            ? 'C6 H10 N3 O2 1'  156.162 
HOH non-polymer         . WATER                                ? 'H2 O'            18.015  
ILE 'L-peptide linking' y ISOLEUCINE                           ? 'C6 H13 N O2'     131.173 
LEU 'L-peptide linking' y LEUCINE                              ? 'C6 H13 N O2'     131.173 
LYS 'L-peptide linking' y LYSINE                               ? 'C6 H15 N2 O2 1'  147.195 
MET 'L-peptide linking' y METHIONINE                           ? 'C5 H11 N O2 S'   149.211 
PHE 'L-peptide linking' y PHENYLALANINE                        ? 'C9 H11 N O2'     165.189 
PRO 'L-peptide linking' y PROLINE                              ? 'C5 H9 N O2'      115.130 
SER 'L-peptide linking' y SERINE                               ? 'C3 H7 N O3'      105.093 
THR 'L-peptide linking' y THREONINE                            ? 'C4 H9 N O3'      119.119 
TRP 'L-peptide linking' y TRYPTOPHAN                           ? 'C11 H12 N2 O2'   204.225 
TYR 'L-peptide linking' y TYROSINE                             ? 'C9 H11 N O3'     181.189 
VAL 'L-peptide linking' y VALINE                               ? 'C5 H11 N O2'     117.146 
# 
loop_
_pdbx_poly_seq_scheme.asym_id 
_pdbx_poly_seq_scheme.entity_id 
_pdbx_poly_seq_scheme.seq_id 
_pdbx_poly_seq_scheme.mon_id 
_pdbx_poly_seq_scheme.ndb_seq_num 
_pdbx_poly_seq_scheme.pdb_seq_num 
_pdbx_poly_seq_scheme.auth_seq_num 
_pdbx_poly_seq_scheme.pdb_mon_id 
_pdbx_poly_seq_scheme.auth_mon_id 
_pdbx_poly_seq_scheme.pdb_strand_id 
_pdbx_poly_seq_scheme.pdb_ins_code 
_pdbx_poly_seq_scheme.hetero 
A 1 1  DG  1  1  1  DG  G   A . n 
A 1 2  DA  2  2  2  DA  A   A . n 
A 1 3  DC  3  3  3  DC  C   A . n 
A 1 4  DA  4  4  4  DA  A   A . n 
A 1 5  DG  5  5  5  DG  G   A . n 
A 1 6  DG  6  6  6  DG  G   A . n 
A 1 7  DA  7  7  7  DA  A   A . n 
A 1 8  DT  8  8  8  DT  T   A . n 
A 1 9  DG  9  9  9  DG  G   A . n 
A 1 10 DT  10 10 10 DT  T   A . n 
A 1 11 DG  11 11 11 DG  G   A . n 
B 2 1  DC  1  12 12 DC  C   B . n 
B 2 2  DA  2  13 13 DA  A   B . n 
B 2 3  DC  3  14 14 DC  C   B . n 
B 2 4  DA  4  15 15 DA  A   B . n 
B 2 5  DT  5  16 16 DT  T   B . n 
B 2 6  DC  6  17 17 DC  C   B . n 
B 2 7  DC  7  18 18 DC  C   B . n 
B 2 8  DT  8  19 19 DT  T   B . n 
B 2 9  DG  9  20 20 DG  G   B . n 
B 2 10 DT  10 21 21 DT  T   B . n 
B 2 11 DC  11 22 22 DC  C   B . n 
C 3 1  MET 1  1  1  MET MET C . n 
C 3 2  ASP 2  2  2  ASP ASP C . n 
C 3 3  SER 3  3  3  SER SER C . n 
C 3 4  ALA 4  4  4  ALA ALA C . n 
C 3 5  ILE 5  5  5  ILE ILE C . n 
C 3 6  THR 6  6  6  THR THR C . n 
C 3 7  LEU 7  7  7  LEU LEU C . n 
C 3 8  TRP 8  8  8  TRP TRP C . n 
C 3 9  GLN 9  9  9  GLN GLN C . n 
C 3 10 PHE 10 10 10 PHE PHE C . n 
C 3 11 LEU 11 11 11 LEU LEU C . n 
C 3 12 LEU 12 12 12 LEU LEU C . n 
C 3 13 GLN 13 13 13 GLN GLN C . n 
C 3 14 LEU 14 14 14 LEU LEU C . n 
C 3 15 LEU 15 15 15 LEU LEU C . n 
C 3 16 GLN 16 16 16 GLN GLN C . n 
C 3 17 LYS 17 17 17 LYS LYS C . n 
C 3 18 PRO 18 18 18 PRO PRO C . n 
C 3 19 GLN 19 19 19 GLN GLN C . n 
C 3 20 ASN 20 20 20 ASN ASN C . n 
C 3 21 LYS 21 21 21 LYS LYS C . n 
C 3 22 HIS 22 22 22 HIS HIS C . n 
C 3 23 MET 23 23 23 MET MET C . n 
C 3 24 ILE 24 24 24 ILE ILE C . n 
C 3 25 CYS 25 25 25 CYS CYS C . n 
C 3 26 TRP 26 26 26 TRP TRP C . n 
C 3 27 THR 27 27 27 THR THR C . n 
C 3 28 SER 28 28 28 SER SER C . n 
C 3 29 ASN 29 29 29 ASN ASN C . n 
C 3 30 ASP 30 30 30 ASP ASP C . n 
C 3 31 GLY 31 31 31 GLY GLY C . n 
C 3 32 GLN 32 32 32 GLN GLN C . n 
C 3 33 PHE 33 33 33 PHE PHE C . n 
C 3 34 LYS 34 34 34 LYS LYS C . n 
C 3 35 LEU 35 35 35 LEU LEU C . n 
C 3 36 LEU 36 36 36 LEU LEU C . n 
C 3 37 GLN 37 37 37 GLN GLN C . n 
C 3 38 ALA 38 38 38 ALA ALA C . n 
C 3 39 GLU 39 39 39 GLU GLU C . n 
C 3 40 GLU 40 40 40 GLU GLU C . n 
C 3 41 VAL 41 41 41 VAL VAL C . n 
C 3 42 ALA 42 42 42 ALA ALA C . n 
C 3 43 ARG 43 43 43 ARG ARG C . n 
C 3 44 LEU 44 44 44 LEU LEU C . n 
C 3 45 TRP 45 45 45 TRP TRP C . n 
C 3 46 GLY 46 46 46 GLY GLY C . n 
C 3 47 ILE 47 47 47 ILE ILE C . n 
C 3 48 ARG 48 48 48 ARG ARG C . n 
C 3 49 LYS 49 49 49 LYS LYS C . n 
C 3 50 ASN 50 50 50 ASN ASN C . n 
C 3 51 LYS 51 51 51 LYS LYS C . n 
C 3 52 PRO 52 52 52 PRO PRO C . n 
C 3 53 ASN 53 53 53 ASN ASN C . n 
C 3 54 MET 54 54 54 MET MET C . n 
C 3 55 ASN 55 55 55 ASN ASN C . n 
C 3 56 TYR 56 56 56 TYR TYR C . n 
C 3 57 ASP 57 57 57 ASP ASP C . n 
C 3 58 LYS 58 58 58 LYS LYS C . n 
C 3 59 LEU 59 59 59 LEU LEU C . n 
C 3 60 SER 60 60 60 SER SER C . n 
C 3 61 ARG 61 61 61 ARG ARG C . n 
C 3 62 ALA 62 62 62 ALA ALA C . n 
C 3 63 LEU 63 63 63 LEU LEU C . n 
C 3 64 ARG 64 64 64 ARG ARG C . n 
C 3 65 TYR 65 65 65 TYR TYR C . n 
C 3 66 TYR 66 66 66 TYR TYR C . n 
C 3 67 TYR 67 67 67 TYR TYR C . n 
C 3 68 VAL 68 68 68 VAL VAL C . n 
C 3 69 LYS 69 69 69 LYS LYS C . n 
C 3 70 ASN 70 70 70 ASN ASN C . n 
C 3 71 ILE 71 71 71 ILE ILE C . n 
C 3 72 ILE 72 72 72 ILE ILE C . n 
C 3 73 LYS 73 73 73 LYS LYS C . n 
C 3 74 LYS 74 74 74 LYS LYS C . n 
C 3 75 VAL 75 75 75 VAL VAL C . n 
C 3 76 ASN 76 76 76 ASN ASN C . n 
C 3 77 GLY 77 77 77 GLY GLY C . n 
C 3 78 GLN 78 78 78 GLN GLN C . n 
C 3 79 LYS 79 79 79 LYS LYS C . n 
C 3 80 PHE 80 80 80 PHE PHE C . n 
C 3 81 VAL 81 81 81 VAL VAL C . n 
C 3 82 TYR 82 82 82 TYR TYR C . n 
C 3 83 LYS 83 83 83 LYS LYS C . n 
C 3 84 PHE 84 84 84 PHE PHE C . n 
C 3 85 VAL 85 85 85 VAL VAL C . n 
C 3 86 SER 86 86 86 SER SER C . n 
C 3 87 TYR 87 87 87 TYR TYR C . n 
C 3 88 PRO 88 88 88 PRO PRO C . n 
C 3 89 GLU 89 89 89 GLU GLU C . n 
C 3 90 ILE 90 90 90 ILE ILE C . n 
C 3 91 LEU 91 91 91 LEU LEU C . n 
C 3 92 ASN 92 92 92 ASN ASN C . n 
C 3 93 MET 93 93 93 MET MET C . n 
# 
loop_
_pdbx_nonpoly_scheme.asym_id 
_pdbx_nonpoly_scheme.entity_id 
_pdbx_nonpoly_scheme.mon_id 
_pdbx_nonpoly_scheme.ndb_seq_num 
_pdbx_nonpoly_scheme.pdb_seq_num 
_pdbx_nonpoly_scheme.auth_seq_num 
_pdbx_nonpoly_scheme.pdb_mon_id 
_pdbx_nonpoly_scheme.auth_mon_id 
_pdbx_nonpoly_scheme.pdb_strand_id 
_pdbx_nonpoly_scheme.pdb_ins_code 
D 4 HOH 1  15  15  HOH HOH A . 
D 4 HOH 2  16  16  HOH HOH A . 
D 4 HOH 3  18  18  HOH HOH A . 
D 4 HOH 4  19  19  HOH HOH A . 
D 4 HOH 5  20  20  HOH HOH A . 
D 4 HOH 6  32  32  HOH HOH A . 
D 4 HOH 7  46  46  HOH HOH A . 
D 4 HOH 8  49  49  HOH HOH A . 
D 4 HOH 9  50  50  HOH HOH A . 
D 4 HOH 10 51  51  HOH HOH A . 
D 4 HOH 11 54  54  HOH HOH A . 
D 4 HOH 12 55  55  HOH HOH A . 
D 4 HOH 13 56  56  HOH HOH A . 
D 4 HOH 14 60  60  HOH HOH A . 
D 4 HOH 15 62  62  HOH HOH A . 
D 4 HOH 16 63  63  HOH HOH A . 
D 4 HOH 17 74  74  HOH HOH A . 
D 4 HOH 18 75  75  HOH HOH A . 
D 4 HOH 19 76  76  HOH HOH A . 
D 4 HOH 20 77  77  HOH HOH A . 
D 4 HOH 21 78  78  HOH HOH A . 
D 4 HOH 22 80  80  HOH HOH A . 
D 4 HOH 23 89  89  HOH HOH A . 
D 4 HOH 24 90  90  HOH HOH A . 
D 4 HOH 25 91  91  HOH HOH A . 
D 4 HOH 26 92  92  HOH HOH A . 
D 4 HOH 27 93  93  HOH HOH A . 
D 4 HOH 28 94  94  HOH HOH A . 
D 4 HOH 29 95  95  HOH HOH A . 
D 4 HOH 30 111 111 HOH HOH A . 
D 4 HOH 31 113 113 HOH HOH A . 
D 4 HOH 32 116 116 HOH HOH A . 
D 4 HOH 33 117 117 HOH HOH A . 
D 4 HOH 34 118 118 HOH HOH A . 
D 4 HOH 35 126 126 HOH HOH A . 
D 4 HOH 36 127 127 HOH HOH A . 
D 4 HOH 37 129 129 HOH HOH A . 
D 4 HOH 38 131 131 HOH HOH A . 
D 4 HOH 39 136 136 HOH HOH A . 
E 4 HOH 1  23  3   HOH HOH B . 
E 4 HOH 2  24  4   HOH HOH B . 
E 4 HOH 3  25  5   HOH HOH B . 
E 4 HOH 4  26  6   HOH HOH B . 
E 4 HOH 5  27  13  HOH HOH B . 
E 4 HOH 6  28  14  HOH HOH B . 
E 4 HOH 7  29  27  HOH HOH B . 
E 4 HOH 8  30  33  HOH HOH B . 
E 4 HOH 9  31  61  HOH HOH B . 
E 4 HOH 10 32  64  HOH HOH B . 
E 4 HOH 11 33  66  HOH HOH B . 
E 4 HOH 12 34  67  HOH HOH B . 
E 4 HOH 13 35  68  HOH HOH B . 
E 4 HOH 14 36  69  HOH HOH B . 
E 4 HOH 15 37  79  HOH HOH B . 
E 4 HOH 16 38  84  HOH HOH B . 
E 4 HOH 17 39  86  HOH HOH B . 
E 4 HOH 18 40  87  HOH HOH B . 
E 4 HOH 19 41  88  HOH HOH B . 
E 4 HOH 20 42  96  HOH HOH B . 
E 4 HOH 21 43  103 HOH HOH B . 
E 4 HOH 22 44  105 HOH HOH B . 
E 4 HOH 23 45  115 HOH HOH B . 
F 4 HOH 1  94  1   HOH HOH C . 
F 4 HOH 2  95  2   HOH HOH C . 
F 4 HOH 3  96  7   HOH HOH C . 
F 4 HOH 4  97  8   HOH HOH C . 
F 4 HOH 5  98  9   HOH HOH C . 
F 4 HOH 6  99  10  HOH HOH C . 
F 4 HOH 7  100 11  HOH HOH C . 
F 4 HOH 8  101 12  HOH HOH C . 
F 4 HOH 9  102 17  HOH HOH C . 
F 4 HOH 10 103 21  HOH HOH C . 
F 4 HOH 11 104 22  HOH HOH C . 
F 4 HOH 12 105 23  HOH HOH C . 
F 4 HOH 13 106 24  HOH HOH C . 
F 4 HOH 14 107 25  HOH HOH C . 
F 4 HOH 15 108 26  HOH HOH C . 
F 4 HOH 16 109 28  HOH HOH C . 
F 4 HOH 17 110 29  HOH HOH C . 
F 4 HOH 18 111 30  HOH HOH C . 
F 4 HOH 19 112 31  HOH HOH C . 
F 4 HOH 20 113 34  HOH HOH C . 
F 4 HOH 21 114 35  HOH HOH C . 
F 4 HOH 22 115 36  HOH HOH C . 
F 4 HOH 23 116 37  HOH HOH C . 
F 4 HOH 24 117 38  HOH HOH C . 
F 4 HOH 25 118 39  HOH HOH C . 
F 4 HOH 26 119 40  HOH HOH C . 
F 4 HOH 27 120 41  HOH HOH C . 
F 4 HOH 28 121 42  HOH HOH C . 
F 4 HOH 29 122 43  HOH HOH C . 
F 4 HOH 30 123 44  HOH HOH C . 
F 4 HOH 31 124 45  HOH HOH C . 
F 4 HOH 32 125 47  HOH HOH C . 
F 4 HOH 33 126 48  HOH HOH C . 
F 4 HOH 34 127 52  HOH HOH C . 
F 4 HOH 35 128 53  HOH HOH C . 
F 4 HOH 36 129 57  HOH HOH C . 
F 4 HOH 37 130 58  HOH HOH C . 
F 4 HOH 38 131 59  HOH HOH C . 
F 4 HOH 39 132 65  HOH HOH C . 
F 4 HOH 40 133 70  HOH HOH C . 
F 4 HOH 41 134 71  HOH HOH C . 
F 4 HOH 42 135 72  HOH HOH C . 
F 4 HOH 43 136 73  HOH HOH C . 
F 4 HOH 44 137 81  HOH HOH C . 
F 4 HOH 45 138 82  HOH HOH C . 
F 4 HOH 46 139 83  HOH HOH C . 
F 4 HOH 47 140 85  HOH HOH C . 
F 4 HOH 48 141 97  HOH HOH C . 
F 4 HOH 49 142 98  HOH HOH C . 
F 4 HOH 50 143 99  HOH HOH C . 
F 4 HOH 51 144 100 HOH HOH C . 
F 4 HOH 52 145 101 HOH HOH C . 
F 4 HOH 53 146 102 HOH HOH C . 
F 4 HOH 54 147 104 HOH HOH C . 
F 4 HOH 55 148 106 HOH HOH C . 
F 4 HOH 56 149 107 HOH HOH C . 
F 4 HOH 57 150 108 HOH HOH C . 
F 4 HOH 58 151 109 HOH HOH C . 
F 4 HOH 59 152 110 HOH HOH C . 
F 4 HOH 60 153 112 HOH HOH C . 
F 4 HOH 61 154 114 HOH HOH C . 
F 4 HOH 62 155 119 HOH HOH C . 
F 4 HOH 63 156 120 HOH HOH C . 
F 4 HOH 64 157 121 HOH HOH C . 
F 4 HOH 65 158 122 HOH HOH C . 
F 4 HOH 66 159 123 HOH HOH C . 
F 4 HOH 67 160 124 HOH HOH C . 
F 4 HOH 68 161 125 HOH HOH C . 
F 4 HOH 69 162 128 HOH HOH C . 
F 4 HOH 70 163 130 HOH HOH C . 
F 4 HOH 71 164 132 HOH HOH C . 
F 4 HOH 72 165 133 HOH HOH C . 
F 4 HOH 73 166 134 HOH HOH C . 
F 4 HOH 74 167 135 HOH HOH C . 
F 4 HOH 75 168 137 HOH HOH C . 
# 
loop_
_software.name 
_software.classification 
_software.version 
_software.citation_id 
_software.pdbx_ordinal 
AMoRE     phasing          .     ? 1 
X-PLOR    refinement       3.851 ? 2 
DENZO     'data reduction' .     ? 3 
SCALEPACK 'data scaling'   .     ? 4 
# 
_cell.entry_id           1BC7 
_cell.length_a           34.503 
_cell.length_b           62.306 
_cell.length_c           38.865 
_cell.angle_alpha        90.00 
_cell.angle_beta         107.17 
_cell.angle_gamma        90.00 
_cell.Z_PDB              2 
_cell.pdbx_unique_axis   ? 
# 
_symmetry.entry_id                         1BC7 
_symmetry.space_group_name_H-M             'P 1 21 1' 
_symmetry.pdbx_full_space_group_name_H-M   ? 
_symmetry.cell_setting                     monoclinic 
_symmetry.Int_Tables_number                4 
# 
_exptl.entry_id          1BC7 
_exptl.method            'X-RAY DIFFRACTION' 
_exptl.crystals_number   1 
# 
_exptl_crystal.id                    1 
_exptl_crystal.density_meas          ? 
_exptl_crystal.density_Matthews      2.22 
_exptl_crystal.density_percent_sol   44.6 
_exptl_crystal.description           'WITH ALTERED DNA BASE PAIRS APPROPRIATELY MODIFIED' 
# 
_exptl_crystal_grow.crystal_id      1 
_exptl_crystal_grow.method          ? 
_exptl_crystal_grow.temp            ? 
_exptl_crystal_grow.temp_details    ? 
_exptl_crystal_grow.pH              5.8 
_exptl_crystal_grow.pdbx_details    'pH 5.8' 
_exptl_crystal_grow.pdbx_pH_range   ? 
# 
loop_
_exptl_crystal_grow_comp.crystal_id 
_exptl_crystal_grow_comp.id 
_exptl_crystal_grow_comp.sol_id 
_exptl_crystal_grow_comp.name 
_exptl_crystal_grow_comp.volume 
_exptl_crystal_grow_comp.conc 
_exptl_crystal_grow_comp.details 
1 1 1 'SODIUM CACODYLATE' ? ? ? 
1 2 1 'PEG 8000'          ? ? ? 
1 3 1 '(NH4)2SO4'         ? ? ? 
1 4 1 NACL                ? ? ? 
1 5 1 MGCL2               ? ? ? 
1 6 2 'PEG 8000'          ? ? ? 
# 
_diffrn.id                     1 
_diffrn.ambient_temp           110 
_diffrn.ambient_temp_details   ? 
_diffrn.crystal_id             1 
# 
_diffrn_detector.diffrn_id              1 
_diffrn_detector.detector               'IMAGE PLATE' 
_diffrn_detector.type                   MARRESEARCH 
_diffrn_detector.pdbx_collection_date   1997-10-15 
_diffrn_detector.details                MIRRORS 
# 
_diffrn_radiation.diffrn_id                        1 
_diffrn_radiation.wavelength_id                    1 
_diffrn_radiation.pdbx_monochromatic_or_laue_m_l   M 
_diffrn_radiation.monochromator                    'NI FILTER' 
_diffrn_radiation.pdbx_diffrn_protocol             'SINGLE WAVELENGTH' 
_diffrn_radiation.pdbx_scattering_type             x-ray 
# 
_diffrn_radiation_wavelength.id           1 
_diffrn_radiation_wavelength.wavelength   1.5418 
_diffrn_radiation_wavelength.wt           1.0 
# 
_diffrn_source.diffrn_id                   1 
_diffrn_source.source                      'ROTATING ANODE' 
_diffrn_source.type                        'RIGAKU RU200' 
_diffrn_source.pdbx_synchrotron_site       ? 
_diffrn_source.pdbx_synchrotron_beamline   ? 
_diffrn_source.pdbx_wavelength             1.5418 
_diffrn_source.pdbx_wavelength_list        ? 
# 
_reflns.entry_id                     1BC7 
_reflns.observed_criterion_sigma_I   ? 
_reflns.observed_criterion_sigma_F   ? 
_reflns.d_resolution_low             21.4 
_reflns.d_resolution_high            2.01 
_reflns.number_obs                   10425 
_reflns.number_all                   10425 
_reflns.percent_possible_obs         98.9 
_reflns.pdbx_Rmerge_I_obs            0.0410000 
_reflns.pdbx_Rsym_value              ? 
_reflns.pdbx_netI_over_sigmaI        21.8 
_reflns.B_iso_Wilson_estimate        15.7 
_reflns.pdbx_redundancy              2.8 
_reflns.R_free_details               ? 
_reflns.pdbx_diffrn_id               1 
_reflns.pdbx_ordinal                 1 
# 
_reflns_shell.d_res_high             2.01 
_reflns_shell.d_res_low              2.10 
_reflns_shell.percent_possible_all   94.0 
_reflns_shell.Rmerge_I_obs           0.1420000 
_reflns_shell.pdbx_Rsym_value        ? 
_reflns_shell.meanI_over_sigI_obs    ? 
_reflns_shell.pdbx_redundancy        ? 
_reflns_shell.percent_possible_obs   ? 
_reflns_shell.number_unique_all      ? 
_reflns_shell.pdbx_diffrn_id         ? 
_reflns_shell.pdbx_ordinal           1 
# 
_refine.entry_id                                 1BC7 
_refine.ls_number_reflns_obs                     10370 
_refine.ls_number_reflns_all                     ? 
_refine.pdbx_ls_sigma_I                          ? 
_refine.pdbx_ls_sigma_F                          2.0 
_refine.pdbx_data_cutoff_high_absF               1000000.00 
_refine.pdbx_data_cutoff_low_absF                0.001 
_refine.ls_d_res_low                             21.4 
_refine.ls_d_res_high                            2.01 
_refine.ls_percent_reflns_obs                    98.4 
_refine.ls_R_factor_obs                          ? 
_refine.ls_R_factor_all                          ? 
_refine.ls_R_factor_R_work                       0.2220000 
_refine.ls_R_factor_R_free                       0.2860000 
_refine.ls_R_factor_R_free_error                 ? 
_refine.ls_R_factor_R_free_error_details         ? 
_refine.ls_percent_reflns_R_free                 10.4 
_refine.ls_number_reflns_R_free                  ? 
_refine.ls_number_parameters                     ? 
_refine.ls_number_restraints                     ? 
_refine.occupancy_min                            ? 
_refine.occupancy_max                            ? 
_refine.B_iso_mean                               21.6 
_refine.aniso_B[1][1]                            ? 
_refine.aniso_B[2][2]                            ? 
_refine.aniso_B[3][3]                            ? 
_refine.aniso_B[1][2]                            ? 
_refine.aniso_B[1][3]                            ? 
_refine.aniso_B[2][3]                            ? 
_refine.solvent_model_details                    ? 
_refine.solvent_model_param_ksol                 ? 
_refine.solvent_model_param_bsol                 ? 
_refine.pdbx_ls_cross_valid_method               THROUGHOUT 
_refine.details                                  ? 
_refine.pdbx_starting_model                      'SAP-1/E74(DNA) COMPLEX' 
_refine.pdbx_method_to_determine_struct          'MOLECULAR REPLACEMENT' 
_refine.pdbx_isotropic_thermal_model             RESTRAINED 
_refine.pdbx_stereochemistry_target_values       ? 
_refine.pdbx_stereochem_target_val_spec_case     ? 
_refine.pdbx_R_Free_selection_details            RANDOM 
_refine.pdbx_overall_ESU_R_Free                  ? 
_refine.overall_SU_B                             ? 
_refine.ls_redundancy_reflns_obs                 ? 
_refine.overall_SU_ML                            ? 
_refine.pdbx_overall_ESU_R                       ? 
_refine.pdbx_data_cutoff_high_rms_absF           ? 
_refine.pdbx_refine_id                           'X-RAY DIFFRACTION' 
_refine.pdbx_diffrn_id                           1 
_refine.pdbx_TLS_residual_ADP_flag               ? 
_refine.correlation_coeff_Fo_to_Fc               ? 
_refine.correlation_coeff_Fo_to_Fc_free          ? 
_refine.pdbx_solvent_vdw_probe_radii             ? 
_refine.pdbx_solvent_ion_probe_radii             ? 
_refine.pdbx_solvent_shrinkage_radii             ? 
_refine.pdbx_overall_phase_error                 ? 
_refine.overall_SU_R_Cruickshank_DPI             ? 
_refine.pdbx_overall_SU_R_free_Cruickshank_DPI   ? 
_refine.pdbx_overall_SU_R_Blow_DPI               ? 
_refine.pdbx_overall_SU_R_free_Blow_DPI          ? 
# 
_refine_analyze.entry_id                        1BC7 
_refine_analyze.Luzzati_coordinate_error_obs    0.27 
_refine_analyze.Luzzati_sigma_a_obs             0.31 
_refine_analyze.Luzzati_d_res_low_obs           5.00 
_refine_analyze.Luzzati_coordinate_error_free   0.34 
_refine_analyze.Luzzati_sigma_a_free            0.31 
_refine_analyze.Luzzati_d_res_low_free          ? 
_refine_analyze.number_disordered_residues      ? 
_refine_analyze.occupancy_sum_hydrogen          ? 
_refine_analyze.occupancy_sum_non_hydrogen      ? 
_refine_analyze.pdbx_refine_id                  'X-RAY DIFFRACTION' 
# 
_refine_hist.pdbx_refine_id                   'X-RAY DIFFRACTION' 
_refine_hist.cycle_id                         LAST 
_refine_hist.pdbx_number_atoms_protein        790 
_refine_hist.pdbx_number_atoms_nucleic_acid   445 
_refine_hist.pdbx_number_atoms_ligand         0 
_refine_hist.number_atoms_solvent             137 
_refine_hist.number_atoms_total               1372 
_refine_hist.d_res_high                       2.01 
_refine_hist.d_res_low                        21.4 
# 
loop_
_refine_ls_restr.type 
_refine_ls_restr.dev_ideal 
_refine_ls_restr.dev_ideal_target 
_refine_ls_restr.weight 
_refine_ls_restr.number 
_refine_ls_restr.pdbx_refine_id 
_refine_ls_restr.pdbx_restraint_function 
x_bond_d                0.007 ? ? ? 'X-RAY DIFFRACTION' ? 
x_bond_d_na             ?     ? ? ? 'X-RAY DIFFRACTION' ? 
x_bond_d_prot           ?     ? ? ? 'X-RAY DIFFRACTION' ? 
x_angle_d               ?     ? ? ? 'X-RAY DIFFRACTION' ? 
x_angle_d_na            ?     ? ? ? 'X-RAY DIFFRACTION' ? 
x_angle_d_prot          ?     ? ? ? 'X-RAY DIFFRACTION' ? 
x_angle_deg             1.17  ? ? ? 'X-RAY DIFFRACTION' ? 
x_angle_deg_na          ?     ? ? ? 'X-RAY DIFFRACTION' ? 
x_angle_deg_prot        ?     ? ? ? 'X-RAY DIFFRACTION' ? 
x_dihedral_angle_d      22.6  ? ? ? 'X-RAY DIFFRACTION' ? 
x_dihedral_angle_d_na   ?     ? ? ? 'X-RAY DIFFRACTION' ? 
x_dihedral_angle_d_prot ?     ? ? ? 'X-RAY DIFFRACTION' ? 
x_improper_angle_d      1.05  ? ? ? 'X-RAY DIFFRACTION' ? 
x_improper_angle_d_na   ?     ? ? ? 'X-RAY DIFFRACTION' ? 
x_improper_angle_d_prot ?     ? ? ? 'X-RAY DIFFRACTION' ? 
x_mcbond_it             ?     ? ? ? 'X-RAY DIFFRACTION' ? 
x_mcangle_it            ?     ? ? ? 'X-RAY DIFFRACTION' ? 
x_scbond_it             ?     ? ? ? 'X-RAY DIFFRACTION' ? 
x_scangle_it            ?     ? ? ? 'X-RAY DIFFRACTION' ? 
# 
_refine_ls_shell.pdbx_total_number_of_bins_used   8 
_refine_ls_shell.d_res_high                       2.01 
_refine_ls_shell.d_res_low                        2.10 
_refine_ls_shell.number_reflns_R_work             1103 
_refine_ls_shell.R_factor_R_work                  0.3387000 
_refine_ls_shell.percent_reflns_obs               93.2 
_refine_ls_shell.R_factor_R_free                  0.3680000 
_refine_ls_shell.R_factor_R_free_error            ? 
_refine_ls_shell.percent_reflns_R_free            9.2 
_refine_ls_shell.number_reflns_R_free             ? 
_refine_ls_shell.redundancy_reflns_obs            ? 
_refine_ls_shell.pdbx_refine_id                   'X-RAY DIFFRACTION' 
_refine_ls_shell.number_reflns_all                ? 
_refine_ls_shell.R_factor_all                     ? 
# 
loop_
_pdbx_xplor_file.serial_no 
_pdbx_xplor_file.param_file 
_pdbx_xplor_file.topol_file 
_pdbx_xplor_file.pdbx_refine_id 
1 PROTEIN_REP.PARAM TOPHCSDX.PRO 'X-RAY DIFFRACTION' 
2 DNA-RNA.PARAM     DNA-RNA.TOP  'X-RAY DIFFRACTION' 
3 ?                 TOPH11.WAT   'X-RAY DIFFRACTION' 
# 
_struct.entry_id                  1BC7 
_struct.title                     'SERUM RESPONSE FACTOR ACCESSORY PROTEIN 1A (SAP-1)/DNA COMPLEX' 
_struct.pdbx_model_details        ? 
_struct.pdbx_CASP_flag            ? 
_struct.pdbx_model_type_details   ? 
# 
_struct_keywords.entry_id        1BC7 
_struct_keywords.pdbx_keywords   TRANSCRIPTION/DNA 
_struct_keywords.text            
;ETS DOMAIN, DNA-BINDING DOMAIN, WINGED HELIX-TURN-HELIX, DNA-BINDING SPECIFICITY, COMPLEX (DNA-BINDING PROTEIN-DNA), TRANSCRIPTION-DNA COMPLEX
;
# 
loop_
_struct_asym.id 
_struct_asym.pdbx_blank_PDB_chainid_flag 
_struct_asym.pdbx_modified 
_struct_asym.entity_id 
_struct_asym.details 
A N N 1 ? 
B N N 2 ? 
C N N 3 ? 
D N N 4 ? 
E N N 4 ? 
F N N 4 ? 
# 
loop_
_struct_ref.id 
_struct_ref.db_name 
_struct_ref.db_code 
_struct_ref.entity_id 
_struct_ref.pdbx_db_accession 
_struct_ref.pdbx_align_begin 
_struct_ref.pdbx_seq_one_letter_code 
_struct_ref.pdbx_db_isoform 
1 UNP ELK4_HUMAN 3 P28324 ? ? ? 
2 PDB 1BC7       1 1BC7   ? ? ? 
3 PDB 1BC7       2 1BC7   ? ? ? 
# 
loop_
_struct_ref_seq.align_id 
_struct_ref_seq.ref_id 
_struct_ref_seq.pdbx_PDB_id_code 
_struct_ref_seq.pdbx_strand_id 
_struct_ref_seq.seq_align_beg 
_struct_ref_seq.pdbx_seq_align_beg_ins_code 
_struct_ref_seq.seq_align_end 
_struct_ref_seq.pdbx_seq_align_end_ins_code 
_struct_ref_seq.pdbx_db_accession 
_struct_ref_seq.db_align_beg 
_struct_ref_seq.pdbx_db_align_beg_ins_code 
_struct_ref_seq.db_align_end 
_struct_ref_seq.pdbx_db_align_end_ins_code 
_struct_ref_seq.pdbx_auth_seq_align_beg 
_struct_ref_seq.pdbx_auth_seq_align_end 
1 1 1BC7 C 1 ? 93 ? P28324 1  ? 93 ? 1  93 
2 2 1BC7 A 1 ? 11 ? 1BC7   1  ? 11 ? 1  11 
3 3 1BC7 B 1 ? 11 ? 1BC7   12 ? 22 ? 12 22 
# 
_pdbx_struct_assembly.id                   1 
_pdbx_struct_assembly.details              author_defined_assembly 
_pdbx_struct_assembly.method_details       ? 
_pdbx_struct_assembly.oligomeric_details   trimeric 
_pdbx_struct_assembly.oligomeric_count     3 
# 
_pdbx_struct_assembly_gen.assembly_id       1 
_pdbx_struct_assembly_gen.oper_expression   1 
_pdbx_struct_assembly_gen.asym_id_list      A,B,C,D,E,F 
# 
_pdbx_struct_oper_list.id                   1 
_pdbx_struct_oper_list.type                 'identity operation' 
_pdbx_struct_oper_list.name                 1_555 
_pdbx_struct_oper_list.symmetry_operation   x,y,z 
_pdbx_struct_oper_list.matrix[1][1]         1.0000000000 
_pdbx_struct_oper_list.matrix[1][2]         0.0000000000 
_pdbx_struct_oper_list.matrix[1][3]         0.0000000000 
_pdbx_struct_oper_list.vector[1]            0.0000000000 
_pdbx_struct_oper_list.matrix[2][1]         0.0000000000 
_pdbx_struct_oper_list.matrix[2][2]         1.0000000000 
_pdbx_struct_oper_list.matrix[2][3]         0.0000000000 
_pdbx_struct_oper_list.vector[2]            0.0000000000 
_pdbx_struct_oper_list.matrix[3][1]         0.0000000000 
_pdbx_struct_oper_list.matrix[3][2]         0.0000000000 
_pdbx_struct_oper_list.matrix[3][3]         1.0000000000 
_pdbx_struct_oper_list.vector[3]            0.0000000000 
# 
_struct_biol.id   1 
# 
loop_
_struct_conf.conf_type_id 
_struct_conf.id 
_struct_conf.pdbx_PDB_helix_id 
_struct_conf.beg_label_comp_id 
_struct_conf.beg_label_asym_id 
_struct_conf.beg_label_seq_id 
_struct_conf.pdbx_beg_PDB_ins_code 
_struct_conf.end_label_comp_id 
_struct_conf.end_label_asym_id 
_struct_conf.end_label_seq_id 
_struct_conf.pdbx_end_PDB_ins_code 
_struct_conf.beg_auth_comp_id 
_struct_conf.beg_auth_asym_id 
_struct_conf.beg_auth_seq_id 
_struct_conf.end_auth_comp_id 
_struct_conf.end_auth_asym_id 
_struct_conf.end_auth_seq_id 
_struct_conf.pdbx_PDB_helix_class 
_struct_conf.details 
_struct_conf.pdbx_PDB_helix_length 
HELX_P HELX_P1 H1  THR C 6  ? LYS C 17 ? THR C 6  LYS C 17 1 ? 12 
HELX_P HELX_P2 H2  GLN C 37 ? ASN C 50 ? GLN C 37 ASN C 50 1 ? 14 
HELX_P HELX_P3 H3  ASN C 55 ? ASN C 70 ? ASN C 55 ASN C 70 1 ? 16 
HELX_P HELX_P4 3-1 PRO C 18 ? LYS C 21 ? PRO C 18 LYS C 21 5 ? 4  
# 
_struct_conf_type.id          HELX_P 
_struct_conf_type.criteria    ? 
_struct_conf_type.reference   ? 
# 
loop_
_struct_conn.id 
_struct_conn.conn_type_id 
_struct_conn.pdbx_leaving_atom_flag 
_struct_conn.pdbx_PDB_id 
_struct_conn.ptnr1_label_asym_id 
_struct_conn.ptnr1_label_comp_id 
_struct_conn.ptnr1_label_seq_id 
_struct_conn.ptnr1_label_atom_id 
_struct_conn.pdbx_ptnr1_label_alt_id 
_struct_conn.pdbx_ptnr1_PDB_ins_code 
_struct_conn.pdbx_ptnr1_standard_comp_id 
_struct_conn.ptnr1_symmetry 
_struct_conn.ptnr2_label_asym_id 
_struct_conn.ptnr2_label_comp_id 
_struct_conn.ptnr2_label_seq_id 
_struct_conn.ptnr2_label_atom_id 
_struct_conn.pdbx_ptnr2_label_alt_id 
_struct_conn.pdbx_ptnr2_PDB_ins_code 
_struct_conn.ptnr1_auth_asym_id 
_struct_conn.ptnr1_auth_comp_id 
_struct_conn.ptnr1_auth_seq_id 
_struct_conn.ptnr2_auth_asym_id 
_struct_conn.ptnr2_auth_comp_id 
_struct_conn.ptnr2_auth_seq_id 
_struct_conn.ptnr2_symmetry 
_struct_conn.pdbx_ptnr3_label_atom_id 
_struct_conn.pdbx_ptnr3_label_seq_id 
_struct_conn.pdbx_ptnr3_label_comp_id 
_struct_conn.pdbx_ptnr3_label_asym_id 
_struct_conn.pdbx_ptnr3_label_alt_id 
_struct_conn.pdbx_ptnr3_PDB_ins_code 
_struct_conn.details 
_struct_conn.pdbx_dist_value 
_struct_conn.pdbx_value_order 
_struct_conn.pdbx_role 
hydrog1  hydrog ? ? A DG 1  N1 ? ? ? 1_555 B DC 11 N3 ? ? A DG 1  B DC 22 1_555 ? ? ? ? ? ? WATSON-CRICK ? ? ? 
hydrog2  hydrog ? ? A DG 1  N2 ? ? ? 1_555 B DC 11 O2 ? ? A DG 1  B DC 22 1_555 ? ? ? ? ? ? WATSON-CRICK ? ? ? 
hydrog3  hydrog ? ? A DG 1  O6 ? ? ? 1_555 B DC 11 N4 ? ? A DG 1  B DC 22 1_555 ? ? ? ? ? ? WATSON-CRICK ? ? ? 
hydrog4  hydrog ? ? A DA 2  N1 ? ? ? 1_555 B DT 10 N3 ? ? A DA 2  B DT 21 1_555 ? ? ? ? ? ? WATSON-CRICK ? ? ? 
hydrog5  hydrog ? ? A DA 2  N6 ? ? ? 1_555 B DT 10 O4 ? ? A DA 2  B DT 21 1_555 ? ? ? ? ? ? WATSON-CRICK ? ? ? 
hydrog6  hydrog ? ? A DC 3  N3 ? ? ? 1_555 B DG 9  N1 ? ? A DC 3  B DG 20 1_555 ? ? ? ? ? ? WATSON-CRICK ? ? ? 
hydrog7  hydrog ? ? A DC 3  N4 ? ? ? 1_555 B DG 9  O6 ? ? A DC 3  B DG 20 1_555 ? ? ? ? ? ? WATSON-CRICK ? ? ? 
hydrog8  hydrog ? ? A DC 3  O2 ? ? ? 1_555 B DG 9  N2 ? ? A DC 3  B DG 20 1_555 ? ? ? ? ? ? WATSON-CRICK ? ? ? 
hydrog9  hydrog ? ? A DA 4  N1 ? ? ? 1_555 B DT 8  N3 ? ? A DA 4  B DT 19 1_555 ? ? ? ? ? ? WATSON-CRICK ? ? ? 
hydrog10 hydrog ? ? A DA 4  N6 ? ? ? 1_555 B DT 8  O4 ? ? A DA 4  B DT 19 1_555 ? ? ? ? ? ? WATSON-CRICK ? ? ? 
hydrog11 hydrog ? ? A DG 5  N1 ? ? ? 1_555 B DC 7  N3 ? ? A DG 5  B DC 18 1_555 ? ? ? ? ? ? WATSON-CRICK ? ? ? 
hydrog12 hydrog ? ? A DG 5  N2 ? ? ? 1_555 B DC 7  O2 ? ? A DG 5  B DC 18 1_555 ? ? ? ? ? ? WATSON-CRICK ? ? ? 
hydrog13 hydrog ? ? A DG 5  O6 ? ? ? 1_555 B DC 7  N4 ? ? A DG 5  B DC 18 1_555 ? ? ? ? ? ? WATSON-CRICK ? ? ? 
hydrog14 hydrog ? ? A DG 6  N1 ? ? ? 1_555 B DC 6  N3 ? ? A DG 6  B DC 17 1_555 ? ? ? ? ? ? WATSON-CRICK ? ? ? 
hydrog15 hydrog ? ? A DG 6  N2 ? ? ? 1_555 B DC 6  O2 ? ? A DG 6  B DC 17 1_555 ? ? ? ? ? ? WATSON-CRICK ? ? ? 
hydrog16 hydrog ? ? A DG 6  O6 ? ? ? 1_555 B DC 6  N4 ? ? A DG 6  B DC 17 1_555 ? ? ? ? ? ? WATSON-CRICK ? ? ? 
hydrog17 hydrog ? ? A DA 7  N1 ? ? ? 1_555 B DT 5  N3 ? ? A DA 7  B DT 16 1_555 ? ? ? ? ? ? WATSON-CRICK ? ? ? 
hydrog18 hydrog ? ? A DA 7  N6 ? ? ? 1_555 B DT 5  O4 ? ? A DA 7  B DT 16 1_555 ? ? ? ? ? ? WATSON-CRICK ? ? ? 
hydrog19 hydrog ? ? A DT 8  N3 ? ? ? 1_555 B DA 4  N1 ? ? A DT 8  B DA 15 1_555 ? ? ? ? ? ? WATSON-CRICK ? ? ? 
hydrog20 hydrog ? ? A DT 8  O4 ? ? ? 1_555 B DA 4  N6 ? ? A DT 8  B DA 15 1_555 ? ? ? ? ? ? WATSON-CRICK ? ? ? 
hydrog21 hydrog ? ? A DG 9  N1 ? ? ? 1_555 B DC 3  N3 ? ? A DG 9  B DC 14 1_555 ? ? ? ? ? ? WATSON-CRICK ? ? ? 
hydrog22 hydrog ? ? A DG 9  N2 ? ? ? 1_555 B DC 3  O2 ? ? A DG 9  B DC 14 1_555 ? ? ? ? ? ? WATSON-CRICK ? ? ? 
hydrog23 hydrog ? ? A DG 9  O6 ? ? ? 1_555 B DC 3  N4 ? ? A DG 9  B DC 14 1_555 ? ? ? ? ? ? WATSON-CRICK ? ? ? 
hydrog24 hydrog ? ? A DT 10 N3 ? ? ? 1_555 B DA 2  N1 ? ? A DT 10 B DA 13 1_555 ? ? ? ? ? ? WATSON-CRICK ? ? ? 
hydrog25 hydrog ? ? A DT 10 O4 ? ? ? 1_555 B DA 2  N6 ? ? A DT 10 B DA 13 1_555 ? ? ? ? ? ? WATSON-CRICK ? ? ? 
hydrog26 hydrog ? ? A DG 11 N1 ? ? ? 1_555 B DC 1  N3 ? ? A DG 11 B DC 12 1_555 ? ? ? ? ? ? WATSON-CRICK ? ? ? 
hydrog27 hydrog ? ? A DG 11 N2 ? ? ? 1_555 B DC 1  O2 ? ? A DG 11 B DC 12 1_555 ? ? ? ? ? ? WATSON-CRICK ? ? ? 
hydrog28 hydrog ? ? A DG 11 O6 ? ? ? 1_555 B DC 1  N4 ? ? A DG 11 B DC 12 1_555 ? ? ? ? ? ? WATSON-CRICK ? ? ? 
# 
_struct_conn_type.id          hydrog 
_struct_conn_type.criteria    ? 
_struct_conn_type.reference   ? 
# 
_struct_mon_prot_cis.pdbx_id                1 
_struct_mon_prot_cis.label_comp_id          TYR 
_struct_mon_prot_cis.label_seq_id           87 
_struct_mon_prot_cis.label_asym_id          C 
_struct_mon_prot_cis.label_alt_id           . 
_struct_mon_prot_cis.pdbx_PDB_ins_code      ? 
_struct_mon_prot_cis.auth_comp_id           TYR 
_struct_mon_prot_cis.auth_seq_id            87 
_struct_mon_prot_cis.auth_asym_id           C 
_struct_mon_prot_cis.pdbx_label_comp_id_2   PRO 
_struct_mon_prot_cis.pdbx_label_seq_id_2    88 
_struct_mon_prot_cis.pdbx_label_asym_id_2   C 
_struct_mon_prot_cis.pdbx_PDB_ins_code_2    ? 
_struct_mon_prot_cis.pdbx_auth_comp_id_2    PRO 
_struct_mon_prot_cis.pdbx_auth_seq_id_2     88 
_struct_mon_prot_cis.pdbx_auth_asym_id_2    C 
_struct_mon_prot_cis.pdbx_PDB_model_num     1 
_struct_mon_prot_cis.pdbx_omega_angle       0.31 
# 
_struct_sheet.id               S1 
_struct_sheet.type             ? 
_struct_sheet.number_strands   4 
_struct_sheet.details          ? 
# 
loop_
_struct_sheet_range.sheet_id 
_struct_sheet_range.id 
_struct_sheet_range.beg_label_comp_id 
_struct_sheet_range.beg_label_asym_id 
_struct_sheet_range.beg_label_seq_id 
_struct_sheet_range.pdbx_beg_PDB_ins_code 
_struct_sheet_range.end_label_comp_id 
_struct_sheet_range.end_label_asym_id 
_struct_sheet_range.end_label_seq_id 
_struct_sheet_range.pdbx_end_PDB_ins_code 
_struct_sheet_range.beg_auth_comp_id 
_struct_sheet_range.beg_auth_asym_id 
_struct_sheet_range.beg_auth_seq_id 
_struct_sheet_range.end_auth_comp_id 
_struct_sheet_range.end_auth_asym_id 
_struct_sheet_range.end_auth_seq_id 
S1 1 ILE C 24 ? TRP C 26 ? ILE C 24 TRP C 26 
S1 2 GLN C 32 ? LEU C 35 ? GLN C 32 LEU C 35 
S1 3 VAL C 81 ? PHE C 84 ? VAL C 81 PHE C 84 
S1 4 ILE C 72 ? LYS C 74 ? ILE C 72 LYS C 74 
# 
_pdbx_validate_torsion.id              1 
_pdbx_validate_torsion.PDB_model_num   1 
_pdbx_validate_torsion.auth_comp_id    SER 
_pdbx_validate_torsion.auth_asym_id    C 
_pdbx_validate_torsion.auth_seq_id     86 
_pdbx_validate_torsion.PDB_ins_code    ? 
_pdbx_validate_torsion.label_alt_id    ? 
_pdbx_validate_torsion.phi             -101.55 
_pdbx_validate_torsion.psi             79.26 
# 
_pdbx_validate_planes.id              1 
_pdbx_validate_planes.PDB_model_num   1 
_pdbx_validate_planes.auth_comp_id    DG 
_pdbx_validate_planes.auth_asym_id    B 
_pdbx_validate_planes.auth_seq_id     20 
_pdbx_validate_planes.PDB_ins_code    ? 
_pdbx_validate_planes.label_alt_id    ? 
_pdbx_validate_planes.rmsd            0.054 
_pdbx_validate_planes.type            'SIDE CHAIN' 
# 
loop_
_chem_comp_atom.comp_id 
_chem_comp_atom.atom_id 
_chem_comp_atom.type_symbol 
_chem_comp_atom.pdbx_aromatic_flag 
_chem_comp_atom.pdbx_stereo_config 
_chem_comp_atom.pdbx_ordinal 
ALA N      N N N 1   
ALA CA     C N S 2   
ALA C      C N N 3   
ALA O      O N N 4   
ALA CB     C N N 5   
ALA OXT    O N N 6   
ALA H      H N N 7   
ALA H2     H N N 8   
ALA HA     H N N 9   
ALA HB1    H N N 10  
ALA HB2    H N N 11  
ALA HB3    H N N 12  
ALA HXT    H N N 13  
ARG N      N N N 14  
ARG CA     C N S 15  
ARG C      C N N 16  
ARG O      O N N 17  
ARG CB     C N N 18  
ARG CG     C N N 19  
ARG CD     C N N 20  
ARG NE     N N N 21  
ARG CZ     C N N 22  
ARG NH1    N N N 23  
ARG NH2    N N N 24  
ARG OXT    O N N 25  
ARG H      H N N 26  
ARG H2     H N N 27  
ARG HA     H N N 28  
ARG HB2    H N N 29  
ARG HB3    H N N 30  
ARG HG2    H N N 31  
ARG HG3    H N N 32  
ARG HD2    H N N 33  
ARG HD3    H N N 34  
ARG HE     H N N 35  
ARG HH11   H N N 36  
ARG HH12   H N N 37  
ARG HH21   H N N 38  
ARG HH22   H N N 39  
ARG HXT    H N N 40  
ASN N      N N N 41  
ASN CA     C N S 42  
ASN C      C N N 43  
ASN O      O N N 44  
ASN CB     C N N 45  
ASN CG     C N N 46  
ASN OD1    O N N 47  
ASN ND2    N N N 48  
ASN OXT    O N N 49  
ASN H      H N N 50  
ASN H2     H N N 51  
ASN HA     H N N 52  
ASN HB2    H N N 53  
ASN HB3    H N N 54  
ASN HD21   H N N 55  
ASN HD22   H N N 56  
ASN HXT    H N N 57  
ASP N      N N N 58  
ASP CA     C N S 59  
ASP C      C N N 60  
ASP O      O N N 61  
ASP CB     C N N 62  
ASP CG     C N N 63  
ASP OD1    O N N 64  
ASP OD2    O N N 65  
ASP OXT    O N N 66  
ASP H      H N N 67  
ASP H2     H N N 68  
ASP HA     H N N 69  
ASP HB2    H N N 70  
ASP HB3    H N N 71  
ASP HD2    H N N 72  
ASP HXT    H N N 73  
CYS N      N N N 74  
CYS CA     C N R 75  
CYS C      C N N 76  
CYS O      O N N 77  
CYS CB     C N N 78  
CYS SG     S N N 79  
CYS OXT    O N N 80  
CYS H      H N N 81  
CYS H2     H N N 82  
CYS HA     H N N 83  
CYS HB2    H N N 84  
CYS HB3    H N N 85  
CYS HG     H N N 86  
CYS HXT    H N N 87  
DA  OP3    O N N 88  
DA  P      P N N 89  
DA  OP1    O N N 90  
DA  OP2    O N N 91  
DA  "O5'"  O N N 92  
DA  "C5'"  C N N 93  
DA  "C4'"  C N R 94  
DA  "O4'"  O N N 95  
DA  "C3'"  C N S 96  
DA  "O3'"  O N N 97  
DA  "C2'"  C N N 98  
DA  "C1'"  C N R 99  
DA  N9     N Y N 100 
DA  C8     C Y N 101 
DA  N7     N Y N 102 
DA  C5     C Y N 103 
DA  C6     C Y N 104 
DA  N6     N N N 105 
DA  N1     N Y N 106 
DA  C2     C Y N 107 
DA  N3     N Y N 108 
DA  C4     C Y N 109 
DA  HOP3   H N N 110 
DA  HOP2   H N N 111 
DA  "H5'"  H N N 112 
DA  "H5''" H N N 113 
DA  "H4'"  H N N 114 
DA  "H3'"  H N N 115 
DA  "HO3'" H N N 116 
DA  "H2'"  H N N 117 
DA  "H2''" H N N 118 
DA  "H1'"  H N N 119 
DA  H8     H N N 120 
DA  H61    H N N 121 
DA  H62    H N N 122 
DA  H2     H N N 123 
DC  OP3    O N N 124 
DC  P      P N N 125 
DC  OP1    O N N 126 
DC  OP2    O N N 127 
DC  "O5'"  O N N 128 
DC  "C5'"  C N N 129 
DC  "C4'"  C N R 130 
DC  "O4'"  O N N 131 
DC  "C3'"  C N S 132 
DC  "O3'"  O N N 133 
DC  "C2'"  C N N 134 
DC  "C1'"  C N R 135 
DC  N1     N N N 136 
DC  C2     C N N 137 
DC  O2     O N N 138 
DC  N3     N N N 139 
DC  C4     C N N 140 
DC  N4     N N N 141 
DC  C5     C N N 142 
DC  C6     C N N 143 
DC  HOP3   H N N 144 
DC  HOP2   H N N 145 
DC  "H5'"  H N N 146 
DC  "H5''" H N N 147 
DC  "H4'"  H N N 148 
DC  "H3'"  H N N 149 
DC  "HO3'" H N N 150 
DC  "H2'"  H N N 151 
DC  "H2''" H N N 152 
DC  "H1'"  H N N 153 
DC  H41    H N N 154 
DC  H42    H N N 155 
DC  H5     H N N 156 
DC  H6     H N N 157 
DG  OP3    O N N 158 
DG  P      P N N 159 
DG  OP1    O N N 160 
DG  OP2    O N N 161 
DG  "O5'"  O N N 162 
DG  "C5'"  C N N 163 
DG  "C4'"  C N R 164 
DG  "O4'"  O N N 165 
DG  "C3'"  C N S 166 
DG  "O3'"  O N N 167 
DG  "C2'"  C N N 168 
DG  "C1'"  C N R 169 
DG  N9     N Y N 170 
DG  C8     C Y N 171 
DG  N7     N Y N 172 
DG  C5     C Y N 173 
DG  C6     C N N 174 
DG  O6     O N N 175 
DG  N1     N N N 176 
DG  C2     C N N 177 
DG  N2     N N N 178 
DG  N3     N N N 179 
DG  C4     C Y N 180 
DG  HOP3   H N N 181 
DG  HOP2   H N N 182 
DG  "H5'"  H N N 183 
DG  "H5''" H N N 184 
DG  "H4'"  H N N 185 
DG  "H3'"  H N N 186 
DG  "HO3'" H N N 187 
DG  "H2'"  H N N 188 
DG  "H2''" H N N 189 
DG  "H1'"  H N N 190 
DG  H8     H N N 191 
DG  H1     H N N 192 
DG  H21    H N N 193 
DG  H22    H N N 194 
DT  OP3    O N N 195 
DT  P      P N N 196 
DT  OP1    O N N 197 
DT  OP2    O N N 198 
DT  "O5'"  O N N 199 
DT  "C5'"  C N N 200 
DT  "C4'"  C N R 201 
DT  "O4'"  O N N 202 
DT  "C3'"  C N S 203 
DT  "O3'"  O N N 204 
DT  "C2'"  C N N 205 
DT  "C1'"  C N R 206 
DT  N1     N N N 207 
DT  C2     C N N 208 
DT  O2     O N N 209 
DT  N3     N N N 210 
DT  C4     C N N 211 
DT  O4     O N N 212 
DT  C5     C N N 213 
DT  C7     C N N 214 
DT  C6     C N N 215 
DT  HOP3   H N N 216 
DT  HOP2   H N N 217 
DT  "H5'"  H N N 218 
DT  "H5''" H N N 219 
DT  "H4'"  H N N 220 
DT  "H3'"  H N N 221 
DT  "HO3'" H N N 222 
DT  "H2'"  H N N 223 
DT  "H2''" H N N 224 
DT  "H1'"  H N N 225 
DT  H3     H N N 226 
DT  H71    H N N 227 
DT  H72    H N N 228 
DT  H73    H N N 229 
DT  H6     H N N 230 
GLN N      N N N 231 
GLN CA     C N S 232 
GLN C      C N N 233 
GLN O      O N N 234 
GLN CB     C N N 235 
GLN CG     C N N 236 
GLN CD     C N N 237 
GLN OE1    O N N 238 
GLN NE2    N N N 239 
GLN OXT    O N N 240 
GLN H      H N N 241 
GLN H2     H N N 242 
GLN HA     H N N 243 
GLN HB2    H N N 244 
GLN HB3    H N N 245 
GLN HG2    H N N 246 
GLN HG3    H N N 247 
GLN HE21   H N N 248 
GLN HE22   H N N 249 
GLN HXT    H N N 250 
GLU N      N N N 251 
GLU CA     C N S 252 
GLU C      C N N 253 
GLU O      O N N 254 
GLU CB     C N N 255 
GLU CG     C N N 256 
GLU CD     C N N 257 
GLU OE1    O N N 258 
GLU OE2    O N N 259 
GLU OXT    O N N 260 
GLU H      H N N 261 
GLU H2     H N N 262 
GLU HA     H N N 263 
GLU HB2    H N N 264 
GLU HB3    H N N 265 
GLU HG2    H N N 266 
GLU HG3    H N N 267 
GLU HE2    H N N 268 
GLU HXT    H N N 269 
GLY N      N N N 270 
GLY CA     C N N 271 
GLY C      C N N 272 
GLY O      O N N 273 
GLY OXT    O N N 274 
GLY H      H N N 275 
GLY H2     H N N 276 
GLY HA2    H N N 277 
GLY HA3    H N N 278 
GLY HXT    H N N 279 
HIS N      N N N 280 
HIS CA     C N S 281 
HIS C      C N N 282 
HIS O      O N N 283 
HIS CB     C N N 284 
HIS CG     C Y N 285 
HIS ND1    N Y N 286 
HIS CD2    C Y N 287 
HIS CE1    C Y N 288 
HIS NE2    N Y N 289 
HIS OXT    O N N 290 
HIS H      H N N 291 
HIS H2     H N N 292 
HIS HA     H N N 293 
HIS HB2    H N N 294 
HIS HB3    H N N 295 
HIS HD1    H N N 296 
HIS HD2    H N N 297 
HIS HE1    H N N 298 
HIS HE2    H N N 299 
HIS HXT    H N N 300 
HOH O      O N N 301 
HOH H1     H N N 302 
HOH H2     H N N 303 
ILE N      N N N 304 
ILE CA     C N S 305 
ILE C      C N N 306 
ILE O      O N N 307 
ILE CB     C N S 308 
ILE CG1    C N N 309 
ILE CG2    C N N 310 
ILE CD1    C N N 311 
ILE OXT    O N N 312 
ILE H      H N N 313 
ILE H2     H N N 314 
ILE HA     H N N 315 
ILE HB     H N N 316 
ILE HG12   H N N 317 
ILE HG13   H N N 318 
ILE HG21   H N N 319 
ILE HG22   H N N 320 
ILE HG23   H N N 321 
ILE HD11   H N N 322 
ILE HD12   H N N 323 
ILE HD13   H N N 324 
ILE HXT    H N N 325 
LEU N      N N N 326 
LEU CA     C N S 327 
LEU C      C N N 328 
LEU O      O N N 329 
LEU CB     C N N 330 
LEU CG     C N N 331 
LEU CD1    C N N 332 
LEU CD2    C N N 333 
LEU OXT    O N N 334 
LEU H      H N N 335 
LEU H2     H N N 336 
LEU HA     H N N 337 
LEU HB2    H N N 338 
LEU HB3    H N N 339 
LEU HG     H N N 340 
LEU HD11   H N N 341 
LEU HD12   H N N 342 
LEU HD13   H N N 343 
LEU HD21   H N N 344 
LEU HD22   H N N 345 
LEU HD23   H N N 346 
LEU HXT    H N N 347 
LYS N      N N N 348 
LYS CA     C N S 349 
LYS C      C N N 350 
LYS O      O N N 351 
LYS CB     C N N 352 
LYS CG     C N N 353 
LYS CD     C N N 354 
LYS CE     C N N 355 
LYS NZ     N N N 356 
LYS OXT    O N N 357 
LYS H      H N N 358 
LYS H2     H N N 359 
LYS HA     H N N 360 
LYS HB2    H N N 361 
LYS HB3    H N N 362 
LYS HG2    H N N 363 
LYS HG3    H N N 364 
LYS HD2    H N N 365 
LYS HD3    H N N 366 
LYS HE2    H N N 367 
LYS HE3    H N N 368 
LYS HZ1    H N N 369 
LYS HZ2    H N N 370 
LYS HZ3    H N N 371 
LYS HXT    H N N 372 
MET N      N N N 373 
MET CA     C N S 374 
MET C      C N N 375 
MET O      O N N 376 
MET CB     C N N 377 
MET CG     C N N 378 
MET SD     S N N 379 
MET CE     C N N 380 
MET OXT    O N N 381 
MET H      H N N 382 
MET H2     H N N 383 
MET HA     H N N 384 
MET HB2    H N N 385 
MET HB3    H N N 386 
MET HG2    H N N 387 
MET HG3    H N N 388 
MET HE1    H N N 389 
MET HE2    H N N 390 
MET HE3    H N N 391 
MET HXT    H N N 392 
PHE N      N N N 393 
PHE CA     C N S 394 
PHE C      C N N 395 
PHE O      O N N 396 
PHE CB     C N N 397 
PHE CG     C Y N 398 
PHE CD1    C Y N 399 
PHE CD2    C Y N 400 
PHE CE1    C Y N 401 
PHE CE2    C Y N 402 
PHE CZ     C Y N 403 
PHE OXT    O N N 404 
PHE H      H N N 405 
PHE H2     H N N 406 
PHE HA     H N N 407 
PHE HB2    H N N 408 
PHE HB3    H N N 409 
PHE HD1    H N N 410 
PHE HD2    H N N 411 
PHE HE1    H N N 412 
PHE HE2    H N N 413 
PHE HZ     H N N 414 
PHE HXT    H N N 415 
PRO N      N N N 416 
PRO CA     C N S 417 
PRO C      C N N 418 
PRO O      O N N 419 
PRO CB     C N N 420 
PRO CG     C N N 421 
PRO CD     C N N 422 
PRO OXT    O N N 423 
PRO H      H N N 424 
PRO HA     H N N 425 
PRO HB2    H N N 426 
PRO HB3    H N N 427 
PRO HG2    H N N 428 
PRO HG3    H N N 429 
PRO HD2    H N N 430 
PRO HD3    H N N 431 
PRO HXT    H N N 432 
SER N      N N N 433 
SER CA     C N S 434 
SER C      C N N 435 
SER O      O N N 436 
SER CB     C N N 437 
SER OG     O N N 438 
SER OXT    O N N 439 
SER H      H N N 440 
SER H2     H N N 441 
SER HA     H N N 442 
SER HB2    H N N 443 
SER HB3    H N N 444 
SER HG     H N N 445 
SER HXT    H N N 446 
THR N      N N N 447 
THR CA     C N S 448 
THR C      C N N 449 
THR O      O N N 450 
THR CB     C N R 451 
THR OG1    O N N 452 
THR CG2    C N N 453 
THR OXT    O N N 454 
THR H      H N N 455 
THR H2     H N N 456 
THR HA     H N N 457 
THR HB     H N N 458 
THR HG1    H N N 459 
THR HG21   H N N 460 
THR HG22   H N N 461 
THR HG23   H N N 462 
THR HXT    H N N 463 
TRP N      N N N 464 
TRP CA     C N S 465 
TRP C      C N N 466 
TRP O      O N N 467 
TRP CB     C N N 468 
TRP CG     C Y N 469 
TRP CD1    C Y N 470 
TRP CD2    C Y N 471 
TRP NE1    N Y N 472 
TRP CE2    C Y N 473 
TRP CE3    C Y N 474 
TRP CZ2    C Y N 475 
TRP CZ3    C Y N 476 
TRP CH2    C Y N 477 
TRP OXT    O N N 478 
TRP H      H N N 479 
TRP H2     H N N 480 
TRP HA     H N N 481 
TRP HB2    H N N 482 
TRP HB3    H N N 483 
TRP HD1    H N N 484 
TRP HE1    H N N 485 
TRP HE3    H N N 486 
TRP HZ2    H N N 487 
TRP HZ3    H N N 488 
TRP HH2    H N N 489 
TRP HXT    H N N 490 
TYR N      N N N 491 
TYR CA     C N S 492 
TYR C      C N N 493 
TYR O      O N N 494 
TYR CB     C N N 495 
TYR CG     C Y N 496 
TYR CD1    C Y N 497 
TYR CD2    C Y N 498 
TYR CE1    C Y N 499 
TYR CE2    C Y N 500 
TYR CZ     C Y N 501 
TYR OH     O N N 502 
TYR OXT    O N N 503 
TYR H      H N N 504 
TYR H2     H N N 505 
TYR HA     H N N 506 
TYR HB2    H N N 507 
TYR HB3    H N N 508 
TYR HD1    H N N 509 
TYR HD2    H N N 510 
TYR HE1    H N N 511 
TYR HE2    H N N 512 
TYR HH     H N N 513 
TYR HXT    H N N 514 
VAL N      N N N 515 
VAL CA     C N S 516 
VAL C      C N N 517 
VAL O      O N N 518 
VAL CB     C N N 519 
VAL CG1    C N N 520 
VAL CG2    C N N 521 
VAL OXT    O N N 522 
VAL H      H N N 523 
VAL H2     H N N 524 
VAL HA     H N N 525 
VAL HB     H N N 526 
VAL HG11   H N N 527 
VAL HG12   H N N 528 
VAL HG13   H N N 529 
VAL HG21   H N N 530 
VAL HG22   H N N 531 
VAL HG23   H N N 532 
VAL HXT    H N N 533 
# 
loop_
_chem_comp_bond.comp_id 
_chem_comp_bond.atom_id_1 
_chem_comp_bond.atom_id_2 
_chem_comp_bond.value_order 
_chem_comp_bond.pdbx_aromatic_flag 
_chem_comp_bond.pdbx_stereo_config 
_chem_comp_bond.pdbx_ordinal 
ALA N     CA     sing N N 1   
ALA N     H      sing N N 2   
ALA N     H2     sing N N 3   
ALA CA    C      sing N N 4   
ALA CA    CB     sing N N 5   
ALA CA    HA     sing N N 6   
ALA C     O      doub N N 7   
ALA C     OXT    sing N N 8   
ALA CB    HB1    sing N N 9   
ALA CB    HB2    sing N N 10  
ALA CB    HB3    sing N N 11  
ALA OXT   HXT    sing N N 12  
ARG N     CA     sing N N 13  
ARG N     H      sing N N 14  
ARG N     H2     sing N N 15  
ARG CA    C      sing N N 16  
ARG CA    CB     sing N N 17  
ARG CA    HA     sing N N 18  
ARG C     O      doub N N 19  
ARG C     OXT    sing N N 20  
ARG CB    CG     sing N N 21  
ARG CB    HB2    sing N N 22  
ARG CB    HB3    sing N N 23  
ARG CG    CD     sing N N 24  
ARG CG    HG2    sing N N 25  
ARG CG    HG3    sing N N 26  
ARG CD    NE     sing N N 27  
ARG CD    HD2    sing N N 28  
ARG CD    HD3    sing N N 29  
ARG NE    CZ     sing N N 30  
ARG NE    HE     sing N N 31  
ARG CZ    NH1    sing N N 32  
ARG CZ    NH2    doub N N 33  
ARG NH1   HH11   sing N N 34  
ARG NH1   HH12   sing N N 35  
ARG NH2   HH21   sing N N 36  
ARG NH2   HH22   sing N N 37  
ARG OXT   HXT    sing N N 38  
ASN N     CA     sing N N 39  
ASN N     H      sing N N 40  
ASN N     H2     sing N N 41  
ASN CA    C      sing N N 42  
ASN CA    CB     sing N N 43  
ASN CA    HA     sing N N 44  
ASN C     O      doub N N 45  
ASN C     OXT    sing N N 46  
ASN CB    CG     sing N N 47  
ASN CB    HB2    sing N N 48  
ASN CB    HB3    sing N N 49  
ASN CG    OD1    doub N N 50  
ASN CG    ND2    sing N N 51  
ASN ND2   HD21   sing N N 52  
ASN ND2   HD22   sing N N 53  
ASN OXT   HXT    sing N N 54  
ASP N     CA     sing N N 55  
ASP N     H      sing N N 56  
ASP N     H2     sing N N 57  
ASP CA    C      sing N N 58  
ASP CA    CB     sing N N 59  
ASP CA    HA     sing N N 60  
ASP C     O      doub N N 61  
ASP C     OXT    sing N N 62  
ASP CB    CG     sing N N 63  
ASP CB    HB2    sing N N 64  
ASP CB    HB3    sing N N 65  
ASP CG    OD1    doub N N 66  
ASP CG    OD2    sing N N 67  
ASP OD2   HD2    sing N N 68  
ASP OXT   HXT    sing N N 69  
CYS N     CA     sing N N 70  
CYS N     H      sing N N 71  
CYS N     H2     sing N N 72  
CYS CA    C      sing N N 73  
CYS CA    CB     sing N N 74  
CYS CA    HA     sing N N 75  
CYS C     O      doub N N 76  
CYS C     OXT    sing N N 77  
CYS CB    SG     sing N N 78  
CYS CB    HB2    sing N N 79  
CYS CB    HB3    sing N N 80  
CYS SG    HG     sing N N 81  
CYS OXT   HXT    sing N N 82  
DA  OP3   P      sing N N 83  
DA  OP3   HOP3   sing N N 84  
DA  P     OP1    doub N N 85  
DA  P     OP2    sing N N 86  
DA  P     "O5'"  sing N N 87  
DA  OP2   HOP2   sing N N 88  
DA  "O5'" "C5'"  sing N N 89  
DA  "C5'" "C4'"  sing N N 90  
DA  "C5'" "H5'"  sing N N 91  
DA  "C5'" "H5''" sing N N 92  
DA  "C4'" "O4'"  sing N N 93  
DA  "C4'" "C3'"  sing N N 94  
DA  "C4'" "H4'"  sing N N 95  
DA  "O4'" "C1'"  sing N N 96  
DA  "C3'" "O3'"  sing N N 97  
DA  "C3'" "C2'"  sing N N 98  
DA  "C3'" "H3'"  sing N N 99  
DA  "O3'" "HO3'" sing N N 100 
DA  "C2'" "C1'"  sing N N 101 
DA  "C2'" "H2'"  sing N N 102 
DA  "C2'" "H2''" sing N N 103 
DA  "C1'" N9     sing N N 104 
DA  "C1'" "H1'"  sing N N 105 
DA  N9    C8     sing Y N 106 
DA  N9    C4     sing Y N 107 
DA  C8    N7     doub Y N 108 
DA  C8    H8     sing N N 109 
DA  N7    C5     sing Y N 110 
DA  C5    C6     sing Y N 111 
DA  C5    C4     doub Y N 112 
DA  C6    N6     sing N N 113 
DA  C6    N1     doub Y N 114 
DA  N6    H61    sing N N 115 
DA  N6    H62    sing N N 116 
DA  N1    C2     sing Y N 117 
DA  C2    N3     doub Y N 118 
DA  C2    H2     sing N N 119 
DA  N3    C4     sing Y N 120 
DC  OP3   P      sing N N 121 
DC  OP3   HOP3   sing N N 122 
DC  P     OP1    doub N N 123 
DC  P     OP2    sing N N 124 
DC  P     "O5'"  sing N N 125 
DC  OP2   HOP2   sing N N 126 
DC  "O5'" "C5'"  sing N N 127 
DC  "C5'" "C4'"  sing N N 128 
DC  "C5'" "H5'"  sing N N 129 
DC  "C5'" "H5''" sing N N 130 
DC  "C4'" "O4'"  sing N N 131 
DC  "C4'" "C3'"  sing N N 132 
DC  "C4'" "H4'"  sing N N 133 
DC  "O4'" "C1'"  sing N N 134 
DC  "C3'" "O3'"  sing N N 135 
DC  "C3'" "C2'"  sing N N 136 
DC  "C3'" "H3'"  sing N N 137 
DC  "O3'" "HO3'" sing N N 138 
DC  "C2'" "C1'"  sing N N 139 
DC  "C2'" "H2'"  sing N N 140 
DC  "C2'" "H2''" sing N N 141 
DC  "C1'" N1     sing N N 142 
DC  "C1'" "H1'"  sing N N 143 
DC  N1    C2     sing N N 144 
DC  N1    C6     sing N N 145 
DC  C2    O2     doub N N 146 
DC  C2    N3     sing N N 147 
DC  N3    C4     doub N N 148 
DC  C4    N4     sing N N 149 
DC  C4    C5     sing N N 150 
DC  N4    H41    sing N N 151 
DC  N4    H42    sing N N 152 
DC  C5    C6     doub N N 153 
DC  C5    H5     sing N N 154 
DC  C6    H6     sing N N 155 
DG  OP3   P      sing N N 156 
DG  OP3   HOP3   sing N N 157 
DG  P     OP1    doub N N 158 
DG  P     OP2    sing N N 159 
DG  P     "O5'"  sing N N 160 
DG  OP2   HOP2   sing N N 161 
DG  "O5'" "C5'"  sing N N 162 
DG  "C5'" "C4'"  sing N N 163 
DG  "C5'" "H5'"  sing N N 164 
DG  "C5'" "H5''" sing N N 165 
DG  "C4'" "O4'"  sing N N 166 
DG  "C4'" "C3'"  sing N N 167 
DG  "C4'" "H4'"  sing N N 168 
DG  "O4'" "C1'"  sing N N 169 
DG  "C3'" "O3'"  sing N N 170 
DG  "C3'" "C2'"  sing N N 171 
DG  "C3'" "H3'"  sing N N 172 
DG  "O3'" "HO3'" sing N N 173 
DG  "C2'" "C1'"  sing N N 174 
DG  "C2'" "H2'"  sing N N 175 
DG  "C2'" "H2''" sing N N 176 
DG  "C1'" N9     sing N N 177 
DG  "C1'" "H1'"  sing N N 178 
DG  N9    C8     sing Y N 179 
DG  N9    C4     sing Y N 180 
DG  C8    N7     doub Y N 181 
DG  C8    H8     sing N N 182 
DG  N7    C5     sing Y N 183 
DG  C5    C6     sing N N 184 
DG  C5    C4     doub Y N 185 
DG  C6    O6     doub N N 186 
DG  C6    N1     sing N N 187 
DG  N1    C2     sing N N 188 
DG  N1    H1     sing N N 189 
DG  C2    N2     sing N N 190 
DG  C2    N3     doub N N 191 
DG  N2    H21    sing N N 192 
DG  N2    H22    sing N N 193 
DG  N3    C4     sing N N 194 
DT  OP3   P      sing N N 195 
DT  OP3   HOP3   sing N N 196 
DT  P     OP1    doub N N 197 
DT  P     OP2    sing N N 198 
DT  P     "O5'"  sing N N 199 
DT  OP2   HOP2   sing N N 200 
DT  "O5'" "C5'"  sing N N 201 
DT  "C5'" "C4'"  sing N N 202 
DT  "C5'" "H5'"  sing N N 203 
DT  "C5'" "H5''" sing N N 204 
DT  "C4'" "O4'"  sing N N 205 
DT  "C4'" "C3'"  sing N N 206 
DT  "C4'" "H4'"  sing N N 207 
DT  "O4'" "C1'"  sing N N 208 
DT  "C3'" "O3'"  sing N N 209 
DT  "C3'" "C2'"  sing N N 210 
DT  "C3'" "H3'"  sing N N 211 
DT  "O3'" "HO3'" sing N N 212 
DT  "C2'" "C1'"  sing N N 213 
DT  "C2'" "H2'"  sing N N 214 
DT  "C2'" "H2''" sing N N 215 
DT  "C1'" N1     sing N N 216 
DT  "C1'" "H1'"  sing N N 217 
DT  N1    C2     sing N N 218 
DT  N1    C6     sing N N 219 
DT  C2    O2     doub N N 220 
DT  C2    N3     sing N N 221 
DT  N3    C4     sing N N 222 
DT  N3    H3     sing N N 223 
DT  C4    O4     doub N N 224 
DT  C4    C5     sing N N 225 
DT  C5    C7     sing N N 226 
DT  C5    C6     doub N N 227 
DT  C7    H71    sing N N 228 
DT  C7    H72    sing N N 229 
DT  C7    H73    sing N N 230 
DT  C6    H6     sing N N 231 
GLN N     CA     sing N N 232 
GLN N     H      sing N N 233 
GLN N     H2     sing N N 234 
GLN CA    C      sing N N 235 
GLN CA    CB     sing N N 236 
GLN CA    HA     sing N N 237 
GLN C     O      doub N N 238 
GLN C     OXT    sing N N 239 
GLN CB    CG     sing N N 240 
GLN CB    HB2    sing N N 241 
GLN CB    HB3    sing N N 242 
GLN CG    CD     sing N N 243 
GLN CG    HG2    sing N N 244 
GLN CG    HG3    sing N N 245 
GLN CD    OE1    doub N N 246 
GLN CD    NE2    sing N N 247 
GLN NE2   HE21   sing N N 248 
GLN NE2   HE22   sing N N 249 
GLN OXT   HXT    sing N N 250 
GLU N     CA     sing N N 251 
GLU N     H      sing N N 252 
GLU N     H2     sing N N 253 
GLU CA    C      sing N N 254 
GLU CA    CB     sing N N 255 
GLU CA    HA     sing N N 256 
GLU C     O      doub N N 257 
GLU C     OXT    sing N N 258 
GLU CB    CG     sing N N 259 
GLU CB    HB2    sing N N 260 
GLU CB    HB3    sing N N 261 
GLU CG    CD     sing N N 262 
GLU CG    HG2    sing N N 263 
GLU CG    HG3    sing N N 264 
GLU CD    OE1    doub N N 265 
GLU CD    OE2    sing N N 266 
GLU OE2   HE2    sing N N 267 
GLU OXT   HXT    sing N N 268 
GLY N     CA     sing N N 269 
GLY N     H      sing N N 270 
GLY N     H2     sing N N 271 
GLY CA    C      sing N N 272 
GLY CA    HA2    sing N N 273 
GLY CA    HA3    sing N N 274 
GLY C     O      doub N N 275 
GLY C     OXT    sing N N 276 
GLY OXT   HXT    sing N N 277 
HIS N     CA     sing N N 278 
HIS N     H      sing N N 279 
HIS N     H2     sing N N 280 
HIS CA    C      sing N N 281 
HIS CA    CB     sing N N 282 
HIS CA    HA     sing N N 283 
HIS C     O      doub N N 284 
HIS C     OXT    sing N N 285 
HIS CB    CG     sing N N 286 
HIS CB    HB2    sing N N 287 
HIS CB    HB3    sing N N 288 
HIS CG    ND1    sing Y N 289 
HIS CG    CD2    doub Y N 290 
HIS ND1   CE1    doub Y N 291 
HIS ND1   HD1    sing N N 292 
HIS CD2   NE2    sing Y N 293 
HIS CD2   HD2    sing N N 294 
HIS CE1   NE2    sing Y N 295 
HIS CE1   HE1    sing N N 296 
HIS NE2   HE2    sing N N 297 
HIS OXT   HXT    sing N N 298 
HOH O     H1     sing N N 299 
HOH O     H2     sing N N 300 
ILE N     CA     sing N N 301 
ILE N     H      sing N N 302 
ILE N     H2     sing N N 303 
ILE CA    C      sing N N 304 
ILE CA    CB     sing N N 305 
ILE CA    HA     sing N N 306 
ILE C     O      doub N N 307 
ILE C     OXT    sing N N 308 
ILE CB    CG1    sing N N 309 
ILE CB    CG2    sing N N 310 
ILE CB    HB     sing N N 311 
ILE CG1   CD1    sing N N 312 
ILE CG1   HG12   sing N N 313 
ILE CG1   HG13   sing N N 314 
ILE CG2   HG21   sing N N 315 
ILE CG2   HG22   sing N N 316 
ILE CG2   HG23   sing N N 317 
ILE CD1   HD11   sing N N 318 
ILE CD1   HD12   sing N N 319 
ILE CD1   HD13   sing N N 320 
ILE OXT   HXT    sing N N 321 
LEU N     CA     sing N N 322 
LEU N     H      sing N N 323 
LEU N     H2     sing N N 324 
LEU CA    C      sing N N 325 
LEU CA    CB     sing N N 326 
LEU CA    HA     sing N N 327 
LEU C     O      doub N N 328 
LEU C     OXT    sing N N 329 
LEU CB    CG     sing N N 330 
LEU CB    HB2    sing N N 331 
LEU CB    HB3    sing N N 332 
LEU CG    CD1    sing N N 333 
LEU CG    CD2    sing N N 334 
LEU CG    HG     sing N N 335 
LEU CD1   HD11   sing N N 336 
LEU CD1   HD12   sing N N 337 
LEU CD1   HD13   sing N N 338 
LEU CD2   HD21   sing N N 339 
LEU CD2   HD22   sing N N 340 
LEU CD2   HD23   sing N N 341 
LEU OXT   HXT    sing N N 342 
LYS N     CA     sing N N 343 
LYS N     H      sing N N 344 
LYS N     H2     sing N N 345 
LYS CA    C      sing N N 346 
LYS CA    CB     sing N N 347 
LYS CA    HA     sing N N 348 
LYS C     O      doub N N 349 
LYS C     OXT    sing N N 350 
LYS CB    CG     sing N N 351 
LYS CB    HB2    sing N N 352 
LYS CB    HB3    sing N N 353 
LYS CG    CD     sing N N 354 
LYS CG    HG2    sing N N 355 
LYS CG    HG3    sing N N 356 
LYS CD    CE     sing N N 357 
LYS CD    HD2    sing N N 358 
LYS CD    HD3    sing N N 359 
LYS CE    NZ     sing N N 360 
LYS CE    HE2    sing N N 361 
LYS CE    HE3    sing N N 362 
LYS NZ    HZ1    sing N N 363 
LYS NZ    HZ2    sing N N 364 
LYS NZ    HZ3    sing N N 365 
LYS OXT   HXT    sing N N 366 
MET N     CA     sing N N 367 
MET N     H      sing N N 368 
MET N     H2     sing N N 369 
MET CA    C      sing N N 370 
MET CA    CB     sing N N 371 
MET CA    HA     sing N N 372 
MET C     O      doub N N 373 
MET C     OXT    sing N N 374 
MET CB    CG     sing N N 375 
MET CB    HB2    sing N N 376 
MET CB    HB3    sing N N 377 
MET CG    SD     sing N N 378 
MET CG    HG2    sing N N 379 
MET CG    HG3    sing N N 380 
MET SD    CE     sing N N 381 
MET CE    HE1    sing N N 382 
MET CE    HE2    sing N N 383 
MET CE    HE3    sing N N 384 
MET OXT   HXT    sing N N 385 
PHE N     CA     sing N N 386 
PHE N     H      sing N N 387 
PHE N     H2     sing N N 388 
PHE CA    C      sing N N 389 
PHE CA    CB     sing N N 390 
PHE CA    HA     sing N N 391 
PHE C     O      doub N N 392 
PHE C     OXT    sing N N 393 
PHE CB    CG     sing N N 394 
PHE CB    HB2    sing N N 395 
PHE CB    HB3    sing N N 396 
PHE CG    CD1    doub Y N 397 
PHE CG    CD2    sing Y N 398 
PHE CD1   CE1    sing Y N 399 
PHE CD1   HD1    sing N N 400 
PHE CD2   CE2    doub Y N 401 
PHE CD2   HD2    sing N N 402 
PHE CE1   CZ     doub Y N 403 
PHE CE1   HE1    sing N N 404 
PHE CE2   CZ     sing Y N 405 
PHE CE2   HE2    sing N N 406 
PHE CZ    HZ     sing N N 407 
PHE OXT   HXT    sing N N 408 
PRO N     CA     sing N N 409 
PRO N     CD     sing N N 410 
PRO N     H      sing N N 411 
PRO CA    C      sing N N 412 
PRO CA    CB     sing N N 413 
PRO CA    HA     sing N N 414 
PRO C     O      doub N N 415 
PRO C     OXT    sing N N 416 
PRO CB    CG     sing N N 417 
PRO CB    HB2    sing N N 418 
PRO CB    HB3    sing N N 419 
PRO CG    CD     sing N N 420 
PRO CG    HG2    sing N N 421 
PRO CG    HG3    sing N N 422 
PRO CD    HD2    sing N N 423 
PRO CD    HD3    sing N N 424 
PRO OXT   HXT    sing N N 425 
SER N     CA     sing N N 426 
SER N     H      sing N N 427 
SER N     H2     sing N N 428 
SER CA    C      sing N N 429 
SER CA    CB     sing N N 430 
SER CA    HA     sing N N 431 
SER C     O      doub N N 432 
SER C     OXT    sing N N 433 
SER CB    OG     sing N N 434 
SER CB    HB2    sing N N 435 
SER CB    HB3    sing N N 436 
SER OG    HG     sing N N 437 
SER OXT   HXT    sing N N 438 
THR N     CA     sing N N 439 
THR N     H      sing N N 440 
THR N     H2     sing N N 441 
THR CA    C      sing N N 442 
THR CA    CB     sing N N 443 
THR CA    HA     sing N N 444 
THR C     O      doub N N 445 
THR C     OXT    sing N N 446 
THR CB    OG1    sing N N 447 
THR CB    CG2    sing N N 448 
THR CB    HB     sing N N 449 
THR OG1   HG1    sing N N 450 
THR CG2   HG21   sing N N 451 
THR CG2   HG22   sing N N 452 
THR CG2   HG23   sing N N 453 
THR OXT   HXT    sing N N 454 
TRP N     CA     sing N N 455 
TRP N     H      sing N N 456 
TRP N     H2     sing N N 457 
TRP CA    C      sing N N 458 
TRP CA    CB     sing N N 459 
TRP CA    HA     sing N N 460 
TRP C     O      doub N N 461 
TRP C     OXT    sing N N 462 
TRP CB    CG     sing N N 463 
TRP CB    HB2    sing N N 464 
TRP CB    HB3    sing N N 465 
TRP CG    CD1    doub Y N 466 
TRP CG    CD2    sing Y N 467 
TRP CD1   NE1    sing Y N 468 
TRP CD1   HD1    sing N N 469 
TRP CD2   CE2    doub Y N 470 
TRP CD2   CE3    sing Y N 471 
TRP NE1   CE2    sing Y N 472 
TRP NE1   HE1    sing N N 473 
TRP CE2   CZ2    sing Y N 474 
TRP CE3   CZ3    doub Y N 475 
TRP CE3   HE3    sing N N 476 
TRP CZ2   CH2    doub Y N 477 
TRP CZ2   HZ2    sing N N 478 
TRP CZ3   CH2    sing Y N 479 
TRP CZ3   HZ3    sing N N 480 
TRP CH2   HH2    sing N N 481 
TRP OXT   HXT    sing N N 482 
TYR N     CA     sing N N 483 
TYR N     H      sing N N 484 
TYR N     H2     sing N N 485 
TYR CA    C      sing N N 486 
TYR CA    CB     sing N N 487 
TYR CA    HA     sing N N 488 
TYR C     O      doub N N 489 
TYR C     OXT    sing N N 490 
TYR CB    CG     sing N N 491 
TYR CB    HB2    sing N N 492 
TYR CB    HB3    sing N N 493 
TYR CG    CD1    doub Y N 494 
TYR CG    CD2    sing Y N 495 
TYR CD1   CE1    sing Y N 496 
TYR CD1   HD1    sing N N 497 
TYR CD2   CE2    doub Y N 498 
TYR CD2   HD2    sing N N 499 
TYR CE1   CZ     doub Y N 500 
TYR CE1   HE1    sing N N 501 
TYR CE2   CZ     sing Y N 502 
TYR CE2   HE2    sing N N 503 
TYR CZ    OH     sing N N 504 
TYR OH    HH     sing N N 505 
TYR OXT   HXT    sing N N 506 
VAL N     CA     sing N N 507 
VAL N     H      sing N N 508 
VAL N     H2     sing N N 509 
VAL CA    C      sing N N 510 
VAL CA    CB     sing N N 511 
VAL CA    HA     sing N N 512 
VAL C     O      doub N N 513 
VAL C     OXT    sing N N 514 
VAL CB    CG1    sing N N 515 
VAL CB    CG2    sing N N 516 
VAL CB    HB     sing N N 517 
VAL CG1   HG11   sing N N 518 
VAL CG1   HG12   sing N N 519 
VAL CG1   HG13   sing N N 520 
VAL CG2   HG21   sing N N 521 
VAL CG2   HG22   sing N N 522 
VAL CG2   HG23   sing N N 523 
VAL OXT   HXT    sing N N 524 
# 
_ndb_struct_conf_na.entry_id   1BC7 
_ndb_struct_conf_na.feature    'b-form double helix' 
# 
loop_
_ndb_struct_na_base_pair.model_number 
_ndb_struct_na_base_pair.i_label_asym_id 
_ndb_struct_na_base_pair.i_label_comp_id 
_ndb_struct_na_base_pair.i_label_seq_id 
_ndb_struct_na_base_pair.i_symmetry 
_ndb_struct_na_base_pair.j_label_asym_id 
_ndb_struct_na_base_pair.j_label_comp_id 
_ndb_struct_na_base_pair.j_label_seq_id 
_ndb_struct_na_base_pair.j_symmetry 
_ndb_struct_na_base_pair.shear 
_ndb_struct_na_base_pair.stretch 
_ndb_struct_na_base_pair.stagger 
_ndb_struct_na_base_pair.buckle 
_ndb_struct_na_base_pair.propeller 
_ndb_struct_na_base_pair.opening 
_ndb_struct_na_base_pair.pair_number 
_ndb_struct_na_base_pair.pair_name 
_ndb_struct_na_base_pair.i_auth_asym_id 
_ndb_struct_na_base_pair.i_auth_seq_id 
_ndb_struct_na_base_pair.i_PDB_ins_code 
_ndb_struct_na_base_pair.j_auth_asym_id 
_ndb_struct_na_base_pair.j_auth_seq_id 
_ndb_struct_na_base_pair.j_PDB_ins_code 
_ndb_struct_na_base_pair.hbond_type_28 
_ndb_struct_na_base_pair.hbond_type_12 
1 A DG 1  1_555 B DC 11 1_555 -0.481 -0.191 -0.186 -3.599 -8.168  0.595  1  A_DG1:DC22_B  A 1  ? B 22 ? 19 1 
1 A DA 2  1_555 B DT 10 1_555 -0.082 -0.065 -0.080 4.390  -12.284 -0.191 2  A_DA2:DT21_B  A 2  ? B 21 ? 20 1 
1 A DC 3  1_555 B DG 9  1_555 0.273  -0.162 -0.431 5.549  -10.631 2.215  3  A_DC3:DG20_B  A 3  ? B 20 ? 19 1 
1 A DA 4  1_555 B DT 8  1_555 0.122  -0.042 -0.229 -4.277 -4.024  -2.577 4  A_DA4:DT19_B  A 4  ? B 19 ? 20 1 
1 A DG 5  1_555 B DC 7  1_555 0.078  0.038  0.036  14.444 -0.124  1.929  5  A_DG5:DC18_B  A 5  ? B 18 ? 19 1 
1 A DG 6  1_555 B DC 6  1_555 -0.298 -0.055 -0.289 -2.486 -10.458 -0.631 6  A_DG6:DC17_B  A 6  ? B 17 ? 19 1 
1 A DA 7  1_555 B DT 5  1_555 -0.108 -0.045 0.115  0.447  -11.825 2.531  7  A_DA7:DT16_B  A 7  ? B 16 ? 20 1 
1 A DT 8  1_555 B DA 4  1_555 0.000  0.038  -0.041 4.681  -12.193 1.570  8  A_DT8:DA15_B  A 8  ? B 15 ? 20 1 
1 A DG 9  1_555 B DC 3  1_555 -0.411 -0.007 0.046  -7.338 -12.926 -0.404 9  A_DG9:DC14_B  A 9  ? B 14 ? 19 1 
1 A DT 10 1_555 B DA 2  1_555 0.131  -0.056 0.141  0.732  -7.475  0.335  10 A_DT10:DA13_B A 10 ? B 13 ? 20 1 
1 A DG 11 1_555 B DC 1  1_555 -0.267 -0.025 0.248  13.706 -4.407  5.291  11 A_DG11:DC12_B A 11 ? B 12 ? 19 1 
# 
loop_
_ndb_struct_na_base_pair_step.model_number 
_ndb_struct_na_base_pair_step.i_label_asym_id_1 
_ndb_struct_na_base_pair_step.i_label_comp_id_1 
_ndb_struct_na_base_pair_step.i_label_seq_id_1 
_ndb_struct_na_base_pair_step.i_symmetry_1 
_ndb_struct_na_base_pair_step.j_label_asym_id_1 
_ndb_struct_na_base_pair_step.j_label_comp_id_1 
_ndb_struct_na_base_pair_step.j_label_seq_id_1 
_ndb_struct_na_base_pair_step.j_symmetry_1 
_ndb_struct_na_base_pair_step.i_label_asym_id_2 
_ndb_struct_na_base_pair_step.i_label_comp_id_2 
_ndb_struct_na_base_pair_step.i_label_seq_id_2 
_ndb_struct_na_base_pair_step.i_symmetry_2 
_ndb_struct_na_base_pair_step.j_label_asym_id_2 
_ndb_struct_na_base_pair_step.j_label_comp_id_2 
_ndb_struct_na_base_pair_step.j_label_seq_id_2 
_ndb_struct_na_base_pair_step.j_symmetry_2 
_ndb_struct_na_base_pair_step.shift 
_ndb_struct_na_base_pair_step.slide 
_ndb_struct_na_base_pair_step.rise 
_ndb_struct_na_base_pair_step.tilt 
_ndb_struct_na_base_pair_step.roll 
_ndb_struct_na_base_pair_step.twist 
_ndb_struct_na_base_pair_step.x_displacement 
_ndb_struct_na_base_pair_step.y_displacement 
_ndb_struct_na_base_pair_step.helical_rise 
_ndb_struct_na_base_pair_step.inclination 
_ndb_struct_na_base_pair_step.tip 
_ndb_struct_na_base_pair_step.helical_twist 
_ndb_struct_na_base_pair_step.step_number 
_ndb_struct_na_base_pair_step.step_name 
_ndb_struct_na_base_pair_step.i_auth_asym_id_1 
_ndb_struct_na_base_pair_step.i_auth_seq_id_1 
_ndb_struct_na_base_pair_step.i_PDB_ins_code_1 
_ndb_struct_na_base_pair_step.j_auth_asym_id_1 
_ndb_struct_na_base_pair_step.j_auth_seq_id_1 
_ndb_struct_na_base_pair_step.j_PDB_ins_code_1 
_ndb_struct_na_base_pair_step.i_auth_asym_id_2 
_ndb_struct_na_base_pair_step.i_auth_seq_id_2 
_ndb_struct_na_base_pair_step.i_PDB_ins_code_2 
_ndb_struct_na_base_pair_step.j_auth_asym_id_2 
_ndb_struct_na_base_pair_step.j_auth_seq_id_2 
_ndb_struct_na_base_pair_step.j_PDB_ins_code_2 
1 A DG 1  1_555 B DC 11 1_555 A DA 2  1_555 B DT 10 1_555 -0.595 -0.094 3.182 -0.971 4.906  35.587 -0.834 0.829  3.156 7.978  
1.579  35.926 1  AA_DG1DA2:DT21DC22_BB   A 1  ? B 22 ? A 2  ? B 21 ? 
1 A DA 2  1_555 B DT 10 1_555 A DC 3  1_555 B DG 9  1_555 0.587  -0.608 3.205 2.683  5.260  32.779 -1.914 -0.590 3.109 9.226  
-4.707 33.292 2  AA_DA2DC3:DG20DT21_BB   A 2  ? B 21 ? A 3  ? B 20 ? 
1 A DC 3  1_555 B DG 9  1_555 A DA 4  1_555 B DT 8  1_555 -0.963 -0.638 3.481 -3.236 16.007 30.343 -3.677 1.105  2.882 28.165 
5.694  34.368 3  AA_DC3DA4:DT19DG20_BB   A 3  ? B 20 ? A 4  ? B 19 ? 
1 A DA 4  1_555 B DT 8  1_555 A DG 5  1_555 B DC 7  1_555 1.009  0.134  3.051 -1.827 4.427  28.944 -0.620 -2.357 2.970 8.781  
3.624  29.329 4  AA_DA4DG5:DC18DT19_BB   A 4  ? B 19 ? A 5  ? B 18 ? 
1 A DG 5  1_555 B DC 7  1_555 A DG 6  1_555 B DC 6  1_555 -1.048 -0.599 3.627 -1.246 6.234  34.965 -1.983 1.518  3.506 10.271 
2.053  35.520 5  AA_DG5DG6:DC17DC18_BB   A 5  ? B 18 ? A 6  ? B 17 ? 
1 A DG 6  1_555 B DC 6  1_555 A DA 7  1_555 B DT 5  1_555 -0.464 -0.499 3.090 -5.597 4.784  34.594 -1.490 -0.018 3.032 7.934  
9.281  35.346 6  AA_DG6DA7:DT16DC17_BB   A 6  ? B 17 ? A 7  ? B 16 ? 
1 A DA 7  1_555 B DT 5  1_555 A DT 8  1_555 B DA 4  1_555 -0.136 -0.651 3.201 1.355  4.647  27.763 -2.383 0.583  3.044 9.592  
-2.797 28.174 7  AA_DA7DT8:DA15DT16_BB   A 7  ? B 16 ? A 8  ? B 15 ? 
1 A DT 8  1_555 B DA 4  1_555 A DG 9  1_555 B DC 3  1_555 0.385  -0.528 3.455 -1.729 9.512  38.026 -1.966 -0.788 3.216 14.317 
2.602  39.192 8  AA_DT8DG9:DC14DA15_BB   A 8  ? B 15 ? A 9  ? B 14 ? 
1 A DG 9  1_555 B DC 3  1_555 A DT 10 1_555 B DA 2  1_555 -0.976 -0.504 3.152 -0.411 -1.038 28.883 -0.787 1.867  3.181 -2.079 
0.824  28.905 9  AA_DG9DT10:DA13DC14_BB  A 9  ? B 14 ? A 10 ? B 13 ? 
1 A DT 10 1_555 B DA 2  1_555 A DG 11 1_555 B DC 1  1_555 0.236  0.601  3.017 -0.636 10.043 29.267 -0.729 -0.561 3.047 19.175 
1.215  30.913 10 AA_DT10DG11:DC12DA13_BB A 10 ? B 13 ? A 11 ? B 12 ? 
# 
_pdbx_initial_refinement_model.accession_code   ? 
_pdbx_initial_refinement_model.id               1 
_pdbx_initial_refinement_model.entity_id_list   ? 
_pdbx_initial_refinement_model.type             'experimental model' 
_pdbx_initial_refinement_model.source_name      Other 
_pdbx_initial_refinement_model.details          'SAP-1/E74(DNA) COMPLEX' 
# 
_atom_sites.entry_id                    1BC7 
_atom_sites.fract_transf_matrix[1][1]   0.01224623 
_atom_sites.fract_transf_matrix[1][2]   -0.00267706 
_atom_sites.fract_transf_matrix[1][3]   -0.02762371 
_atom_sites.fract_transf_matrix[2][1]   -0.01157602 
_atom_sites.fract_transf_matrix[2][2]   0.00933579 
_atom_sites.fract_transf_matrix[2][3]   -0.00603666 
_atom_sites.fract_transf_matrix[3][1]   0.01769203 
_atom_sites.fract_transf_matrix[3][2]   0.02010420 
_atom_sites.fract_transf_matrix[3][3]   -0.00283516 
_atom_sites.fract_transf_vector[1]      0.376418 
_atom_sites.fract_transf_vector[2]      -0.053313 
_atom_sites.fract_transf_vector[3]      0.064729 
# 
loop_
_atom_type.symbol 
C 
N 
O 
P 
S 
# 
loop_
_atom_site.group_PDB 
_atom_site.id 
_atom_site.type_symbol 
_atom_site.label_atom_id 
_atom_site.label_alt_id 
_atom_site.label_comp_id 
_atom_site.label_asym_id 
_atom_site.label_entity_id 
_atom_site.label_seq_id 
_atom_site.pdbx_PDB_ins_code 
_atom_site.Cartn_x 
_atom_site.Cartn_y 
_atom_site.Cartn_z 
_atom_site.occupancy 
_atom_site.B_iso_or_equiv 
_atom_site.pdbx_formal_charge 
_atom_site.auth_seq_id 
_atom_site.auth_comp_id 
_atom_site.auth_asym_id 
_atom_site.auth_atom_id 
_atom_site.pdbx_PDB_model_num 
ATOM   1    O "O5'" . DG  A 1 1  ? -2.582  6.668   -18.094 1.00 20.45 ? 1   DG  A "O5'" 1 
ATOM   2    C "C5'" . DG  A 1 1  ? -1.458  6.754   -18.985 1.00 17.40 ? 1   DG  A "C5'" 1 
ATOM   3    C "C4'" . DG  A 1 1  ? -0.358  5.804   -18.573 1.00 19.09 ? 1   DG  A "C4'" 1 
ATOM   4    O "O4'" . DG  A 1 1  ? 0.840   6.174   -19.298 1.00 18.89 ? 1   DG  A "O4'" 1 
ATOM   5    C "C3'" . DG  A 1 1  ? -0.013  5.902   -17.088 1.00 19.10 ? 1   DG  A "C3'" 1 
ATOM   6    O "O3'" . DG  A 1 1  ? 0.165   4.633   -16.464 1.00 22.67 ? 1   DG  A "O3'" 1 
ATOM   7    C "C2'" . DG  A 1 1  ? 1.276   6.689   -17.044 1.00 22.82 ? 1   DG  A "C2'" 1 
ATOM   8    C "C1'" . DG  A 1 1  ? 1.902   6.464   -18.402 1.00 18.96 ? 1   DG  A "C1'" 1 
ATOM   9    N N9    . DG  A 1 1  ? 2.551   7.688   -18.856 1.00 18.89 ? 1   DG  A N9    1 
ATOM   10   C C8    . DG  A 1 1  ? 1.937   8.854   -19.249 1.00 22.99 ? 1   DG  A C8    1 
ATOM   11   N N7    . DG  A 1 1  ? 2.782   9.805   -19.533 1.00 20.93 ? 1   DG  A N7    1 
ATOM   12   C C5    . DG  A 1 1  ? 4.024   9.227   -19.337 1.00 22.31 ? 1   DG  A C5    1 
ATOM   13   C C6    . DG  A 1 1  ? 5.300   9.771   -19.489 1.00 21.16 ? 1   DG  A C6    1 
ATOM   14   O O6    . DG  A 1 1  ? 5.607   10.911  -19.839 1.00 19.18 ? 1   DG  A O6    1 
ATOM   15   N N1    . DG  A 1 1  ? 6.290   8.849   -19.179 1.00 18.98 ? 1   DG  A N1    1 
ATOM   16   C C2    . DG  A 1 1  ? 6.068   7.558   -18.763 1.00 20.20 ? 1   DG  A C2    1 
ATOM   17   N N2    . DG  A 1 1  ? 7.152   6.824   -18.475 1.00 23.20 ? 1   DG  A N2    1 
ATOM   18   N N3    . DG  A 1 1  ? 4.869   7.032   -18.627 1.00 18.29 ? 1   DG  A N3    1 
ATOM   19   C C4    . DG  A 1 1  ? 3.900   7.919   -18.928 1.00 21.77 ? 1   DG  A C4    1 
ATOM   20   P P     . DA  A 1 2  ? 0.147   4.544   -14.856 1.00 20.22 ? 2   DA  A P     1 
ATOM   21   O OP1   . DA  A 1 2  ? -0.535  3.287   -14.446 1.00 18.50 ? 2   DA  A OP1   1 
ATOM   22   O OP2   . DA  A 1 2  ? -0.328  5.853   -14.306 1.00 19.19 ? 2   DA  A OP2   1 
ATOM   23   O "O5'" . DA  A 1 2  ? 1.692   4.443   -14.473 1.00 20.54 ? 2   DA  A "O5'" 1 
ATOM   24   C "C5'" . DA  A 1 2  ? 2.517   3.410   -15.007 1.00 18.50 ? 2   DA  A "C5'" 1 
ATOM   25   C "C4'" . DA  A 1 2  ? 3.921   3.552   -14.472 1.00 21.97 ? 2   DA  A "C4'" 1 
ATOM   26   O "O4'" . DA  A 1 2  ? 4.556   4.704   -15.082 1.00 14.13 ? 2   DA  A "O4'" 1 
ATOM   27   C "C3'" . DA  A 1 2  ? 3.992   3.778   -12.962 1.00 19.19 ? 2   DA  A "C3'" 1 
ATOM   28   O "O3'" . DA  A 1 2  ? 5.095   3.042   -12.416 1.00 17.25 ? 2   DA  A "O3'" 1 
ATOM   29   C "C2'" . DA  A 1 2  ? 4.178   5.282   -12.837 1.00 21.07 ? 2   DA  A "C2'" 1 
ATOM   30   C "C1'" . DA  A 1 2  ? 4.960   5.635   -14.089 1.00 22.91 ? 2   DA  A "C1'" 1 
ATOM   31   N N9    . DA  A 1 2  ? 4.720   6.979   -14.621 1.00 24.94 ? 2   DA  A N9    1 
ATOM   32   C C8    . DA  A 1 2  ? 3.515   7.623   -14.811 1.00 18.94 ? 2   DA  A C8    1 
ATOM   33   N N7    . DA  A 1 2  ? 3.632   8.821   -15.334 1.00 19.51 ? 2   DA  A N7    1 
ATOM   34   C C5    . DA  A 1 2  ? 5.002   8.983   -15.493 1.00 20.06 ? 2   DA  A C5    1 
ATOM   35   C C6    . DA  A 1 2  ? 5.780   10.045  -15.988 1.00 17.91 ? 2   DA  A C6    1 
ATOM   36   N N6    . DA  A 1 2  ? 5.270   11.192  -16.443 1.00 19.08 ? 2   DA  A N6    1 
ATOM   37   N N1    . DA  A 1 2  ? 7.117   9.888   -15.995 1.00 20.50 ? 2   DA  A N1    1 
ATOM   38   C C2    . DA  A 1 2  ? 7.633   8.743   -15.537 1.00 19.87 ? 2   DA  A C2    1 
ATOM   39   N N3    . DA  A 1 2  ? 7.015   7.678   -15.049 1.00 22.40 ? 2   DA  A N3    1 
ATOM   40   C C4    . DA  A 1 2  ? 5.684   7.861   -15.051 1.00 18.60 ? 2   DA  A C4    1 
ATOM   41   P P     . DC  A 1 3  ? 5.340   3.010   -10.835 1.00 20.49 ? 3   DC  A P     1 
ATOM   42   O OP1   . DC  A 1 3  ? 6.112   1.785   -10.544 1.00 17.05 ? 3   DC  A OP1   1 
ATOM   43   O OP2   . DC  A 1 3  ? 4.081   3.272   -10.111 1.00 20.45 ? 3   DC  A OP2   1 
ATOM   44   O "O5'" . DC  A 1 3  ? 6.306   4.252   -10.601 1.00 16.39 ? 3   DC  A "O5'" 1 
ATOM   45   C "C5'" . DC  A 1 3  ? 7.384   4.501   -11.505 1.00 22.46 ? 3   DC  A "C5'" 1 
ATOM   46   C "C4'" . DC  A 1 3  ? 8.201   5.691   -11.056 1.00 19.80 ? 3   DC  A "C4'" 1 
ATOM   47   O "O4'" . DC  A 1 3  ? 7.807   6.846   -11.835 1.00 18.34 ? 3   DC  A "O4'" 1 
ATOM   48   C "C3'" . DC  A 1 3  ? 8.106   6.108   -9.584  1.00 22.70 ? 3   DC  A "C3'" 1 
ATOM   49   O "O3'" . DC  A 1 3  ? 9.431   6.324   -9.070  1.00 18.28 ? 3   DC  A "O3'" 1 
ATOM   50   C "C2'" . DC  A 1 3  ? 7.327   7.415   -9.628  1.00 15.25 ? 3   DC  A "C2'" 1 
ATOM   51   C "C1'" . DC  A 1 3  ? 7.698   7.977   -10.994 1.00 20.13 ? 3   DC  A "C1'" 1 
ATOM   52   N N1    . DC  A 1 3  ? 6.727   8.914   -11.609 1.00 19.44 ? 3   DC  A N1    1 
ATOM   53   C C2    . DC  A 1 3  ? 7.209   10.045  -12.325 1.00 18.43 ? 3   DC  A C2    1 
ATOM   54   O O2    . DC  A 1 3  ? 8.433   10.226  -12.440 1.00 21.00 ? 3   DC  A O2    1 
ATOM   55   N N3    . DC  A 1 3  ? 6.319   10.907  -12.874 1.00 20.22 ? 3   DC  A N3    1 
ATOM   56   C C4    . DC  A 1 3  ? 5.006   10.687  -12.742 1.00 18.96 ? 3   DC  A C4    1 
ATOM   57   N N4    . DC  A 1 3  ? 4.167   11.556  -13.315 1.00 21.34 ? 3   DC  A N4    1 
ATOM   58   C C5    . DC  A 1 3  ? 4.495   9.561   -12.026 1.00 20.46 ? 3   DC  A C5    1 
ATOM   59   C C6    . DC  A 1 3  ? 5.380   8.707   -11.487 1.00 17.58 ? 3   DC  A C6    1 
ATOM   60   P P     . DA  A 1 4  ? 9.655   6.683   -7.516  1.00 20.73 ? 4   DA  A P     1 
ATOM   61   O OP1   . DA  A 1 4  ? 10.771  5.865   -6.991  1.00 21.58 ? 4   DA  A OP1   1 
ATOM   62   O OP2   . DA  A 1 4  ? 8.356   6.674   -6.807  1.00 21.11 ? 4   DA  A OP2   1 
ATOM   63   O "O5'" . DA  A 1 4  ? 10.171  8.186   -7.586  1.00 19.78 ? 4   DA  A "O5'" 1 
ATOM   64   C "C5'" . DA  A 1 4  ? 11.395  8.490   -8.238  1.00 21.85 ? 4   DA  A "C5'" 1 
ATOM   65   C "C4'" . DA  A 1 4  ? 11.761  9.939   -8.025  1.00 19.73 ? 4   DA  A "C4'" 1 
ATOM   66   O "O4'" . DA  A 1 4  ? 10.981  10.802  -8.891  1.00 19.07 ? 4   DA  A "O4'" 1 
ATOM   67   C "C3'" . DA  A 1 4  ? 11.564  10.446  -6.596  1.00 19.72 ? 4   DA  A "C3'" 1 
ATOM   68   O "O3'" . DA  A 1 4  ? 12.734  11.160  -6.180  1.00 24.12 ? 4   DA  A "O3'" 1 
ATOM   69   C "C2'" . DA  A 1 4  ? 10.320  11.319  -6.687  1.00 22.40 ? 4   DA  A "C2'" 1 
ATOM   70   C "C1'" . DA  A 1 4  ? 10.329  11.812  -8.130  1.00 17.04 ? 4   DA  A "C1'" 1 
ATOM   71   N N9    . DA  A 1 4  ? 9.008   12.033  -8.734  1.00 20.69 ? 4   DA  A N9    1 
ATOM   72   C C8    . DA  A 1 4  ? 7.930   11.174  -8.745  1.00 20.23 ? 4   DA  A C8    1 
ATOM   73   N N7    . DA  A 1 4  ? 6.881   11.646  -9.379  1.00 21.49 ? 4   DA  A N7    1 
ATOM   74   C C5    . DA  A 1 4  ? 7.290   12.901  -9.811  1.00 17.24 ? 4   DA  A C5    1 
ATOM   75   C C6    . DA  A 1 4  ? 6.632   13.910  -10.535 1.00 20.34 ? 4   DA  A C6    1 
ATOM   76   N N6    . DA  A 1 4  ? 5.371   13.823  -10.949 1.00 20.16 ? 4   DA  A N6    1 
ATOM   77   N N1    . DA  A 1 4  ? 7.326   15.033  -10.812 1.00 23.62 ? 4   DA  A N1    1 
ATOM   78   C C2    . DA  A 1 4  ? 8.592   15.135  -10.373 1.00 20.71 ? 4   DA  A C2    1 
ATOM   79   N N3    . DA  A 1 4  ? 9.312   14.268  -9.672  1.00 16.72 ? 4   DA  A N3    1 
ATOM   80   C C4    . DA  A 1 4  ? 8.598   13.154  -9.421  1.00 18.87 ? 4   DA  A C4    1 
ATOM   81   P P     . DG  A 1 5  ? 12.936  11.541  -4.635  1.00 22.94 ? 5   DG  A P     1 
ATOM   82   O OP1   . DG  A 1 5  ? 14.394  11.723  -4.412  1.00 17.85 ? 5   DG  A OP1   1 
ATOM   83   O OP2   . DG  A 1 5  ? 12.175  10.611  -3.759  1.00 19.59 ? 5   DG  A OP2   1 
ATOM   84   O "O5'" . DG  A 1 5  ? 12.245  12.970  -4.552  1.00 23.05 ? 5   DG  A "O5'" 1 
ATOM   85   C "C5'" . DG  A 1 5  ? 12.740  14.043  -5.345  1.00 19.15 ? 5   DG  A "C5'" 1 
ATOM   86   C "C4'" . DG  A 1 5  ? 11.824  15.236  -5.249  1.00 19.59 ? 5   DG  A "C4'" 1 
ATOM   87   O "O4'" . DG  A 1 5  ? 10.594  14.999  -5.968  1.00 18.56 ? 5   DG  A "O4'" 1 
ATOM   88   C "C3'" . DG  A 1 5  ? 11.414  15.654  -3.838  1.00 21.94 ? 5   DG  A "C3'" 1 
ATOM   89   O "O3'" . DG  A 1 5  ? 11.368  17.078  -3.835  1.00 18.97 ? 5   DG  A "O3'" 1 
ATOM   90   C "C2'" . DG  A 1 5  ? 9.994   15.130  -3.731  1.00 17.87 ? 5   DG  A "C2'" 1 
ATOM   91   C "C1'" . DG  A 1 5  ? 9.529   15.408  -5.147  1.00 16.67 ? 5   DG  A "C1'" 1 
ATOM   92   N N9    . DG  A 1 5  ? 8.310   14.766  -5.622  1.00 20.46 ? 5   DG  A N9    1 
ATOM   93   C C8    . DG  A 1 5  ? 7.808   13.527  -5.302  1.00 21.49 ? 5   DG  A C8    1 
ATOM   94   N N7    . DG  A 1 5  ? 6.681   13.263  -5.905  1.00 20.63 ? 5   DG  A N7    1 
ATOM   95   C C5    . DG  A 1 5  ? 6.426   14.395  -6.663  1.00 18.45 ? 5   DG  A C5    1 
ATOM   96   C C6    . DG  A 1 5  ? 5.344   14.698  -7.516  1.00 18.67 ? 5   DG  A C6    1 
ATOM   97   O O6    . DG  A 1 5  ? 4.355   14.006  -7.768  1.00 18.02 ? 5   DG  A O6    1 
ATOM   98   N N1    . DG  A 1 5  ? 5.488   15.955  -8.102  1.00 19.34 ? 5   DG  A N1    1 
ATOM   99   C C2    . DG  A 1 5  ? 6.546   16.815  -7.884  1.00 17.26 ? 5   DG  A C2    1 
ATOM   100  N N2    . DG  A 1 5  ? 6.532   17.982  -8.543  1.00 19.92 ? 5   DG  A N2    1 
ATOM   101  N N3    . DG  A 1 5  ? 7.555   16.543  -7.077  1.00 20.10 ? 5   DG  A N3    1 
ATOM   102  C C4    . DG  A 1 5  ? 7.429   15.326  -6.504  1.00 18.14 ? 5   DG  A C4    1 
ATOM   103  P P     . DG  A 1 6  ? 11.743  17.897  -2.523  1.00 20.32 ? 6   DG  A P     1 
ATOM   104  O OP1   . DG  A 1 6  ? 13.218  17.885  -2.356  1.00 21.28 ? 6   DG  A OP1   1 
ATOM   105  O OP2   . DG  A 1 6  ? 10.877  17.412  -1.423  1.00 21.65 ? 6   DG  A OP2   1 
ATOM   106  O "O5'" . DG  A 1 6  ? 11.295  19.377  -2.916  1.00 18.94 ? 6   DG  A "O5'" 1 
ATOM   107  C "C5'" . DG  A 1 6  ? 11.619  19.931  -4.200  1.00 21.08 ? 6   DG  A "C5'" 1 
ATOM   108  C "C4'" . DG  A 1 6  ? 10.536  20.884  -4.660  1.00 19.76 ? 6   DG  A "C4'" 1 
ATOM   109  O "O4'" . DG  A 1 6  ? 9.406   20.187  -5.245  1.00 18.03 ? 6   DG  A "O4'" 1 
ATOM   110  C "C3'" . DG  A 1 6  ? 9.957   21.776  -3.566  1.00 16.65 ? 6   DG  A "C3'" 1 
ATOM   111  O "O3'" . DG  A 1 6  ? 9.756   23.105  -4.067  1.00 17.88 ? 6   DG  A "O3'" 1 
ATOM   112  C "C2'" . DG  A 1 6  ? 8.624   21.117  -3.242  1.00 20.51 ? 6   DG  A "C2'" 1 
ATOM   113  C "C1'" . DG  A 1 6  ? 8.202   20.586  -4.597  1.00 20.99 ? 6   DG  A "C1'" 1 
ATOM   114  N N9    . DG  A 1 6  ? 7.308   19.430  -4.554  1.00 20.81 ? 6   DG  A N9    1 
ATOM   115  C C8    . DG  A 1 6  ? 7.549   18.214  -3.956  1.00 20.43 ? 6   DG  A C8    1 
ATOM   116  N N7    . DG  A 1 6  ? 6.565   17.369  -4.104  1.00 19.81 ? 6   DG  A N7    1 
ATOM   117  C C5    . DG  A 1 6  ? 5.613   18.066  -4.838  1.00 22.30 ? 6   DG  A C5    1 
ATOM   118  C C6    . DG  A 1 6  ? 4.325   17.664  -5.295  1.00 18.16 ? 6   DG  A C6    1 
ATOM   119  O O6    . DG  A 1 6  ? 3.755   16.584  -5.137  1.00 15.29 ? 6   DG  A O6    1 
ATOM   120  N N1    . DG  A 1 6  ? 3.688   18.685  -6.000  1.00 16.60 ? 6   DG  A N1    1 
ATOM   121  C C2    . DG  A 1 6  ? 4.219   19.932  -6.229  1.00 21.89 ? 6   DG  A C2    1 
ATOM   122  N N2    . DG  A 1 6  ? 3.453   20.782  -6.926  1.00 19.04 ? 6   DG  A N2    1 
ATOM   123  N N3    . DG  A 1 6  ? 5.413   20.317  -5.805  1.00 17.53 ? 6   DG  A N3    1 
ATOM   124  C C4    . DG  A 1 6  ? 6.051   19.342  -5.121  1.00 20.98 ? 6   DG  A C4    1 
ATOM   125  P P     . DA  A 1 7  ? 9.281   24.267  -3.066  1.00 20.47 ? 7   DA  A P     1 
ATOM   126  O OP1   . DA  A 1 7  ? 10.055  25.482  -3.424  1.00 19.78 ? 7   DA  A OP1   1 
ATOM   127  O OP2   . DA  A 1 7  ? 9.303   23.773  -1.664  1.00 19.04 ? 7   DA  A OP2   1 
ATOM   128  O "O5'" . DA  A 1 7  ? 7.744   24.463  -3.422  1.00 19.88 ? 7   DA  A "O5'" 1 
ATOM   129  C "C5'" . DA  A 1 7  ? 7.339   24.912  -4.706  1.00 20.11 ? 7   DA  A "C5'" 1 
ATOM   130  C "C4'" . DA  A 1 7  ? 5.868   25.241  -4.694  1.00 19.30 ? 7   DA  A "C4'" 1 
ATOM   131  O "O4'" . DA  A 1 7  ? 5.080   24.030  -4.766  1.00 23.45 ? 7   DA  A "O4'" 1 
ATOM   132  C "C3'" . DA  A 1 7  ? 5.409   25.984  -3.438  1.00 18.50 ? 7   DA  A "C3'" 1 
ATOM   133  O "O3'" . DA  A 1 7  ? 4.539   27.057  -3.812  1.00 18.85 ? 7   DA  A "O3'" 1 
ATOM   134  C "C2'" . DA  A 1 7  ? 4.712   24.909  -2.614  1.00 21.59 ? 7   DA  A "C2'" 1 
ATOM   135  C "C1'" . DA  A 1 7  ? 4.177   23.955  -3.674  1.00 20.73 ? 7   DA  A "C1'" 1 
ATOM   136  N N9    . DA  A 1 7  ? 4.097   22.549  -3.264  1.00 16.97 ? 7   DA  A N9    1 
ATOM   137  C C8    . DA  A 1 7  ? 5.055   21.799  -2.618  1.00 22.88 ? 7   DA  A C8    1 
ATOM   138  N N7    . DA  A 1 7  ? 4.690   20.561  -2.382  1.00 18.99 ? 7   DA  A N7    1 
ATOM   139  C C5    . DA  A 1 7  ? 3.407   20.485  -2.910  1.00 18.11 ? 7   DA  A C5    1 
ATOM   140  C C6    . DA  A 1 7  ? 2.470   19.427  -2.990  1.00 18.96 ? 7   DA  A C6    1 
ATOM   141  N N6    . DA  A 1 7  ? 2.685   18.196  -2.518  1.00 17.80 ? 7   DA  A N6    1 
ATOM   142  N N1    . DA  A 1 7  ? 1.287   19.688  -3.583  1.00 19.72 ? 7   DA  A N1    1 
ATOM   143  C C2    . DA  A 1 7  ? 1.066   20.917  -4.066  1.00 20.73 ? 7   DA  A C2    1 
ATOM   144  N N3    . DA  A 1 7  ? 1.859   21.983  -4.055  1.00 20.00 ? 7   DA  A N3    1 
ATOM   145  C C4    . DA  A 1 7  ? 3.029   21.701  -3.456  1.00 25.99 ? 7   DA  A C4    1 
ATOM   146  P P     . DT  A 1 8  ? 4.027   28.110  -2.706  1.00 20.31 ? 8   DT  A P     1 
ATOM   147  O OP1   . DT  A 1 8  ? 3.755   29.389  -3.420  1.00 22.63 ? 8   DT  A OP1   1 
ATOM   148  O OP2   . DT  A 1 8  ? 4.930   28.107  -1.522  1.00 20.59 ? 8   DT  A OP2   1 
ATOM   149  O "O5'" . DT  A 1 8  ? 2.632   27.481  -2.302  1.00 20.59 ? 8   DT  A "O5'" 1 
ATOM   150  C "C5'" . DT  A 1 8  ? 1.669   27.244  -3.306  1.00 21.07 ? 8   DT  A "C5'" 1 
ATOM   151  C "C4'" . DT  A 1 8  ? 0.443   26.603  -2.715  1.00 22.63 ? 8   DT  A "C4'" 1 
ATOM   152  O "O4'" . DT  A 1 8  ? 0.689   25.199  -2.489  1.00 18.15 ? 8   DT  A "O4'" 1 
ATOM   153  C "C3'" . DT  A 1 8  ? -0.073  27.178  -1.392  1.00 19.51 ? 8   DT  A "C3'" 1 
ATOM   154  O "O3'" . DT  A 1 8  ? -1.454  27.504  -1.566  1.00 16.38 ? 8   DT  A "O3'" 1 
ATOM   155  C "C2'" . DT  A 1 8  ? 0.098   26.026  -0.405  1.00 19.72 ? 8   DT  A "C2'" 1 
ATOM   156  C "C1'" . DT  A 1 8  ? 0.030   24.807  -1.306  1.00 19.64 ? 8   DT  A "C1'" 1 
ATOM   157  N N1    . DT  A 1 8  ? 0.662   23.551  -0.830  1.00 19.97 ? 8   DT  A N1    1 
ATOM   158  C C2    . DT  A 1 8  ? -0.068  22.384  -0.970  1.00 21.54 ? 8   DT  A C2    1 
ATOM   159  O O2    . DT  A 1 8  ? -1.187  22.343  -1.457  1.00 18.53 ? 8   DT  A O2    1 
ATOM   160  N N3    . DT  A 1 8  ? 0.569   21.253  -0.519  1.00 21.55 ? 8   DT  A N3    1 
ATOM   161  C C4    . DT  A 1 8  ? 1.831   21.164  0.041   1.00 18.97 ? 8   DT  A C4    1 
ATOM   162  O O4    . DT  A 1 8  ? 2.267   20.071  0.396   1.00 18.37 ? 8   DT  A O4    1 
ATOM   163  C C5    . DT  A 1 8  ? 2.543   22.417  0.154   1.00 16.88 ? 8   DT  A C5    1 
ATOM   164  C C7    . DT  A 1 8  ? 3.922   22.411  0.739   1.00 20.74 ? 8   DT  A C7    1 
ATOM   165  C C6    . DT  A 1 8  ? 1.933   23.534  -0.278  1.00 22.18 ? 8   DT  A C6    1 
ATOM   166  P P     . DG  A 1 9  ? -2.279  28.249  -0.404  1.00 22.32 ? 9   DG  A P     1 
ATOM   167  O OP1   . DG  A 1 9  ? -3.071  29.315  -1.088  1.00 18.48 ? 9   DG  A OP1   1 
ATOM   168  O OP2   . DG  A 1 9  ? -1.396  28.609  0.740   1.00 19.22 ? 9   DG  A OP2   1 
ATOM   169  O "O5'" . DG  A 1 9  ? -3.273  27.118  0.098   1.00 21.18 ? 9   DG  A "O5'" 1 
ATOM   170  C "C5'" . DG  A 1 9  ? -3.993  26.336  -0.848  1.00 19.76 ? 9   DG  A "C5'" 1 
ATOM   171  C "C4'" . DG  A 1 9  ? -4.727  25.208  -0.161  1.00 19.55 ? 9   DG  A "C4'" 1 
ATOM   172  O "O4'" . DG  A 1 9  ? -3.879  24.046  0.022   1.00 23.54 ? 9   DG  A "O4'" 1 
ATOM   173  C "C3'" . DG  A 1 9  ? -5.310  25.551  1.211   1.00 18.81 ? 9   DG  A "C3'" 1 
ATOM   174  O "O3'" . DG  A 1 9  ? -6.690  25.179  1.260   1.00 20.64 ? 9   DG  A "O3'" 1 
ATOM   175  C "C2'" . DG  A 1 9  ? -4.485  24.719  2.181   1.00 19.40 ? 9   DG  A "C2'" 1 
ATOM   176  C "C1'" . DG  A 1 9  ? -4.056  23.529  1.332   1.00 19.03 ? 9   DG  A "C1'" 1 
ATOM   177  N N9    . DG  A 1 9  ? -2.789  22.936  1.746   1.00 20.40 ? 9   DG  A N9    1 
ATOM   178  C C8    . DG  A 1 9  ? -1.590  23.590  1.926   1.00 20.25 ? 9   DG  A C8    1 
ATOM   179  N N7    . DG  A 1 9  ? -0.628  22.800  2.317   1.00 19.68 ? 9   DG  A N7    1 
ATOM   180  C C5    . DG  A 1 9  ? -1.222  21.546  2.393   1.00 21.03 ? 9   DG  A C5    1 
ATOM   181  C C6    . DG  A 1 9  ? -0.670  20.297  2.765   1.00 18.55 ? 9   DG  A C6    1 
ATOM   182  O O6    . DG  A 1 9  ? 0.495   20.040  3.098   1.00 21.81 ? 9   DG  A O6    1 
ATOM   183  N N1    . DG  A 1 9  ? -1.628  19.287  2.720   1.00 19.67 ? 9   DG  A N1    1 
ATOM   184  C C2    . DG  A 1 9  ? -2.949  19.461  2.358   1.00 20.97 ? 9   DG  A C2    1 
ATOM   185  N N2    . DG  A 1 9  ? -3.730  18.377  2.387   1.00 21.06 ? 9   DG  A N2    1 
ATOM   186  N N3    . DG  A 1 9  ? -3.466  20.617  1.996   1.00 19.12 ? 9   DG  A N3    1 
ATOM   187  C C4    . DG  A 1 9  ? -2.556  21.612  2.041   1.00 19.52 ? 9   DG  A C4    1 
ATOM   188  P P     . DT  A 1 10 ? -7.559  25.522  2.565   1.00 19.69 ? 10  DT  A P     1 
ATOM   189  O OP1   . DT  A 1 10 ? -8.883  26.046  2.135   1.00 18.72 ? 10  DT  A OP1   1 
ATOM   190  O OP2   . DT  A 1 10 ? -6.705  26.324  3.494   1.00 18.47 ? 10  DT  A OP2   1 
ATOM   191  O "O5'" . DT  A 1 10 ? -7.786  24.084  3.210   1.00 22.07 ? 10  DT  A "O5'" 1 
ATOM   192  C "C5'" . DT  A 1 10 ? -8.194  22.982  2.401   1.00 19.35 ? 10  DT  A "C5'" 1 
ATOM   193  C "C4'" . DT  A 1 10 ? -8.365  21.751  3.259   1.00 22.43 ? 10  DT  A "C4'" 1 
ATOM   194  O "O4'" . DT  A 1 10 ? -7.080  21.137  3.525   1.00 23.20 ? 10  DT  A "O4'" 1 
ATOM   195  C "C3'" . DT  A 1 10 ? -8.997  22.039  4.620   1.00 18.49 ? 10  DT  A "C3'" 1 
ATOM   196  O "O3'" . DT  A 1 10 ? -10.014 21.078  4.895   1.00 20.21 ? 10  DT  A "O3'" 1 
ATOM   197  C "C2'" . DT  A 1 10 ? -7.840  21.923  5.601   1.00 20.12 ? 10  DT  A "C2'" 1 
ATOM   198  C "C1'" . DT  A 1 10 ? -6.917  20.922  4.918   1.00 21.16 ? 10  DT  A "C1'" 1 
ATOM   199  N N1    . DT  A 1 10 ? -5.468  21.043  5.227   1.00 21.25 ? 10  DT  A N1    1 
ATOM   200  C C2    . DT  A 1 10 ? -4.749  19.882  5.482   1.00 20.78 ? 10  DT  A C2    1 
ATOM   201  O O2    . DT  A 1 10 ? -5.248  18.766  5.495   1.00 21.58 ? 10  DT  A O2    1 
ATOM   202  N N3    . DT  A 1 10 ? -3.413  20.078  5.722   1.00 22.48 ? 10  DT  A N3    1 
ATOM   203  C C4    . DT  A 1 10 ? -2.729  21.280  5.730   1.00 20.90 ? 10  DT  A C4    1 
ATOM   204  O O4    . DT  A 1 10 ? -1.506  21.292  5.935   1.00 18.82 ? 10  DT  A O4    1 
ATOM   205  C C5    . DT  A 1 10 ? -3.542  22.456  5.477   1.00 21.27 ? 10  DT  A C5    1 
ATOM   206  C C7    . DT  A 1 10 ? -2.892  23.805  5.488   1.00 19.30 ? 10  DT  A C7    1 
ATOM   207  C C6    . DT  A 1 10 ? -4.852  22.280  5.243   1.00 21.95 ? 10  DT  A C6    1 
ATOM   208  P P     . DG  A 1 11 ? -11.147 21.409  5.978   1.00 20.10 ? 11  DG  A P     1 
ATOM   209  O OP1   . DG  A 1 11 ? -12.453 20.941  5.434   1.00 19.88 ? 11  DG  A OP1   1 
ATOM   210  O OP2   . DG  A 1 11 ? -10.985 22.835  6.404   1.00 20.20 ? 11  DG  A OP2   1 
ATOM   211  O "O5'" . DG  A 1 11 ? -10.763 20.461  7.198   1.00 20.17 ? 11  DG  A "O5'" 1 
ATOM   212  C "C5'" . DG  A 1 11 ? -10.815 19.040  7.055   1.00 25.51 ? 11  DG  A "C5'" 1 
ATOM   213  C "C4'" . DG  A 1 11 ? -10.178 18.365  8.249   1.00 17.96 ? 11  DG  A "C4'" 1 
ATOM   214  O "O4'" . DG  A 1 11 ? -8.742  18.564  8.217   1.00 20.01 ? 11  DG  A "O4'" 1 
ATOM   215  C "C3'" . DG  A 1 11 ? -10.651 18.882  9.609   1.00 19.44 ? 11  DG  A "C3'" 1 
ATOM   216  O "O3'" . DG  A 1 11 ? -10.744 17.789  10.530  1.00 23.52 ? 11  DG  A "O3'" 1 
ATOM   217  C "C2'" . DG  A 1 11 ? -9.527  19.815  10.032  1.00 16.67 ? 11  DG  A "C2'" 1 
ATOM   218  C "C1'" . DG  A 1 11 ? -8.317  19.097  9.462   1.00 21.89 ? 11  DG  A "C1'" 1 
ATOM   219  N N9    . DG  A 1 11 ? -7.121  19.902  9.228   1.00 15.47 ? 11  DG  A N9    1 
ATOM   220  C C8    . DG  A 1 11 ? -7.049  21.246  8.953   1.00 21.70 ? 11  DG  A C8    1 
ATOM   221  N N7    . DG  A 1 11 ? -5.824  21.670  8.793   1.00 18.53 ? 11  DG  A N7    1 
ATOM   222  C C5    . DG  A 1 11 ? -5.040  20.541  8.974   1.00 17.11 ? 11  DG  A C5    1 
ATOM   223  C C6    . DG  A 1 11 ? -3.635  20.389  8.943   1.00 17.86 ? 11  DG  A C6    1 
ATOM   224  O O6    . DG  A 1 11 ? -2.773  21.250  8.734   1.00 19.07 ? 11  DG  A O6    1 
ATOM   225  N N1    . DG  A 1 11 ? -3.258  19.073  9.198   1.00 18.15 ? 11  DG  A N1    1 
ATOM   226  C C2    . DG  A 1 11 ? -4.125  18.039  9.461   1.00 19.47 ? 11  DG  A C2    1 
ATOM   227  N N2    . DG  A 1 11 ? -3.581  16.835  9.706   1.00 19.08 ? 11  DG  A N2    1 
ATOM   228  N N3    . DG  A 1 11 ? -5.437  18.170  9.488   1.00 23.00 ? 11  DG  A N3    1 
ATOM   229  C C4    . DG  A 1 11 ? -5.824  19.440  9.243   1.00 19.70 ? 11  DG  A C4    1 
ATOM   230  O "O5'" . DC  B 2 1  ? 4.737   15.997  11.133  1.00 19.85 ? 12  DC  B "O5'" 1 
ATOM   231  C "C5'" . DC  B 2 1  ? 4.446   15.556  12.458  1.00 17.38 ? 12  DC  B "C5'" 1 
ATOM   232  C "C4'" . DC  B 2 1  ? 3.113   14.856  12.423  1.00 18.43 ? 12  DC  B "C4'" 1 
ATOM   233  O "O4'" . DC  B 2 1  ? 2.079   15.839  12.209  1.00 19.02 ? 12  DC  B "O4'" 1 
ATOM   234  C "C3'" . DC  B 2 1  ? 2.968   13.854  11.281  1.00 20.64 ? 12  DC  B "C3'" 1 
ATOM   235  O "O3'" . DC  B 2 1  ? 2.127   12.788  11.710  1.00 17.80 ? 12  DC  B "O3'" 1 
ATOM   236  C "C2'" . DC  B 2 1  ? 2.288   14.657  10.189  1.00 20.72 ? 12  DC  B "C2'" 1 
ATOM   237  C "C1'" . DC  B 2 1  ? 1.404   15.598  10.984  1.00 19.53 ? 12  DC  B "C1'" 1 
ATOM   238  N N1    . DC  B 2 1  ? 1.158   16.904  10.360  1.00 20.93 ? 12  DC  B N1    1 
ATOM   239  C C2    . DC  B 2 1  ? -0.147  17.235  10.008  1.00 19.98 ? 12  DC  B C2    1 
ATOM   240  O O2    . DC  B 2 1  ? -1.039  16.385  10.164  1.00 21.08 ? 12  DC  B O2    1 
ATOM   241  N N3    . DC  B 2 1  ? -0.405  18.472  9.503   1.00 18.52 ? 12  DC  B N3    1 
ATOM   242  C C4    . DC  B 2 1  ? 0.595   19.344  9.331   1.00 23.24 ? 12  DC  B C4    1 
ATOM   243  N N4    . DC  B 2 1  ? 0.297   20.561  8.861   1.00 20.87 ? 12  DC  B N4    1 
ATOM   244  C C5    . DC  B 2 1  ? 1.946   19.010  9.642   1.00 23.30 ? 12  DC  B C5    1 
ATOM   245  C C6    . DC  B 2 1  ? 2.179   17.792  10.149  1.00 19.25 ? 12  DC  B C6    1 
ATOM   246  P P     . DA  B 2 2  ? 2.380   11.307  11.150  1.00 21.10 ? 13  DA  B P     1 
ATOM   247  O OP1   . DA  B 2 2  ? 1.924   10.355  12.206  1.00 17.73 ? 13  DA  B OP1   1 
ATOM   248  O OP2   . DA  B 2 2  ? 3.776   11.240  10.632  1.00 20.34 ? 13  DA  B OP2   1 
ATOM   249  O "O5'" . DA  B 2 2  ? 1.373   11.211  9.924   1.00 18.86 ? 13  DA  B "O5'" 1 
ATOM   250  C "C5'" . DA  B 2 2  ? -0.021  11.012  10.144  1.00 18.95 ? 13  DA  B "C5'" 1 
ATOM   251  C "C4'" . DA  B 2 2  ? -0.772  11.170  8.845   1.00 18.32 ? 13  DA  B "C4'" 1 
ATOM   252  O "O4'" . DA  B 2 2  ? -0.882  12.573  8.513   1.00 21.25 ? 13  DA  B "O4'" 1 
ATOM   253  C "C3'" . DA  B 2 2  ? -0.107  10.497  7.639   1.00 17.87 ? 13  DA  B "C3'" 1 
ATOM   254  O "O3'" . DA  B 2 2  ? -1.108  9.849   6.845   1.00 18.11 ? 13  DA  B "O3'" 1 
ATOM   255  C "C2'" . DA  B 2 2  ? 0.510   11.663  6.885   1.00 23.07 ? 13  DA  B "C2'" 1 
ATOM   256  C "C1'" . DA  B 2 2  ? -0.502  12.757  7.165   1.00 19.68 ? 13  DA  B "C1'" 1 
ATOM   257  N N9    . DA  B 2 2  ? -0.058  14.142  6.991   1.00 18.67 ? 13  DA  B N9    1 
ATOM   258  C C8    . DA  B 2 2  ? 1.217   14.656  7.033   1.00 19.40 ? 13  DA  B C8    1 
ATOM   259  N N7    . DA  B 2 2  ? 1.275   15.946  6.801   1.00 20.63 ? 13  DA  B N7    1 
ATOM   260  C C5    . DA  B 2 2  ? -0.051  16.308  6.601   1.00 21.57 ? 13  DA  B C5    1 
ATOM   261  C C6    . DA  B 2 2  ? -0.662  17.541  6.305   1.00 21.94 ? 13  DA  B C6    1 
ATOM   262  N N6    . DA  B 2 2  ? 0.009   18.681  6.141   1.00 21.12 ? 13  DA  B N6    1 
ATOM   263  N N1    . DA  B 2 2  ? -2.008  17.560  6.176   1.00 18.87 ? 13  DA  B N1    1 
ATOM   264  C C2    . DA  B 2 2  ? -2.684  16.415  6.331   1.00 21.00 ? 13  DA  B C2    1 
ATOM   265  N N3    . DA  B 2 2  ? -2.226  15.196  6.601   1.00 20.15 ? 13  DA  B N3    1 
ATOM   266  C C4    . DA  B 2 2  ? -0.883  15.210  6.726   1.00 24.39 ? 13  DA  B C4    1 
ATOM   267  P P     . DC  B 2 3  ? -0.684  8.734   5.772   1.00 21.12 ? 14  DC  B P     1 
ATOM   268  O OP1   . DC  B 2 3  ? -1.957  8.089   5.383   1.00 17.34 ? 14  DC  B OP1   1 
ATOM   269  O OP2   . DC  B 2 3  ? 0.409   7.917   6.340   1.00 22.21 ? 14  DC  B OP2   1 
ATOM   270  O "O5'" . DC  B 2 3  ? -0.074  9.581   4.574   1.00 16.21 ? 14  DC  B "O5'" 1 
ATOM   271  C "C5'" . DC  B 2 3  ? -0.811  9.821   3.377   1.00 20.54 ? 14  DC  B "C5'" 1 
ATOM   272  C "C4'" . DC  B 2 3  ? -1.943  10.790  3.635   1.00 20.59 ? 14  DC  B "C4'" 1 
ATOM   273  O "O4'" . DC  B 2 3  ? -1.436  12.027  4.196   1.00 21.42 ? 14  DC  B "O4'" 1 
ATOM   274  C "C3'" . DC  B 2 3  ? -2.695  11.170  2.362   1.00 21.45 ? 14  DC  B "C3'" 1 
ATOM   275  O "O3'" . DC  B 2 3  ? -4.107  11.039  2.513   1.00 20.76 ? 14  DC  B "O3'" 1 
ATOM   276  C "C2'" . DC  B 2 3  ? -2.306  12.610  2.105   1.00 21.86 ? 14  DC  B "C2'" 1 
ATOM   277  C "C1'" . DC  B 2 3  ? -1.960  13.135  3.482   1.00 21.83 ? 14  DC  B "C1'" 1 
ATOM   278  N N1    . DC  B 2 3  ? -0.931  14.199  3.433   1.00 19.40 ? 14  DC  B N1    1 
ATOM   279  C C2    . DC  B 2 3  ? -1.355  15.531  3.319   1.00 19.01 ? 14  DC  B C2    1 
ATOM   280  O O2    . DC  B 2 3  ? -2.564  15.778  3.322   1.00 21.01 ? 14  DC  B O2    1 
ATOM   281  N N3    . DC  B 2 3  ? -0.433  16.517  3.216   1.00 20.18 ? 14  DC  B N3    1 
ATOM   282  C C4    . DC  B 2 3  ? 0.868   16.218  3.245   1.00 15.74 ? 14  DC  B C4    1 
ATOM   283  N N4    . DC  B 2 3  ? 1.744   17.225  3.155   1.00 17.36 ? 14  DC  B N4    1 
ATOM   284  C C5    . DC  B 2 3  ? 1.331   14.868  3.378   1.00 23.38 ? 14  DC  B C5    1 
ATOM   285  C C6    . DC  B 2 3  ? 0.405   13.901  3.470   1.00 21.00 ? 14  DC  B C6    1 
ATOM   286  P P     . DA  B 2 4  ? -4.997  10.670  1.229   1.00 19.37 ? 15  DA  B P     1 
ATOM   287  O OP1   . DA  B 2 4  ? -6.265  10.061  1.697   1.00 18.06 ? 15  DA  B OP1   1 
ATOM   288  O OP2   . DA  B 2 4  ? -4.150  9.939   0.248   1.00 22.01 ? 15  DA  B OP2   1 
ATOM   289  O "O5'" . DA  B 2 4  ? -5.318  12.095  0.602   1.00 22.65 ? 15  DA  B "O5'" 1 
ATOM   290  C "C5'" . DA  B 2 4  ? -6.342  12.907  1.156   1.00 20.09 ? 15  DA  B "C5'" 1 
ATOM   291  C "C4'" . DA  B 2 4  ? -6.584  14.103  0.274   1.00 23.17 ? 15  DA  B "C4'" 1 
ATOM   292  O "O4'" . DA  B 2 4  ? -5.495  15.037  0.419   1.00 20.79 ? 15  DA  B "O4'" 1 
ATOM   293  C "C3'" . DA  B 2 4  ? -6.687  13.793  -1.217  1.00 19.28 ? 15  DA  B "C3'" 1 
ATOM   294  O "O3'" . DA  B 2 4  ? -7.752  14.578  -1.763  1.00 17.71 ? 15  DA  B "O3'" 1 
ATOM   295  C "C2'" . DA  B 2 4  ? -5.329  14.210  -1.761  1.00 21.62 ? 15  DA  B "C2'" 1 
ATOM   296  C "C1'" . DA  B 2 4  ? -4.943  15.359  -0.842  1.00 19.74 ? 15  DA  B "C1'" 1 
ATOM   297  N N9    . DA  B 2 4  ? -3.507  15.567  -0.644  1.00 22.06 ? 15  DA  B N9    1 
ATOM   298  C C8    . DA  B 2 4  ? -2.563  14.617  -0.364  1.00 22.60 ? 15  DA  B C8    1 
ATOM   299  N N7    . DA  B 2 4  ? -1.355  15.100  -0.209  1.00 20.74 ? 15  DA  B N7    1 
ATOM   300  C C5    . DA  B 2 4  ? -1.510  16.463  -0.402  1.00 20.84 ? 15  DA  B C5    1 
ATOM   301  C C6    . DA  B 2 4  ? -0.599  17.534  -0.363  1.00 19.00 ? 15  DA  B C6    1 
ATOM   302  N N6    . DA  B 2 4  ? 0.705   17.390  -0.105  1.00 21.37 ? 15  DA  B N6    1 
ATOM   303  N N1    . DA  B 2 4  ? -1.078  18.775  -0.599  1.00 21.46 ? 15  DA  B N1    1 
ATOM   304  C C2    . DA  B 2 4  ? -2.385  18.917  -0.857  1.00 19.71 ? 15  DA  B C2    1 
ATOM   305  N N3    . DA  B 2 4  ? -3.339  17.989  -0.921  1.00 21.92 ? 15  DA  B N3    1 
ATOM   306  C C4    . DA  B 2 4  ? -2.832  16.766  -0.680  1.00 21.11 ? 15  DA  B C4    1 
ATOM   307  P P     . DT  B 2 5  ? -8.248  14.334  -3.270  1.00 19.43 ? 16  DT  B P     1 
ATOM   308  O OP1   . DT  B 2 5  ? -9.700  14.681  -3.307  1.00 20.87 ? 16  DT  B OP1   1 
ATOM   309  O OP2   . DT  B 2 5  ? -7.810  12.985  -3.711  1.00 24.11 ? 16  DT  B OP2   1 
ATOM   310  O "O5'" . DT  B 2 5  ? -7.435  15.444  -4.061  1.00 21.56 ? 16  DT  B "O5'" 1 
ATOM   311  C "C5'" . DT  B 2 5  ? -7.512  16.794  -3.620  1.00 16.63 ? 16  DT  B "C5'" 1 
ATOM   312  C "C4'" . DT  B 2 5  ? -6.567  17.677  -4.392  1.00 22.00 ? 16  DT  B "C4'" 1 
ATOM   313  O "O4'" . DT  B 2 5  ? -5.230  17.641  -3.849  1.00 19.79 ? 16  DT  B "O4'" 1 
ATOM   314  C "C3'" . DT  B 2 5  ? -6.441  17.412  -5.892  1.00 17.16 ? 16  DT  B "C3'" 1 
ATOM   315  O "O3'" . DT  B 2 5  ? -6.774  18.615  -6.582  1.00 15.11 ? 16  DT  B "O3'" 1 
ATOM   316  C "C2'" . DT  B 2 5  ? -4.967  17.074  -6.079  1.00 19.14 ? 16  DT  B "C2'" 1 
ATOM   317  C "C1'" . DT  B 2 5  ? -4.314  17.796  -4.913  1.00 16.68 ? 16  DT  B "C1'" 1 
ATOM   318  N N1    . DT  B 2 5  ? -2.989  17.290  -4.463  1.00 18.40 ? 16  DT  B N1    1 
ATOM   319  C C2    . DT  B 2 5  ? -1.970  18.209  -4.286  1.00 20.69 ? 16  DT  B C2    1 
ATOM   320  O O2    . DT  B 2 5  ? -2.109  19.412  -4.465  1.00 19.27 ? 16  DT  B O2    1 
ATOM   321  N N3    . DT  B 2 5  ? -0.773  17.666  -3.883  1.00 24.24 ? 16  DT  B N3    1 
ATOM   322  C C4    . DT  B 2 5  ? -0.492  16.338  -3.633  1.00 22.07 ? 16  DT  B C4    1 
ATOM   323  O O4    . DT  B 2 5  ? 0.640   16.013  -3.258  1.00 18.15 ? 16  DT  B O4    1 
ATOM   324  C C5    . DT  B 2 5  ? -1.604  15.427  -3.837  1.00 22.56 ? 16  DT  B C5    1 
ATOM   325  C C7    . DT  B 2 5  ? -1.403  13.962  -3.604  1.00 16.55 ? 16  DT  B C7    1 
ATOM   326  C C6    . DT  B 2 5  ? -2.779  15.944  -4.234  1.00 19.13 ? 16  DT  B C6    1 
ATOM   327  P P     . DC  B 2 6  ? -7.045  18.595  -8.164  1.00 15.74 ? 17  DC  B P     1 
ATOM   328  O OP1   . DC  B 2 6  ? -8.207  19.496  -8.389  1.00 24.69 ? 17  DC  B OP1   1 
ATOM   329  O OP2   . DC  B 2 6  ? -7.087  17.190  -8.654  1.00 19.86 ? 17  DC  B OP2   1 
ATOM   330  O "O5'" . DC  B 2 6  ? -5.758  19.330  -8.721  1.00 21.74 ? 17  DC  B "O5'" 1 
ATOM   331  C "C5'" . DC  B 2 6  ? -5.270  20.465  -8.023  1.00 21.32 ? 17  DC  B "C5'" 1 
ATOM   332  C "C4'" . DC  B 2 6  ? -3.910  20.861  -8.533  1.00 23.90 ? 17  DC  B "C4'" 1 
ATOM   333  O "O4'" . DC  B 2 6  ? -2.888  20.195  -7.753  1.00 20.25 ? 17  DC  B "O4'" 1 
ATOM   334  C "C3'" . DC  B 2 6  ? -3.622  20.547  -10.002 1.00 16.96 ? 17  DC  B "C3'" 1 
ATOM   335  O "O3'" . DC  B 2 6  ? -3.214  21.755  -10.654 1.00 20.69 ? 17  DC  B "O3'" 1 
ATOM   336  C "C2'" . DC  B 2 6  ? -2.494  19.523  -9.945  1.00 21.50 ? 17  DC  B "C2'" 1 
ATOM   337  C "C1'" . DC  B 2 6  ? -1.829  19.833  -8.608  1.00 21.65 ? 17  DC  B "C1'" 1 
ATOM   338  N N1    . DC  B 2 6  ? -1.078  18.727  -7.970  1.00 20.51 ? 17  DC  B N1    1 
ATOM   339  C C2    . DC  B 2 6  ? 0.156   19.009  -7.360  1.00 21.20 ? 17  DC  B C2    1 
ATOM   340  O O2    . DC  B 2 6  ? 0.564   20.176  -7.334  1.00 19.48 ? 17  DC  B O2    1 
ATOM   341  N N3    . DC  B 2 6  ? 0.871   17.999  -6.814  1.00 19.90 ? 17  DC  B N3    1 
ATOM   342  C C4    . DC  B 2 6  ? 0.402   16.748  -6.852  1.00 20.15 ? 17  DC  B C4    1 
ATOM   343  N N4    . DC  B 2 6  ? 1.152   15.782  -6.321  1.00 21.39 ? 17  DC  B N4    1 
ATOM   344  C C5    . DC  B 2 6  ? -0.858  16.435  -7.443  1.00 21.27 ? 17  DC  B C5    1 
ATOM   345  C C6    . DC  B 2 6  ? -1.558  17.445  -7.983  1.00 19.86 ? 17  DC  B C6    1 
ATOM   346  P P     . DC  B 2 7  ? -2.797  21.736  -12.201 1.00 18.57 ? 18  DC  B P     1 
ATOM   347  O OP1   . DC  B 2 7  ? -3.237  23.019  -12.797 1.00 24.08 ? 18  DC  B OP1   1 
ATOM   348  O OP2   . DC  B 2 7  ? -3.221  20.449  -12.819 1.00 21.80 ? 18  DC  B OP2   1 
ATOM   349  O "O5'" . DC  B 2 7  ? -1.214  21.757  -12.139 1.00 17.89 ? 18  DC  B "O5'" 1 
ATOM   350  C "C5'" . DC  B 2 7  ? -0.563  22.501  -11.116 1.00 20.35 ? 18  DC  B "C5'" 1 
ATOM   351  C "C4'" . DC  B 2 7  ? 0.934   22.442  -11.288 1.00 19.11 ? 18  DC  B "C4'" 1 
ATOM   352  O "O4'" . DC  B 2 7  ? 1.438   21.420  -10.397 1.00 19.00 ? 18  DC  B "O4'" 1 
ATOM   353  C "C3'" . DC  B 2 7  ? 1.403   22.076  -12.699 1.00 19.04 ? 18  DC  B "C3'" 1 
ATOM   354  O "O3'" . DC  B 2 7  ? 2.427   22.956  -13.153 1.00 21.14 ? 18  DC  B "O3'" 1 
ATOM   355  C "C2'" . DC  B 2 7  ? 1.957   20.672  -12.553 1.00 20.42 ? 18  DC  B "C2'" 1 
ATOM   356  C "C1'" . DC  B 2 7  ? 2.350   20.586  -11.085 1.00 17.72 ? 18  DC  B "C1'" 1 
ATOM   357  N N1    . DC  B 2 7  ? 2.221   19.211  -10.557 1.00 18.82 ? 18  DC  B N1    1 
ATOM   358  C C2    . DC  B 2 7  ? 3.331   18.616  -9.930  1.00 18.26 ? 18  DC  B C2    1 
ATOM   359  O O2    . DC  B 2 7  ? 4.353   19.291  -9.736  1.00 22.29 ? 18  DC  B O2    1 
ATOM   360  N N3    . DC  B 2 7  ? 3.251   17.320  -9.552  1.00 17.01 ? 18  DC  B N3    1 
ATOM   361  C C4    . DC  B 2 7  ? 2.129   16.627  -9.774  1.00 18.28 ? 18  DC  B C4    1 
ATOM   362  N N4    . DC  B 2 7  ? 2.125   15.340  -9.456  1.00 22.70 ? 18  DC  B N4    1 
ATOM   363  C C5    . DC  B 2 7  ? 0.973   17.223  -10.351 1.00 20.16 ? 18  DC  B C5    1 
ATOM   364  C C6    . DC  B 2 7  ? 1.059   18.505  -10.716 1.00 21.47 ? 18  DC  B C6    1 
ATOM   365  P P     . DT  B 2 8  ? 2.999   22.809  -14.644 1.00 22.17 ? 19  DT  B P     1 
ATOM   366  O OP1   . DT  B 2 8  ? 2.858   24.120  -15.331 1.00 19.68 ? 19  DT  B OP1   1 
ATOM   367  O OP2   . DT  B 2 8  ? 2.437   21.587  -15.287 1.00 16.10 ? 19  DT  B OP2   1 
ATOM   368  O "O5'" . DT  B 2 8  ? 4.553   22.563  -14.400 1.00 17.83 ? 19  DT  B "O5'" 1 
ATOM   369  C "C5'" . DT  B 2 8  ? 5.320   23.456  -13.591 1.00 19.48 ? 19  DT  B "C5'" 1 
ATOM   370  C "C4'" . DT  B 2 8  ? 6.726   22.927  -13.434 1.00 17.15 ? 19  DT  B "C4'" 1 
ATOM   371  O "O4'" . DT  B 2 8  ? 6.658   21.671  -12.715 1.00 19.00 ? 19  DT  B "O4'" 1 
ATOM   372  C "C3'" . DT  B 2 8  ? 7.411   22.609  -14.765 1.00 16.50 ? 19  DT  B "C3'" 1 
ATOM   373  O "O3'" . DT  B 2 8  ? 8.833   22.830  -14.671 1.00 21.74 ? 19  DT  B "O3'" 1 
ATOM   374  C "C2'" . DT  B 2 8  ? 7.101   21.135  -14.954 1.00 16.84 ? 19  DT  B "C2'" 1 
ATOM   375  C "C1'" . DT  B 2 8  ? 7.183   20.623  -13.524 1.00 18.25 ? 19  DT  B "C1'" 1 
ATOM   376  N N1    . DT  B 2 8  ? 6.402   19.390  -13.255 1.00 19.04 ? 19  DT  B N1    1 
ATOM   377  C C2    . DT  B 2 8  ? 6.958   18.419  -12.439 1.00 16.74 ? 19  DT  B C2    1 
ATOM   378  O O2    . DT  B 2 8  ? 8.063   18.525  -11.913 1.00 15.59 ? 19  DT  B O2    1 
ATOM   379  N N3    . DT  B 2 8  ? 6.162   17.309  -12.255 1.00 20.89 ? 19  DT  B N3    1 
ATOM   380  C C4    . DT  B 2 8  ? 4.903   17.083  -12.781 1.00 24.43 ? 19  DT  B C4    1 
ATOM   381  O O4    . DT  B 2 8  ? 4.308   16.040  -12.520 1.00 19.98 ? 19  DT  B O4    1 
ATOM   382  C C5    . DT  B 2 8  ? 4.386   18.138  -13.617 1.00 20.63 ? 19  DT  B C5    1 
ATOM   383  C C7    . DT  B 2 8  ? 3.028   17.983  -14.225 1.00 19.55 ? 19  DT  B C7    1 
ATOM   384  C C6    . DT  B 2 8  ? 5.148   19.219  -13.811 1.00 18.18 ? 19  DT  B C6    1 
ATOM   385  P P     . DG  B 2 9  ? 9.713   23.042  -16.015 1.00 19.59 ? 20  DG  B P     1 
ATOM   386  O OP1   . DG  B 2 9  ? 10.801  24.035  -15.736 1.00 20.77 ? 20  DG  B OP1   1 
ATOM   387  O OP2   . DG  B 2 9  ? 8.778   23.262  -17.157 1.00 20.06 ? 20  DG  B OP2   1 
ATOM   388  O "O5'" . DG  B 2 9  ? 10.420  21.636  -16.275 1.00 19.04 ? 20  DG  B "O5'" 1 
ATOM   389  C "C5'" . DG  B 2 9  ? 9.904   20.467  -15.677 1.00 16.59 ? 20  DG  B "C5'" 1 
ATOM   390  C "C4'" . DG  B 2 9  ? 11.003  19.473  -15.413 1.00 21.66 ? 20  DG  B "C4'" 1 
ATOM   391  O "O4'" . DG  B 2 9  ? 10.392  18.424  -14.628 1.00 18.90 ? 20  DG  B "O4'" 1 
ATOM   392  C "C3'" . DG  B 2 9  ? 11.517  18.811  -16.684 1.00 19.86 ? 20  DG  B "C3'" 1 
ATOM   393  O "O3'" . DG  B 2 9  ? 12.892  18.423  -16.569 1.00 18.38 ? 20  DG  B "O3'" 1 
ATOM   394  C "C2'" . DG  B 2 9  ? 10.625  17.596  -16.827 1.00 18.71 ? 20  DG  B "C2'" 1 
ATOM   395  C "C1'" . DG  B 2 9  ? 10.290  17.235  -15.389 1.00 19.25 ? 20  DG  B "C1'" 1 
ATOM   396  N N9    . DG  B 2 9  ? 8.929   16.728  -15.257 1.00 18.51 ? 20  DG  B N9    1 
ATOM   397  C C8    . DG  B 2 9  ? 7.776   17.268  -15.783 1.00 19.56 ? 20  DG  B C8    1 
ATOM   398  N N7    . DG  B 2 9  ? 6.731   16.515  -15.591 1.00 19.33 ? 20  DG  B N7    1 
ATOM   399  C C5    . DG  B 2 9  ? 7.219   15.426  -14.877 1.00 22.05 ? 20  DG  B C5    1 
ATOM   400  C C6    . DG  B 2 9  ? 6.564   14.256  -14.414 1.00 19.68 ? 20  DG  B C6    1 
ATOM   401  O O6    . DG  B 2 9  ? 5.385   13.920  -14.572 1.00 20.65 ? 20  DG  B O6    1 
ATOM   402  N N1    . DG  B 2 9  ? 7.437   13.423  -13.719 1.00 18.06 ? 20  DG  B N1    1 
ATOM   403  C C2    . DG  B 2 9  ? 8.777   13.669  -13.514 1.00 19.61 ? 20  DG  B C2    1 
ATOM   404  N N2    . DG  B 2 9  ? 9.469   12.747  -12.818 1.00 20.71 ? 20  DG  B N2    1 
ATOM   405  N N3    . DG  B 2 9  ? 9.398   14.741  -13.963 1.00 19.24 ? 20  DG  B N3    1 
ATOM   406  C C4    . DG  B 2 9  ? 8.566   15.569  -14.631 1.00 21.05 ? 20  DG  B C4    1 
ATOM   407  P P     . DT  B 2 10 ? 13.609  17.648  -17.795 1.00 17.38 ? 21  DT  B P     1 
ATOM   408  O OP1   . DT  B 2 10 ? 15.007  18.153  -17.938 1.00 19.39 ? 21  DT  B OP1   1 
ATOM   409  O OP2   . DT  B 2 10 ? 12.693  17.657  -18.979 1.00 20.18 ? 21  DT  B OP2   1 
ATOM   410  O "O5'" . DT  B 2 10 ? 13.662  16.130  -17.314 1.00 21.62 ? 21  DT  B "O5'" 1 
ATOM   411  C "C5'" . DT  B 2 10 ? 14.255  15.764  -16.069 1.00 17.80 ? 21  DT  B "C5'" 1 
ATOM   412  C "C4'" . DT  B 2 10 ? 14.207  14.263  -15.891 1.00 20.95 ? 21  DT  B "C4'" 1 
ATOM   413  O "O4'" . DT  B 2 10 ? 12.847  13.846  -15.604 1.00 17.48 ? 21  DT  B "O4'" 1 
ATOM   414  C "C3'" . DT  B 2 10 ? 14.659  13.473  -17.124 1.00 21.01 ? 21  DT  B "C3'" 1 
ATOM   415  O "O3'" . DT  B 2 10 ? 15.551  12.409  -16.753 1.00 21.50 ? 21  DT  B "O3'" 1 
ATOM   416  C "C2'" . DT  B 2 10 ? 13.363  12.946  -17.716 1.00 19.94 ? 21  DT  B "C2'" 1 
ATOM   417  C "C1'" . DT  B 2 10 ? 12.458  12.811  -16.500 1.00 18.56 ? 21  DT  B "C1'" 1 
ATOM   418  N N1    . DT  B 2 10 ? 11.005  12.956  -16.795 1.00 19.04 ? 21  DT  B N1    1 
ATOM   419  C C2    . DT  B 2 10 ? 10.150  11.943  -16.389 1.00 26.13 ? 21  DT  B C2    1 
ATOM   420  O O2    . DT  B 2 10 ? 10.515  10.939  -15.802 1.00 18.62 ? 21  DT  B O2    1 
ATOM   421  N N3    . DT  B 2 10 ? 8.841   12.143  -16.713 1.00 18.63 ? 21  DT  B N3    1 
ATOM   422  C C4    . DT  B 2 10 ? 8.299   13.207  -17.398 1.00 22.03 ? 21  DT  B C4    1 
ATOM   423  O O4    . DT  B 2 10 ? 7.088   13.236  -17.622 1.00 17.47 ? 21  DT  B O4    1 
ATOM   424  C C5    . DT  B 2 10 ? 9.243   14.225  -17.804 1.00 18.17 ? 21  DT  B C5    1 
ATOM   425  C C7    . DT  B 2 10 ? 8.744   15.408  -18.576 1.00 21.44 ? 21  DT  B C7    1 
ATOM   426  C C6    . DT  B 2 10 ? 10.528  14.060  -17.474 1.00 24.84 ? 21  DT  B C6    1 
ATOM   427  P P     . DC  B 2 11 ? 16.456  11.682  -17.874 1.00 37.35 ? 22  DC  B P     1 
ATOM   428  O OP1   . DC  B 2 11 ? 17.776  11.403  -17.254 1.00 38.06 ? 22  DC  B OP1   1 
ATOM   429  O OP2   . DC  B 2 11 ? 16.396  12.446  -19.148 1.00 38.25 ? 22  DC  B OP2   1 
ATOM   430  O "O5'" . DC  B 2 11 ? 15.695  10.302  -18.110 1.00 36.21 ? 22  DC  B "O5'" 1 
ATOM   431  C "C5'" . DC  B 2 11 ? 15.027  9.648   -17.025 1.00 34.43 ? 22  DC  B "C5'" 1 
ATOM   432  C "C4'" . DC  B 2 11 ? 14.194  8.487   -17.520 1.00 32.71 ? 22  DC  B "C4'" 1 
ATOM   433  O "O4'" . DC  B 2 11 ? 12.802  8.882   -17.614 1.00 30.33 ? 22  DC  B "O4'" 1 
ATOM   434  C "C3'" . DC  B 2 11 ? 14.569  7.902   -18.885 1.00 31.32 ? 22  DC  B "C3'" 1 
ATOM   435  O "O3'" . DC  B 2 11 ? 14.296  6.509   -18.887 1.00 32.70 ? 22  DC  B "O3'" 1 
ATOM   436  C "C2'" . DC  B 2 11 ? 13.514  8.481   -19.807 1.00 30.62 ? 22  DC  B "C2'" 1 
ATOM   437  C "C1'" . DC  B 2 11 ? 12.299  8.529   -18.887 1.00 28.59 ? 22  DC  B "C1'" 1 
ATOM   438  N N1    . DC  B 2 11 ? 11.253  9.502   -19.263 1.00 25.60 ? 22  DC  B N1    1 
ATOM   439  C C2    . DC  B 2 11 ? 9.903   9.169   -19.039 1.00 24.07 ? 22  DC  B C2    1 
ATOM   440  O O2    . DC  B 2 11 ? 9.623   8.092   -18.480 1.00 23.27 ? 22  DC  B O2    1 
ATOM   441  N N3    . DC  B 2 11 ? 8.939   10.032  -19.440 1.00 22.71 ? 22  DC  B N3    1 
ATOM   442  C C4    . DC  B 2 11 ? 9.276   11.184  -20.035 1.00 22.69 ? 22  DC  B C4    1 
ATOM   443  N N4    . DC  B 2 11 ? 8.295   11.988  -20.443 1.00 22.88 ? 22  DC  B N4    1 
ATOM   444  C C5    . DC  B 2 11 ? 10.634  11.559  -20.244 1.00 22.12 ? 22  DC  B C5    1 
ATOM   445  C C6    . DC  B 2 11 ? 11.580  10.700  -19.843 1.00 24.61 ? 22  DC  B C6    1 
ATOM   446  N N     . MET C 3 1  ? -14.674 2.033   10.139  1.00 46.68 ? 1   MET C N     1 
ATOM   447  C CA    . MET C 3 1  ? -15.081 3.062   11.139  1.00 46.55 ? 1   MET C CA    1 
ATOM   448  C C     . MET C 3 1  ? -13.954 4.073   11.419  1.00 45.62 ? 1   MET C C     1 
ATOM   449  O O     . MET C 3 1  ? -14.130 5.271   11.201  1.00 45.36 ? 1   MET C O     1 
ATOM   450  C CB    . MET C 3 1  ? -15.531 2.381   12.446  1.00 47.19 ? 1   MET C CB    1 
ATOM   451  C CG    . MET C 3 1  ? -17.061 2.274   12.610  1.00 48.85 ? 1   MET C CG    1 
ATOM   452  S SD    . MET C 3 1  ? -17.728 0.772   13.469  1.00 50.63 ? 1   MET C SD    1 
ATOM   453  C CE    . MET C 3 1  ? -16.936 -0.577  12.560  1.00 48.98 ? 1   MET C CE    1 
ATOM   454  N N     . ASP C 3 2  ? -12.801 3.595   11.891  1.00 44.39 ? 2   ASP C N     1 
ATOM   455  C CA    . ASP C 3 2  ? -11.663 4.478   12.200  1.00 43.14 ? 2   ASP C CA    1 
ATOM   456  C C     . ASP C 3 2  ? -11.161 5.215   10.956  1.00 41.95 ? 2   ASP C C     1 
ATOM   457  O O     . ASP C 3 2  ? -10.492 4.633   10.111  1.00 41.07 ? 2   ASP C O     1 
ATOM   458  C CB    . ASP C 3 2  ? -10.517 3.658   12.819  1.00 43.66 ? 2   ASP C CB    1 
ATOM   459  C CG    . ASP C 3 2  ? -9.254  4.485   13.056  1.00 44.49 ? 2   ASP C CG    1 
ATOM   460  O OD1   . ASP C 3 2  ? -9.355  5.730   13.129  1.00 44.83 ? 2   ASP C OD1   1 
ATOM   461  O OD2   . ASP C 3 2  ? -8.158  3.888   13.172  1.00 43.87 ? 2   ASP C OD2   1 
ATOM   462  N N     . SER C 3 3  ? -11.471 6.505   10.851  1.00 41.37 ? 3   SER C N     1 
ATOM   463  C CA    . SER C 3 3  ? -11.054 7.273   9.679   1.00 40.77 ? 3   SER C CA    1 
ATOM   464  C C     . SER C 3 3  ? -9.645  7.845   9.774   1.00 39.22 ? 3   SER C C     1 
ATOM   465  O O     . SER C 3 3  ? -9.175  8.513   8.846   1.00 39.78 ? 3   SER C O     1 
ATOM   466  C CB    . SER C 3 3  ? -12.051 8.399   9.395   1.00 41.61 ? 3   SER C CB    1 
ATOM   467  O OG    . SER C 3 3  ? -12.723 8.161   8.163   1.00 43.83 ? 3   SER C OG    1 
ATOM   468  N N     . ALA C 3 4  ? -8.971  7.572   10.888  1.00 36.19 ? 4   ALA C N     1 
ATOM   469  C CA    . ALA C 3 4  ? -7.610  8.049   11.097  1.00 32.72 ? 4   ALA C CA    1 
ATOM   470  C C     . ALA C 3 4  ? -6.577  7.108   10.463  1.00 30.61 ? 4   ALA C C     1 
ATOM   471  O O     . ALA C 3 4  ? -5.398  7.425   10.402  1.00 31.04 ? 4   ALA C O     1 
ATOM   472  C CB    . ALA C 3 4  ? -7.343  8.195   12.584  1.00 32.58 ? 4   ALA C CB    1 
ATOM   473  N N     . ILE C 3 5  ? -7.028  5.951   9.996   1.00 28.19 ? 5   ILE C N     1 
ATOM   474  C CA    . ILE C 3 5  ? -6.150  4.963   9.374   1.00 24.79 ? 5   ILE C CA    1 
ATOM   475  C C     . ILE C 3 5  ? -5.138  5.623   8.430   1.00 23.71 ? 5   ILE C C     1 
ATOM   476  O O     . ILE C 3 5  ? -5.464  6.612   7.764   1.00 23.14 ? 5   ILE C O     1 
ATOM   477  C CB    . ILE C 3 5  ? -6.996  3.938   8.581   1.00 24.76 ? 5   ILE C CB    1 
ATOM   478  C CG1   . ILE C 3 5  ? -6.170  2.691   8.257   1.00 23.85 ? 5   ILE C CG1   1 
ATOM   479  C CG2   . ILE C 3 5  ? -7.527  4.578   7.297   1.00 24.98 ? 5   ILE C CG2   1 
ATOM   480  C CD1   . ILE C 3 5  ? -6.932  1.644   7.462   1.00 21.03 ? 5   ILE C CD1   1 
ATOM   481  N N     . THR C 3 6  ? -3.910  5.094   8.395   1.00 21.30 ? 6   THR C N     1 
ATOM   482  C CA    . THR C 3 6  ? -2.871  5.619   7.498   1.00 19.17 ? 6   THR C CA    1 
ATOM   483  C C     . THR C 3 6  ? -2.866  4.733   6.254   1.00 17.81 ? 6   THR C C     1 
ATOM   484  O O     . THR C 3 6  ? -3.464  3.653   6.257   1.00 18.35 ? 6   THR C O     1 
ATOM   485  C CB    . THR C 3 6  ? -1.456  5.567   8.117   1.00 18.30 ? 6   THR C CB    1 
ATOM   486  O OG1   . THR C 3 6  ? -1.126  4.210   8.423   1.00 19.01 ? 6   THR C OG1   1 
ATOM   487  C CG2   . THR C 3 6  ? -1.381  6.409   9.377   1.00 16.71 ? 6   THR C CG2   1 
ATOM   488  N N     . LEU C 3 7  ? -2.187  5.180   5.200   1.00 16.54 ? 7   LEU C N     1 
ATOM   489  C CA    . LEU C 3 7  ? -2.133  4.422   3.953   1.00 14.92 ? 7   LEU C CA    1 
ATOM   490  C C     . LEU C 3 7  ? -1.385  3.104   4.103   1.00 15.22 ? 7   LEU C C     1 
ATOM   491  O O     . LEU C 3 7  ? -1.817  2.079   3.581   1.00 15.42 ? 7   LEU C O     1 
ATOM   492  C CB    . LEU C 3 7  ? -1.485  5.260   2.839   1.00 13.18 ? 7   LEU C CB    1 
ATOM   493  C CG    . LEU C 3 7  ? -1.276  4.582   1.481   1.00 11.50 ? 7   LEU C CG    1 
ATOM   494  C CD1   . LEU C 3 7  ? -2.592  3.959   1.000   1.00 11.54 ? 7   LEU C CD1   1 
ATOM   495  C CD2   . LEU C 3 7  ? -0.766  5.585   0.462   1.00 9.26  ? 7   LEU C CD2   1 
ATOM   496  N N     . TRP C 3 8  ? -0.267  3.125   4.814   1.00 15.43 ? 8   TRP C N     1 
ATOM   497  C CA    . TRP C 3 8  ? 0.504   1.911   4.986   1.00 16.14 ? 8   TRP C CA    1 
ATOM   498  C C     . TRP C 3 8  ? -0.270  0.865   5.783   1.00 15.76 ? 8   TRP C C     1 
ATOM   499  O O     . TRP C 3 8  ? -0.248  -0.314  5.438   1.00 16.16 ? 8   TRP C O     1 
ATOM   500  C CB    . TRP C 3 8  ? 1.866   2.230   5.628   1.00 17.73 ? 8   TRP C CB    1 
ATOM   501  C CG    . TRP C 3 8  ? 1.816   2.764   7.025   1.00 19.19 ? 8   TRP C CG    1 
ATOM   502  C CD1   . TRP C 3 8  ? 1.902   4.072   7.408   1.00 18.23 ? 8   TRP C CD1   1 
ATOM   503  C CD2   . TRP C 3 8  ? 1.729   1.993   8.233   1.00 20.01 ? 8   TRP C CD2   1 
ATOM   504  N NE1   . TRP C 3 8  ? 1.875   4.163   8.778   1.00 19.25 ? 8   TRP C NE1   1 
ATOM   505  C CE2   . TRP C 3 8  ? 1.771   2.903   9.310   1.00 20.60 ? 8   TRP C CE2   1 
ATOM   506  C CE3   . TRP C 3 8  ? 1.624   0.620   8.507   1.00 21.85 ? 8   TRP C CE3   1 
ATOM   507  C CZ2   . TRP C 3 8  ? 1.709   2.486   10.650  1.00 21.77 ? 8   TRP C CZ2   1 
ATOM   508  C CZ3   . TRP C 3 8  ? 1.564   0.203   9.839   1.00 21.19 ? 8   TRP C CZ3   1 
ATOM   509  C CH2   . TRP C 3 8  ? 1.606   1.136   10.894  1.00 22.56 ? 8   TRP C CH2   1 
ATOM   510  N N     . GLN C 3 9  ? -0.980  1.288   6.825   1.00 16.47 ? 9   GLN C N     1 
ATOM   511  C CA    . GLN C 3 9  ? -1.771  0.355   7.634   1.00 18.09 ? 9   GLN C CA    1 
ATOM   512  C C     . GLN C 3 9  ? -2.858  -0.271  6.751   1.00 18.16 ? 9   GLN C C     1 
ATOM   513  O O     . GLN C 3 9  ? -3.070  -1.488  6.764   1.00 17.00 ? 9   GLN C O     1 
ATOM   514  C CB    . GLN C 3 9  ? -2.420  1.084   8.812   1.00 20.12 ? 9   GLN C CB    1 
ATOM   515  C CG    . GLN C 3 9  ? -2.180  0.432   10.170  1.00 25.84 ? 9   GLN C CG    1 
ATOM   516  C CD    . GLN C 3 9  ? -3.166  -0.702  10.481  1.00 28.57 ? 9   GLN C CD    1 
ATOM   517  O OE1   . GLN C 3 9  ? -3.935  -0.625  11.448  1.00 31.95 ? 9   GLN C OE1   1 
ATOM   518  N NE2   . GLN C 3 9  ? -3.141  -1.762  9.665   1.00 29.05 ? 9   GLN C NE2   1 
ATOM   519  N N     . PHE C 3 10 ? -3.535  0.581   5.983   1.00 17.15 ? 10  PHE C N     1 
ATOM   520  C CA    . PHE C 3 10 ? -4.590  0.157   5.073   1.00 16.43 ? 10  PHE C CA    1 
ATOM   521  C C     . PHE C 3 10 ? -4.067  -0.847  4.032   1.00 15.98 ? 10  PHE C C     1 
ATOM   522  O O     . PHE C 3 10 ? -4.733  -1.838  3.714   1.00 14.57 ? 10  PHE C O     1 
ATOM   523  C CB    . PHE C 3 10 ? -5.172  1.384   4.369   1.00 16.98 ? 10  PHE C CB    1 
ATOM   524  C CG    . PHE C 3 10 ? -6.259  1.061   3.395   1.00 17.45 ? 10  PHE C CG    1 
ATOM   525  C CD1   . PHE C 3 10 ? -7.527  0.715   3.841   1.00 18.52 ? 10  PHE C CD1   1 
ATOM   526  C CD2   . PHE C 3 10 ? -6.015  1.090   2.031   1.00 18.45 ? 10  PHE C CD2   1 
ATOM   527  C CE1   . PHE C 3 10 ? -8.534  0.403   2.940   1.00 18.64 ? 10  PHE C CE1   1 
ATOM   528  C CE2   . PHE C 3 10 ? -7.022  0.779   1.121   1.00 18.55 ? 10  PHE C CE2   1 
ATOM   529  C CZ    . PHE C 3 10 ? -8.279  0.435   1.579   1.00 18.02 ? 10  PHE C CZ    1 
ATOM   530  N N     . LEU C 3 11 ? -2.886  -0.573  3.483   1.00 15.90 ? 11  LEU C N     1 
ATOM   531  C CA    . LEU C 3 11 ? -2.293  -1.464  2.496   1.00 15.72 ? 11  LEU C CA    1 
ATOM   532  C C     . LEU C 3 11 ? -1.934  -2.791  3.168   1.00 16.52 ? 11  LEU C C     1 
ATOM   533  O O     . LEU C 3 11 ? -2.064  -3.862  2.575   1.00 15.39 ? 11  LEU C O     1 
ATOM   534  C CB    . LEU C 3 11 ? -1.057  -0.820  1.868   1.00 13.90 ? 11  LEU C CB    1 
ATOM   535  C CG    . LEU C 3 11 ? -1.352  0.343   0.905   1.00 14.83 ? 11  LEU C CG    1 
ATOM   536  C CD1   . LEU C 3 11 ? -0.067  0.838   0.269   1.00 12.33 ? 11  LEU C CD1   1 
ATOM   537  C CD2   . LEU C 3 11 ? -2.336  -0.107  -0.163  1.00 12.11 ? 11  LEU C CD2   1 
ATOM   538  N N     . LEU C 3 12 ? -1.501  -2.717  4.417   1.00 17.93 ? 12  LEU C N     1 
ATOM   539  C CA    . LEU C 3 12 ? -1.160  -3.920  5.160   1.00 19.91 ? 12  LEU C CA    1 
ATOM   540  C C     . LEU C 3 12 ? -2.426  -4.758  5.316   1.00 19.85 ? 12  LEU C C     1 
ATOM   541  O O     . LEU C 3 12 ? -2.411  -5.971  5.123   1.00 19.65 ? 12  LEU C O     1 
ATOM   542  C CB    . LEU C 3 12 ? -0.609  -3.546  6.540   1.00 21.90 ? 12  LEU C CB    1 
ATOM   543  C CG    . LEU C 3 12 ? 0.701   -4.178  7.030   1.00 23.04 ? 12  LEU C CG    1 
ATOM   544  C CD1   . LEU C 3 12 ? 1.632   -4.471  5.863   1.00 22.40 ? 12  LEU C CD1   1 
ATOM   545  C CD2   . LEU C 3 12 ? 1.365   -3.231  8.018   1.00 23.41 ? 12  LEU C CD2   1 
ATOM   546  N N     . GLN C 3 13 ? -3.522  -4.099  5.679   1.00 20.56 ? 13  GLN C N     1 
ATOM   547  C CA    . GLN C 3 13 ? -4.802  -4.781  5.849   1.00 22.17 ? 13  GLN C CA    1 
ATOM   548  C C     . GLN C 3 13 ? -5.253  -5.470  4.560   1.00 20.69 ? 13  GLN C C     1 
ATOM   549  O O     . GLN C 3 13 ? -5.798  -6.562  4.614   1.00 21.77 ? 13  GLN C O     1 
ATOM   550  C CB    . GLN C 3 13 ? -5.887  -3.791  6.298   1.00 23.48 ? 13  GLN C CB    1 
ATOM   551  C CG    . GLN C 3 13 ? -5.561  -3.035  7.576   1.00 25.79 ? 13  GLN C CG    1 
ATOM   552  C CD    . GLN C 3 13 ? -6.682  -2.086  8.002   1.00 28.28 ? 13  GLN C CD    1 
ATOM   553  O OE1   . GLN C 3 13 ? -7.574  -1.749  7.210   1.00 27.46 ? 13  GLN C OE1   1 
ATOM   554  N NE2   . GLN C 3 13 ? -6.639  -1.651  9.262   1.00 28.32 ? 13  GLN C NE2   1 
ATOM   555  N N     . LEU C 3 14 ? -5.034  -4.829  3.413   1.00 20.28 ? 14  LEU C N     1 
ATOM   556  C CA    . LEU C 3 14 ? -5.426  -5.393  2.117   1.00 20.62 ? 14  LEU C CA    1 
ATOM   557  C C     . LEU C 3 14 ? -4.604  -6.632  1.769   1.00 21.34 ? 14  LEU C C     1 
ATOM   558  O O     . LEU C 3 14 ? -5.125  -7.624  1.247   1.00 22.03 ? 14  LEU C O     1 
ATOM   559  C CB    . LEU C 3 14 ? -5.239  -4.360  1.000   1.00 19.01 ? 14  LEU C CB    1 
ATOM   560  C CG    . LEU C 3 14 ? -6.239  -3.208  0.849   1.00 19.07 ? 14  LEU C CG    1 
ATOM   561  C CD1   . LEU C 3 14 ? -5.988  -2.547  -0.490  1.00 17.10 ? 14  LEU C CD1   1 
ATOM   562  C CD2   . LEU C 3 14 ? -7.683  -3.705  0.933   1.00 18.77 ? 14  LEU C CD2   1 
ATOM   563  N N     . LEU C 3 15 ? -3.310  -6.561  2.053   1.00 21.56 ? 15  LEU C N     1 
ATOM   564  C CA    . LEU C 3 15 ? -2.401  -7.659  1.771   1.00 23.03 ? 15  LEU C CA    1 
ATOM   565  C C     . LEU C 3 15 ? -2.636  -8.848  2.702   1.00 24.69 ? 15  LEU C C     1 
ATOM   566  O O     . LEU C 3 15 ? -2.210  -9.965  2.420   1.00 25.10 ? 15  LEU C O     1 
ATOM   567  C CB    . LEU C 3 15 ? -0.962  -7.172  1.903   1.00 20.56 ? 15  LEU C CB    1 
ATOM   568  C CG    . LEU C 3 15 ? -0.329  -6.601  0.641   1.00 18.73 ? 15  LEU C CG    1 
ATOM   569  C CD1   . LEU C 3 15 ? 0.764   -5.620  1.030   1.00 17.58 ? 15  LEU C CD1   1 
ATOM   570  C CD2   . LEU C 3 15 ? 0.234   -7.728  -0.190  1.00 17.04 ? 15  LEU C CD2   1 
ATOM   571  N N     . GLN C 3 16 ? -3.325  -8.595  3.805   1.00 27.19 ? 16  GLN C N     1 
ATOM   572  C CA    . GLN C 3 16 ? -3.628  -9.624  4.792   1.00 30.19 ? 16  GLN C CA    1 
ATOM   573  C C     . GLN C 3 16 ? -4.793  -10.527 4.398   1.00 30.19 ? 16  GLN C C     1 
ATOM   574  O O     . GLN C 3 16 ? -4.920  -11.647 4.900   1.00 29.77 ? 16  GLN C O     1 
ATOM   575  C CB    . GLN C 3 16 ? -3.950  -8.968  6.123   1.00 32.96 ? 16  GLN C CB    1 
ATOM   576  C CG    . GLN C 3 16 ? -2.841  -9.041  7.122   1.00 37.10 ? 16  GLN C CG    1 
ATOM   577  C CD    . GLN C 3 16 ? -3.372  -8.933  8.522   1.00 40.65 ? 16  GLN C CD    1 
ATOM   578  O OE1   . GLN C 3 16 ? -3.760  -7.845  8.968   1.00 43.25 ? 16  GLN C OE1   1 
ATOM   579  N NE2   . GLN C 3 16 ? -3.407  -10.059 9.232   1.00 42.48 ? 16  GLN C NE2   1 
ATOM   580  N N     . LYS C 3 17 ? -5.659  -10.033 3.524   1.00 29.83 ? 17  LYS C N     1 
ATOM   581  C CA    . LYS C 3 17 ? -6.796  -10.817 3.079   1.00 29.24 ? 17  LYS C CA    1 
ATOM   582  C C     . LYS C 3 17 ? -6.455  -11.428 1.731   1.00 28.90 ? 17  LYS C C     1 
ATOM   583  O O     . LYS C 3 17 ? -6.310  -10.717 0.739   1.00 28.94 ? 17  LYS C O     1 
ATOM   584  C CB    . LYS C 3 17 ? -8.041  -9.936  2.947   1.00 30.86 ? 17  LYS C CB    1 
ATOM   585  C CG    . LYS C 3 17 ? -7.966  -8.608  3.687   1.00 32.96 ? 17  LYS C CG    1 
ATOM   586  C CD    . LYS C 3 17 ? -9.176  -8.393  4.583   1.00 34.70 ? 17  LYS C CD    1 
ATOM   587  C CE    . LYS C 3 17 ? -8.761  -8.258  6.041   1.00 35.97 ? 17  LYS C CE    1 
ATOM   588  N NZ    . LYS C 3 17 ? -7.820  -9.345  6.460   1.00 37.08 ? 17  LYS C NZ    1 
ATOM   589  N N     . PRO C 3 18 ? -6.307  -12.760 1.678   1.00 28.27 ? 18  PRO C N     1 
ATOM   590  C CA    . PRO C 3 18 ? -5.980  -13.436 0.423   1.00 27.62 ? 18  PRO C CA    1 
ATOM   591  C C     . PRO C 3 18 ? -7.018  -13.200 -0.672  1.00 27.74 ? 18  PRO C C     1 
ATOM   592  O O     . PRO C 3 18 ? -6.743  -13.439 -1.849  1.00 26.70 ? 18  PRO C O     1 
ATOM   593  C CB    . PRO C 3 18 ? -5.881  -14.908 0.817   1.00 27.78 ? 18  PRO C CB    1 
ATOM   594  C CG    . PRO C 3 18 ? -6.613  -15.013 2.103   1.00 28.13 ? 18  PRO C CG    1 
ATOM   595  C CD    . PRO C 3 18 ? -6.422  -13.709 2.796   1.00 28.71 ? 18  PRO C CD    1 
ATOM   596  N N     . GLN C 3 19 ? -8.202  -12.723 -0.288  1.00 27.55 ? 19  GLN C N     1 
ATOM   597  C CA    . GLN C 3 19 ? -9.258  -12.459 -1.267  1.00 27.78 ? 19  GLN C CA    1 
ATOM   598  C C     . GLN C 3 19 ? -8.981  -11.173 -2.042  1.00 26.72 ? 19  GLN C C     1 
ATOM   599  O O     . GLN C 3 19 ? -9.692  -10.846 -2.994  1.00 27.09 ? 19  GLN C O     1 
ATOM   600  C CB    . GLN C 3 19 ? -10.627 -12.371 -0.584  1.00 28.46 ? 19  GLN C CB    1 
ATOM   601  C CG    . GLN C 3 19 ? -10.829 -11.149 0.296   1.00 30.21 ? 19  GLN C CG    1 
ATOM   602  C CD    . GLN C 3 19 ? -10.628 -11.453 1.769   1.00 31.25 ? 19  GLN C CD    1 
ATOM   603  O OE1   . GLN C 3 19 ? -9.927  -12.403 2.125   1.00 32.98 ? 19  GLN C OE1   1 
ATOM   604  N NE2   . GLN C 3 19 ? -11.236 -10.645 2.636   1.00 31.49 ? 19  GLN C NE2   1 
ATOM   605  N N     . ASN C 3 20 ? -7.939  -10.454 -1.629  1.00 25.14 ? 20  ASN C N     1 
ATOM   606  C CA    . ASN C 3 20 ? -7.533  -9.207  -2.278  1.00 23.00 ? 20  ASN C CA    1 
ATOM   607  C C     . ASN C 3 20 ? -6.318  -9.418  -3.175  1.00 21.97 ? 20  ASN C C     1 
ATOM   608  O O     . ASN C 3 20 ? -5.818  -8.468  -3.782  1.00 21.20 ? 20  ASN C O     1 
ATOM   609  C CB    . ASN C 3 20 ? -7.199  -8.150  -1.219  1.00 21.91 ? 20  ASN C CB    1 
ATOM   610  C CG    . ASN C 3 20 ? -8.418  -7.645  -0.522  1.00 20.90 ? 20  ASN C CG    1 
ATOM   611  O OD1   . ASN C 3 20 ? -9.461  -7.490  -1.142  1.00 23.07 ? 20  ASN C OD1   1 
ATOM   612  N ND2   . ASN C 3 20 ? -8.313  -7.398  0.774   1.00 21.03 ? 20  ASN C ND2   1 
ATOM   613  N N     . LYS C 3 21 ? -5.856  -10.663 -3.257  1.00 19.64 ? 21  LYS C N     1 
ATOM   614  C CA    . LYS C 3 21 ? -4.680  -11.007 -4.056  1.00 19.93 ? 21  LYS C CA    1 
ATOM   615  C C     . LYS C 3 21 ? -4.770  -10.502 -5.485  1.00 19.11 ? 21  LYS C C     1 
ATOM   616  O O     . LYS C 3 21 ? -3.766  -10.263 -6.153  1.00 17.58 ? 21  LYS C O     1 
ATOM   617  C CB    . LYS C 3 21 ? -4.486  -12.522 -4.076  1.00 21.44 ? 21  LYS C CB    1 
ATOM   618  C CG    . LYS C 3 21 ? -3.167  -12.978 -3.483  1.00 25.20 ? 21  LYS C CG    1 
ATOM   619  C CD    . LYS C 3 21 ? -3.126  -14.489 -3.307  1.00 27.37 ? 21  LYS C CD    1 
ATOM   620  C CE    . LYS C 3 21 ? -2.565  -14.844 -1.944  1.00 28.40 ? 21  LYS C CE    1 
ATOM   621  N NZ    . LYS C 3 21 ? -3.263  -14.107 -0.849  1.00 30.09 ? 21  LYS C NZ    1 
ATOM   622  N N     . HIS C 3 22 ? -6.000  -10.350 -5.945  1.00 19.21 ? 22  HIS C N     1 
ATOM   623  C CA    . HIS C 3 22 ? -6.275  -9.885  -7.286  1.00 18.77 ? 22  HIS C CA    1 
ATOM   624  C C     . HIS C 3 22 ? -5.680  -8.489  -7.555  1.00 17.01 ? 22  HIS C C     1 
ATOM   625  O O     . HIS C 3 22 ? -5.107  -8.243  -8.614  1.00 14.96 ? 22  HIS C O     1 
ATOM   626  C CB    . HIS C 3 22 ? -7.798  -9.892  -7.482  1.00 20.22 ? 22  HIS C CB    1 
ATOM   627  C CG    . HIS C 3 22 ? -8.276  -8.958  -8.541  1.00 22.65 ? 22  HIS C CG    1 
ATOM   628  N ND1   . HIS C 3 22 ? -8.003  -9.144  -9.882  1.00 24.13 ? 22  HIS C ND1   1 
ATOM   629  C CD2   . HIS C 3 22 ? -9.011  -7.827  -8.457  1.00 23.64 ? 22  HIS C CD2   1 
ATOM   630  C CE1   . HIS C 3 22 ? -8.553  -8.164  -10.578 1.00 23.94 ? 22  HIS C CE1   1 
ATOM   631  N NE2   . HIS C 3 22 ? -9.168  -7.352  -9.735  1.00 25.30 ? 22  HIS C NE2   1 
ATOM   632  N N     . MET C 3 23 ? -5.796  -7.587  -6.589  1.00 17.18 ? 23  MET C N     1 
ATOM   633  C CA    . MET C 3 23 ? -5.291  -6.225  -6.771  1.00 17.82 ? 23  MET C CA    1 
ATOM   634  C C     . MET C 3 23 ? -3.953  -5.892  -6.111  1.00 16.05 ? 23  MET C C     1 
ATOM   635  O O     . MET C 3 23 ? -3.236  -5.011  -6.575  1.00 15.56 ? 23  MET C O     1 
ATOM   636  C CB    . MET C 3 23 ? -6.334  -5.223  -6.285  1.00 19.43 ? 23  MET C CB    1 
ATOM   637  C CG    . MET C 3 23 ? -6.807  -5.463  -4.881  1.00 21.89 ? 23  MET C CG    1 
ATOM   638  S SD    . MET C 3 23 ? -8.269  -4.491  -4.549  1.00 24.57 ? 23  MET C SD    1 
ATOM   639  C CE    . MET C 3 23 ? -8.963  -5.404  -3.181  1.00 24.12 ? 23  MET C CE    1 
ATOM   640  N N     . ILE C 3 24 ? -3.618  -6.591  -5.033  1.00 15.27 ? 24  ILE C N     1 
ATOM   641  C CA    . ILE C 3 24 ? -2.373  -6.325  -4.322  1.00 13.32 ? 24  ILE C CA    1 
ATOM   642  C C     . ILE C 3 24 ? -1.859  -7.604  -3.664  1.00 14.39 ? 24  ILE C C     1 
ATOM   643  O O     . ILE C 3 24 ? -2.606  -8.309  -2.967  1.00 13.38 ? 24  ILE C O     1 
ATOM   644  C CB    . ILE C 3 24 ? -2.586  -5.223  -3.241  1.00 10.74 ? 24  ILE C CB    1 
ATOM   645  C CG1   . ILE C 3 24 ? -1.254  -4.855  -2.593  1.00 7.90  ? 24  ILE C CG1   1 
ATOM   646  C CG2   . ILE C 3 24 ? -3.597  -5.691  -2.209  1.00 11.02 ? 24  ILE C CG2   1 
ATOM   647  C CD1   . ILE C 3 24 ? -1.363  -3.756  -1.584  1.00 9.62  ? 24  ILE C CD1   1 
ATOM   648  N N     . CYS C 3 25 ? -0.578  -7.898  -3.886  1.00 13.94 ? 25  CYS C N     1 
ATOM   649  C CA    . CYS C 3 25 ? 0.024   -9.100  -3.329  1.00 14.53 ? 25  CYS C CA    1 
ATOM   650  C C     . CYS C 3 25 ? 1.511   -8.970  -2.982  1.00 13.51 ? 25  CYS C C     1 
ATOM   651  O O     . CYS C 3 25 ? 2.235   -8.152  -3.549  1.00 11.22 ? 25  CYS C O     1 
ATOM   652  C CB    . CYS C 3 25 ? -0.157  -10.256 -4.320  1.00 14.88 ? 25  CYS C CB    1 
ATOM   653  S SG    . CYS C 3 25 ? 0.794   -10.051 -5.842  1.00 21.02 ? 25  CYS C SG    1 
ATOM   654  N N     . TRP C 3 26 ? 1.949   -9.805  -2.041  1.00 13.90 ? 26  TRP C N     1 
ATOM   655  C CA    . TRP C 3 26 ? 3.346   -9.846  -1.624  1.00 12.83 ? 26  TRP C CA    1 
ATOM   656  C C     . TRP C 3 26 ? 4.094   -10.448 -2.799  1.00 13.09 ? 26  TRP C C     1 
ATOM   657  O O     . TRP C 3 26 ? 3.579   -11.344 -3.466  1.00 13.12 ? 26  TRP C O     1 
ATOM   658  C CB    . TRP C 3 26 ? 3.518   -10.769 -0.416  1.00 11.93 ? 26  TRP C CB    1 
ATOM   659  C CG    . TRP C 3 26 ? 2.888   -10.284 0.857   1.00 11.24 ? 26  TRP C CG    1 
ATOM   660  C CD1   . TRP C 3 26 ? 1.864   -10.878 1.546   1.00 11.63 ? 26  TRP C CD1   1 
ATOM   661  C CD2   . TRP C 3 26 ? 3.266   -9.131  1.616   1.00 10.29 ? 26  TRP C CD2   1 
ATOM   662  N NE1   . TRP C 3 26 ? 1.585   -10.164 2.686   1.00 11.53 ? 26  TRP C NE1   1 
ATOM   663  C CE2   . TRP C 3 26 ? 2.431   -9.087  2.756   1.00 10.86 ? 26  TRP C CE2   1 
ATOM   664  C CE3   . TRP C 3 26 ? 4.230   -8.130  1.442   1.00 10.04 ? 26  TRP C CE3   1 
ATOM   665  C CZ2   . TRP C 3 26 ? 2.529   -8.082  3.721   1.00 10.63 ? 26  TRP C CZ2   1 
ATOM   666  C CZ3   . TRP C 3 26 ? 4.327   -7.132  2.398   1.00 9.80  ? 26  TRP C CZ3   1 
ATOM   667  C CH2   . TRP C 3 26 ? 3.480   -7.116  3.528   1.00 9.50  ? 26  TRP C CH2   1 
ATOM   668  N N     . THR C 3 27 ? 5.300   -9.959  -3.063  1.00 13.76 ? 27  THR C N     1 
ATOM   669  C CA    . THR C 3 27 ? 6.095   -10.478 -4.165  1.00 13.64 ? 27  THR C CA    1 
ATOM   670  C C     . THR C 3 27 ? 7.460   -10.926 -3.652  1.00 15.13 ? 27  THR C C     1 
ATOM   671  O O     . THR C 3 27 ? 8.389   -11.165 -4.431  1.00 15.61 ? 27  THR C O     1 
ATOM   672  C CB    . THR C 3 27 ? 6.283   -9.423  -5.257  1.00 14.78 ? 27  THR C CB    1 
ATOM   673  O OG1   . THR C 3 27 ? 6.915   -8.262  -4.703  1.00 13.52 ? 27  THR C OG1   1 
ATOM   674  C CG2   . THR C 3 27 ? 4.923   -9.033  -5.849  1.00 14.85 ? 27  THR C CG2   1 
ATOM   675  N N     . SER C 3 28 ? 7.567   -11.038 -2.330  1.00 15.46 ? 28  SER C N     1 
ATOM   676  C CA    . SER C 3 28 ? 8.799   -11.463 -1.683  1.00 16.96 ? 28  SER C CA    1 
ATOM   677  C C     . SER C 3 28 ? 8.481   -11.858 -0.255  1.00 17.26 ? 28  SER C C     1 
ATOM   678  O O     . SER C 3 28 ? 7.377   -11.608 0.234   1.00 18.98 ? 28  SER C O     1 
ATOM   679  C CB    . SER C 3 28 ? 9.817   -10.316 -1.666  1.00 16.54 ? 28  SER C CB    1 
ATOM   680  O OG    . SER C 3 28 ? 9.605   -9.491  -0.527  1.00 13.12 ? 28  SER C OG    1 
ATOM   681  N N     . ASN C 3 29 ? 9.445   -12.482 0.419   1.00 18.49 ? 29  ASN C N     1 
ATOM   682  C CA    . ASN C 3 29 ? 9.253   -12.871 1.810   1.00 19.30 ? 29  ASN C CA    1 
ATOM   683  C C     . ASN C 3 29 ? 9.867   -11.814 2.737   1.00 20.47 ? 29  ASN C C     1 
ATOM   684  O O     . ASN C 3 29 ? 10.063  -12.067 3.924   1.00 21.69 ? 29  ASN C O     1 
ATOM   685  C CB    . ASN C 3 29 ? 9.894   -14.237 2.091   1.00 18.96 ? 29  ASN C CB    1 
ATOM   686  C CG    . ASN C 3 29 ? 11.421  -14.211 2.003   1.00 19.97 ? 29  ASN C CG    1 
ATOM   687  O OD1   . ASN C 3 29 ? 11.998  -13.430 1.246   1.00 18.81 ? 29  ASN C OD1   1 
ATOM   688  N ND2   . ASN C 3 29 ? 12.080  -15.084 2.774   1.00 18.10 ? 29  ASN C ND2   1 
ATOM   689  N N     . ASP C 3 30 ? 10.169  -10.634 2.197   1.00 21.29 ? 30  ASP C N     1 
ATOM   690  C CA    . ASP C 3 30 ? 10.754  -9.568  3.011   1.00 21.65 ? 30  ASP C CA    1 
ATOM   691  C C     . ASP C 3 30 ? 10.036  -8.211  2.953   1.00 21.46 ? 30  ASP C C     1 
ATOM   692  O O     . ASP C 3 30 ? 10.644  -7.164  3.191   1.00 22.32 ? 30  ASP C O     1 
ATOM   693  C CB    . ASP C 3 30 ? 12.251  -9.404  2.676   1.00 21.76 ? 30  ASP C CB    1 
ATOM   694  C CG    . ASP C 3 30 ? 12.505  -8.765  1.315   1.00 20.98 ? 30  ASP C CG    1 
ATOM   695  O OD1   . ASP C 3 30 ? 11.614  -8.757  0.450   1.00 22.45 ? 30  ASP C OD1   1 
ATOM   696  O OD2   . ASP C 3 30 ? 13.628  -8.269  1.107   1.00 22.72 ? 30  ASP C OD2   1 
ATOM   697  N N     . GLY C 3 31 ? 8.743   -8.224  2.637   1.00 20.65 ? 31  GLY C N     1 
ATOM   698  C CA    . GLY C 3 31 ? 7.995   -6.977  2.599   1.00 18.99 ? 31  GLY C CA    1 
ATOM   699  C C     . GLY C 3 31 ? 7.736   -6.295  1.263   1.00 17.67 ? 31  GLY C C     1 
ATOM   700  O O     . GLY C 3 31 ? 7.134   -5.224  1.226   1.00 16.34 ? 31  GLY C O     1 
ATOM   701  N N     . GLN C 3 32 ? 8.191   -6.882  0.163   1.00 17.57 ? 32  GLN C N     1 
ATOM   702  C CA    . GLN C 3 32 ? 7.933   -6.284  -1.135  1.00 17.58 ? 32  GLN C CA    1 
ATOM   703  C C     . GLN C 3 32 ? 6.512   -6.647  -1.535  1.00 16.80 ? 32  GLN C C     1 
ATOM   704  O O     . GLN C 3 32 ? 6.049   -7.759  -1.271  1.00 16.23 ? 32  GLN C O     1 
ATOM   705  C CB    . GLN C 3 32 ? 8.885   -6.825  -2.193  1.00 19.30 ? 32  GLN C CB    1 
ATOM   706  C CG    . GLN C 3 32 ? 10.313  -6.366  -2.041  1.00 23.45 ? 32  GLN C CG    1 
ATOM   707  C CD    . GLN C 3 32 ? 11.191  -6.917  -3.134  1.00 25.37 ? 32  GLN C CD    1 
ATOM   708  O OE1   . GLN C 3 32 ? 10.817  -6.893  -4.310  1.00 26.15 ? 32  GLN C OE1   1 
ATOM   709  N NE2   . GLN C 3 32 ? 12.366  -7.424  -2.757  1.00 25.58 ? 32  GLN C NE2   1 
ATOM   710  N N     . PHE C 3 33 ? 5.820   -5.711  -2.173  1.00 15.68 ? 33  PHE C N     1 
ATOM   711  C CA    . PHE C 3 33 ? 4.453   -5.966  -2.615  1.00 14.95 ? 33  PHE C CA    1 
ATOM   712  C C     . PHE C 3 33 ? 4.182   -5.233  -3.929  1.00 14.41 ? 33  PHE C C     1 
ATOM   713  O O     . PHE C 3 33 ? 4.858   -4.253  -4.263  1.00 11.18 ? 33  PHE C O     1 
ATOM   714  C CB    . PHE C 3 33 ? 3.449   -5.558  -1.519  1.00 14.48 ? 33  PHE C CB    1 
ATOM   715  C CG    . PHE C 3 33 ? 3.441   -4.087  -1.209  1.00 16.32 ? 33  PHE C CG    1 
ATOM   716  C CD1   . PHE C 3 33 ? 4.375   -3.534  -0.328  1.00 15.78 ? 33  PHE C CD1   1 
ATOM   717  C CD2   . PHE C 3 33 ? 2.494   -3.244  -1.795  1.00 16.77 ? 33  PHE C CD2   1 
ATOM   718  C CE1   . PHE C 3 33 ? 4.364   -2.163  -0.035  1.00 15.00 ? 33  PHE C CE1   1 
ATOM   719  C CE2   . PHE C 3 33 ? 2.479   -1.868  -1.504  1.00 15.68 ? 33  PHE C CE2   1 
ATOM   720  C CZ    . PHE C 3 33 ? 3.411   -1.332  -0.627  1.00 15.21 ? 33  PHE C CZ    1 
ATOM   721  N N     . LYS C 3 34 ? 3.214   -5.735  -4.692  1.00 13.30 ? 34  LYS C N     1 
ATOM   722  C CA    . LYS C 3 34 ? 2.878   -5.122  -5.971  1.00 13.90 ? 34  LYS C CA    1 
ATOM   723  C C     . LYS C 3 34 ? 1.411   -4.713  -6.018  1.00 13.25 ? 34  LYS C C     1 
ATOM   724  O O     . LYS C 3 34 ? 0.537   -5.434  -5.532  1.00 12.23 ? 34  LYS C O     1 
ATOM   725  C CB    . LYS C 3 34 ? 3.173   -6.092  -7.128  1.00 13.56 ? 34  LYS C CB    1 
ATOM   726  C CG    . LYS C 3 34 ? 2.865   -5.502  -8.493  1.00 14.00 ? 34  LYS C CG    1 
ATOM   727  C CD    . LYS C 3 34 ? 3.171   -6.452  -9.639  1.00 12.91 ? 34  LYS C CD    1 
ATOM   728  C CE    . LYS C 3 34 ? 2.629   -5.887  -10.944 1.00 13.23 ? 34  LYS C CE    1 
ATOM   729  N NZ    . LYS C 3 34 ? 3.363   -6.404  -12.132 1.00 13.92 ? 34  LYS C NZ    1 
ATOM   730  N N     . LEU C 3 35 ? 1.154   -3.540  -6.585  1.00 13.45 ? 35  LEU C N     1 
ATOM   731  C CA    . LEU C 3 35 ? -0.215  -3.045  -6.729  1.00 13.07 ? 35  LEU C CA    1 
ATOM   732  C C     . LEU C 3 35 ? -0.622  -3.549  -8.102  1.00 12.68 ? 35  LEU C C     1 
ATOM   733  O O     . LEU C 3 35 ? -0.459  -2.859  -9.109  1.00 11.69 ? 35  LEU C O     1 
ATOM   734  C CB    . LEU C 3 35 ? -0.248  -1.506  -6.685  1.00 13.14 ? 35  LEU C CB    1 
ATOM   735  C CG    . LEU C 3 35 ? -0.695  -0.759  -5.416  1.00 13.10 ? 35  LEU C CG    1 
ATOM   736  C CD1   . LEU C 3 35 ? -0.248  -1.469  -4.159  1.00 14.13 ? 35  LEU C CD1   1 
ATOM   737  C CD2   . LEU C 3 35 ? -0.119  0.650   -5.439  1.00 15.65 ? 35  LEU C CD2   1 
ATOM   738  N N     . LEU C 3 36 ? -1.118  -4.784  -8.128  1.00 12.66 ? 36  LEU C N     1 
ATOM   739  C CA    . LEU C 3 36 ? -1.552  -5.439  -9.357  1.00 12.71 ? 36  LEU C CA    1 
ATOM   740  C C     . LEU C 3 36 ? -2.632  -4.634  -10.066 1.00 11.13 ? 36  LEU C C     1 
ATOM   741  O O     . LEU C 3 36 ? -2.619  -4.506  -11.286 1.00 11.16 ? 36  LEU C O     1 
ATOM   742  C CB    . LEU C 3 36 ? -2.072  -6.841  -9.028  1.00 14.35 ? 36  LEU C CB    1 
ATOM   743  C CG    . LEU C 3 36 ? -0.994  -7.869  -8.689  1.00 15.40 ? 36  LEU C CG    1 
ATOM   744  C CD1   . LEU C 3 36 ? -1.640  -9.193  -8.332  1.00 18.55 ? 36  LEU C CD1   1 
ATOM   745  C CD2   . LEU C 3 36 ? -0.077  -8.041  -9.877  1.00 16.78 ? 36  LEU C CD2   1 
ATOM   746  N N     . GLN C 3 37 ? -3.566  -4.104  -9.284  1.00 11.64 ? 37  GLN C N     1 
ATOM   747  C CA    . GLN C 3 37 ? -4.663  -3.269  -9.793  1.00 12.24 ? 37  GLN C CA    1 
ATOM   748  C C     . GLN C 3 37 ? -4.586  -1.960  -8.997  1.00 10.84 ? 37  GLN C C     1 
ATOM   749  O O     . GLN C 3 37 ? -5.381  -1.725  -8.086  1.00 10.63 ? 37  GLN C O     1 
ATOM   750  C CB    . GLN C 3 37 ? -6.012  -3.951  -9.543  1.00 13.43 ? 37  GLN C CB    1 
ATOM   751  C CG    . GLN C 3 37 ? -6.186  -5.270  -10.259 1.00 16.20 ? 37  GLN C CG    1 
ATOM   752  C CD    . GLN C 3 37 ? -6.024  -5.147  -11.763 1.00 18.93 ? 37  GLN C CD    1 
ATOM   753  O OE1   . GLN C 3 37 ? -5.655  -6.108  -12.438 1.00 20.76 ? 37  GLN C OE1   1 
ATOM   754  N NE2   . GLN C 3 37 ? -6.301  -3.959  -12.296 1.00 19.72 ? 37  GLN C NE2   1 
ATOM   755  N N     . ALA C 3 38 ? -3.605  -1.133  -9.356  1.00 11.46 ? 38  ALA C N     1 
ATOM   756  C CA    . ALA C 3 38 ? -3.327  0.142   -8.692  1.00 10.99 ? 38  ALA C CA    1 
ATOM   757  C C     . ALA C 3 38 ? -4.508  1.081   -8.573  1.00 11.34 ? 38  ALA C C     1 
ATOM   758  O O     . ALA C 3 38 ? -4.764  1.631   -7.503  1.00 11.02 ? 38  ALA C O     1 
ATOM   759  C CB    . ALA C 3 38 ? -2.195  0.850   -9.412  1.00 11.09 ? 38  ALA C CB    1 
ATOM   760  N N     . GLU C 3 39 ? -5.231  1.271   -9.674  1.00 12.64 ? 39  GLU C N     1 
ATOM   761  C CA    . GLU C 3 39 ? -6.378  2.173   -9.663  1.00 12.22 ? 39  GLU C CA    1 
ATOM   762  C C     . GLU C 3 39 ? -7.478  1.595   -8.807  1.00 11.39 ? 39  GLU C C     1 
ATOM   763  O O     . GLU C 3 39 ? -8.290  2.321   -8.260  1.00 12.41 ? 39  GLU C O     1 
ATOM   764  C CB    . GLU C 3 39 ? -6.864  2.421   -11.088 1.00 12.16 ? 39  GLU C CB    1 
ATOM   765  C CG    . GLU C 3 39 ? -5.841  3.128   -11.955 1.00 13.51 ? 39  GLU C CG    1 
ATOM   766  C CD    . GLU C 3 39 ? -5.465  4.512   -11.430 1.00 15.70 ? 39  GLU C CD    1 
ATOM   767  O OE1   . GLU C 3 39 ? -6.072  4.965   -10.428 1.00 15.36 ? 39  GLU C OE1   1 
ATOM   768  O OE2   . GLU C 3 39 ? -4.555  5.144   -12.021 1.00 15.63 ? 39  GLU C OE2   1 
ATOM   769  N N     . GLU C 3 40 ? -7.483  0.274   -8.673  1.00 12.28 ? 40  GLU C N     1 
ATOM   770  C CA    . GLU C 3 40 ? -8.484  -0.411  -7.864  1.00 12.05 ? 40  GLU C CA    1 
ATOM   771  C C     . GLU C 3 40 ? -8.196  -0.213  -6.381  1.00 11.54 ? 40  GLU C C     1 
ATOM   772  O O     . GLU C 3 40 ? -9.106  -0.033  -5.569  1.00 10.14 ? 40  GLU C O     1 
ATOM   773  C CB    . GLU C 3 40 ? -8.462  -1.900  -8.181  1.00 15.50 ? 40  GLU C CB    1 
ATOM   774  C CG    . GLU C 3 40 ? -9.798  -2.524  -8.448  1.00 19.45 ? 40  GLU C CG    1 
ATOM   775  C CD    . GLU C 3 40 ? -9.646  -3.934  -8.976  1.00 19.85 ? 40  GLU C CD    1 
ATOM   776  O OE1   . GLU C 3 40 ? -9.403  -4.083  -10.191 1.00 21.72 ? 40  GLU C OE1   1 
ATOM   777  O OE2   . GLU C 3 40 ? -9.764  -4.887  -8.178  1.00 22.35 ? 40  GLU C OE2   1 
ATOM   778  N N     . VAL C 3 41 ? -6.922  -0.280  -6.020  1.00 10.75 ? 41  VAL C N     1 
ATOM   779  C CA    . VAL C 3 41 ? -6.539  -0.083  -4.633  1.00 10.77 ? 41  VAL C CA    1 
ATOM   780  C C     . VAL C 3 41 ? -6.757  1.391   -4.266  1.00 9.85  ? 41  VAL C C     1 
ATOM   781  O O     . VAL C 3 41 ? -7.178  1.697   -3.153  1.00 10.68 ? 41  VAL C O     1 
ATOM   782  C CB    . VAL C 3 41 ? -5.056  -0.480  -4.401  1.00 10.51 ? 41  VAL C CB    1 
ATOM   783  C CG1   . VAL C 3 41 ? -4.581  0.026   -3.059  1.00 11.15 ? 41  VAL C CG1   1 
ATOM   784  C CG2   . VAL C 3 41 ? -4.916  -1.986  -4.454  1.00 9.56  ? 41  VAL C CG2   1 
ATOM   785  N N     . ALA C 3 42 ? -6.469  2.295   -5.203  1.00 10.13 ? 42  ALA C N     1 
ATOM   786  C CA    . ALA C 3 42 ? -6.646  3.736   -4.967  1.00 9.90  ? 42  ALA C CA    1 
ATOM   787  C C     . ALA C 3 42 ? -8.120  4.045   -4.734  1.00 10.65 ? 42  ALA C C     1 
ATOM   788  O O     . ALA C 3 42 ? -8.467  4.901   -3.924  1.00 11.21 ? 42  ALA C O     1 
ATOM   789  C CB    . ALA C 3 42 ? -6.136  4.530   -6.159  1.00 8.47  ? 42  ALA C CB    1 
ATOM   790  N N     . ARG C 3 43 ? -8.983  3.332   -5.448  1.00 12.80 ? 43  ARG C N     1 
ATOM   791  C CA    . ARG C 3 43 ? -10.422 3.504   -5.333  1.00 13.89 ? 43  ARG C CA    1 
ATOM   792  C C     . ARG C 3 43 ? -10.861 3.104   -3.937  1.00 14.03 ? 43  ARG C C     1 
ATOM   793  O O     . ARG C 3 43 ? -11.661 3.793   -3.300  1.00 15.09 ? 43  ARG C O     1 
ATOM   794  C CB    . ARG C 3 43 ? -11.127 2.630   -6.377  1.00 17.24 ? 43  ARG C CB    1 
ATOM   795  C CG    . ARG C 3 43 ? -12.656 2.745   -6.402  1.00 19.95 ? 43  ARG C CG    1 
ATOM   796  C CD    . ARG C 3 43 ? -13.192 2.518   -7.829  1.00 24.02 ? 43  ARG C CD    1 
ATOM   797  N NE    . ARG C 3 43 ? -13.042 1.128   -8.286  1.00 26.03 ? 43  ARG C NE    1 
ATOM   798  C CZ    . ARG C 3 43 ? -12.142 0.703   -9.178  1.00 25.81 ? 43  ARG C CZ    1 
ATOM   799  N NH1   . ARG C 3 43 ? -11.278 1.545   -9.740  1.00 25.19 ? 43  ARG C NH1   1 
ATOM   800  N NH2   . ARG C 3 43 ? -12.107 -0.582  -9.511  1.00 26.55 ? 43  ARG C NH2   1 
ATOM   801  N N     . LEU C 3 44 ? -10.331 1.983   -3.459  1.00 13.05 ? 44  LEU C N     1 
ATOM   802  C CA    . LEU C 3 44 ? -10.668 1.492   -2.129  1.00 12.24 ? 44  LEU C CA    1 
ATOM   803  C C     . LEU C 3 44 ? -10.168 2.444   -1.042  1.00 11.89 ? 44  LEU C C     1 
ATOM   804  O O     . LEU C 3 44 ? -10.841 2.655   -0.030  1.00 11.40 ? 44  LEU C O     1 
ATOM   805  C CB    . LEU C 3 44 ? -10.064 0.094   -1.924  1.00 14.27 ? 44  LEU C CB    1 
ATOM   806  C CG    . LEU C 3 44 ? -10.947 -1.138  -2.191  1.00 15.54 ? 44  LEU C CG    1 
ATOM   807  C CD1   . LEU C 3 44 ? -12.358 -0.750  -2.650  1.00 14.18 ? 44  LEU C CD1   1 
ATOM   808  C CD2   . LEU C 3 44 ? -10.273 -1.989  -3.228  1.00 16.93 ? 44  LEU C CD2   1 
ATOM   809  N N     . TRP C 3 45 ? -8.978  3.005   -1.255  1.00 12.52 ? 45  TRP C N     1 
ATOM   810  C CA    . TRP C 3 45 ? -8.361  3.954   -0.318  1.00 12.72 ? 45  TRP C CA    1 
ATOM   811  C C     . TRP C 3 45 ? -9.243  5.202   -0.201  1.00 12.92 ? 45  TRP C C     1 
ATOM   812  O O     . TRP C 3 45 ? -9.495  5.694   0.896   1.00 13.55 ? 45  TRP C O     1 
ATOM   813  C CB    . TRP C 3 45 ? -6.958  4.312   -0.827  1.00 10.89 ? 45  TRP C CB    1 
ATOM   814  C CG    . TRP C 3 45 ? -6.192  5.360   -0.042  1.00 8.39  ? 45  TRP C CG    1 
ATOM   815  C CD1   . TRP C 3 45 ? -5.506  6.428   -0.562  1.00 7.58  ? 45  TRP C CD1   1 
ATOM   816  C CD2   . TRP C 3 45 ? -6.008  5.419   1.382   1.00 8.21  ? 45  TRP C CD2   1 
ATOM   817  N NE1   . TRP C 3 45 ? -4.913  7.148   0.454   1.00 7.97  ? 45  TRP C NE1   1 
ATOM   818  C CE2   . TRP C 3 45 ? -5.202  6.552   1.654   1.00 7.78  ? 45  TRP C CE2   1 
ATOM   819  C CE3   . TRP C 3 45 ? -6.444  4.630   2.454   1.00 7.70  ? 45  TRP C CE3   1 
ATOM   820  C CZ2   . TRP C 3 45 ? -4.825  6.909   2.950   1.00 6.09  ? 45  TRP C CZ2   1 
ATOM   821  C CZ3   . TRP C 3 45 ? -6.070  4.985   3.738   1.00 7.56  ? 45  TRP C CZ3   1 
ATOM   822  C CH2   . TRP C 3 45 ? -5.267  6.120   3.975   1.00 6.86  ? 45  TRP C CH2   1 
ATOM   823  N N     . GLY C 3 46 ? -9.718  5.703   -1.339  1.00 14.20 ? 46  GLY C N     1 
ATOM   824  C CA    . GLY C 3 46 ? -10.586 6.869   -1.329  1.00 14.67 ? 46  GLY C CA    1 
ATOM   825  C C     . GLY C 3 46 ? -11.890 6.610   -0.582  1.00 15.65 ? 46  GLY C C     1 
ATOM   826  O O     . GLY C 3 46 ? -12.344 7.448   0.190   1.00 14.28 ? 46  GLY C O     1 
ATOM   827  N N     . ILE C 3 47 ? -12.506 5.451   -0.817  1.00 17.50 ? 47  ILE C N     1 
ATOM   828  C CA    . ILE C 3 47 ? -13.753 5.108   -0.139  1.00 18.16 ? 47  ILE C CA    1 
ATOM   829  C C     . ILE C 3 47 ? -13.476 5.060   1.358   1.00 18.75 ? 47  ILE C C     1 
ATOM   830  O O     . ILE C 3 47 ? -14.262 5.555   2.163   1.00 20.23 ? 47  ILE C O     1 
ATOM   831  C CB    . ILE C 3 47 ? -14.296 3.734   -0.626  1.00 18.60 ? 47  ILE C CB    1 
ATOM   832  C CG1   . ILE C 3 47 ? -14.893 3.887   -2.022  1.00 19.66 ? 47  ILE C CG1   1 
ATOM   833  C CG2   . ILE C 3 47 ? -15.344 3.207   0.326   1.00 18.14 ? 47  ILE C CG2   1 
ATOM   834  C CD1   . ILE C 3 47 ? -14.779 2.639   -2.881  1.00 20.48 ? 47  ILE C CD1   1 
ATOM   835  N N     . ARG C 3 48 ? -12.341 4.479   1.721   1.00 18.83 ? 48  ARG C N     1 
ATOM   836  C CA    . ARG C 3 48 ? -11.937 4.364   3.120   1.00 19.21 ? 48  ARG C CA    1 
ATOM   837  C C     . ARG C 3 48 ? -11.742 5.712   3.818   1.00 20.22 ? 48  ARG C C     1 
ATOM   838  O O     . ARG C 3 48 ? -12.075 5.864   4.992   1.00 19.86 ? 48  ARG C O     1 
ATOM   839  C CB    . ARG C 3 48 ? -10.632 3.568   3.224   1.00 18.64 ? 48  ARG C CB    1 
ATOM   840  C CG    . ARG C 3 48 ? -10.200 3.303   4.648   1.00 20.10 ? 48  ARG C CG    1 
ATOM   841  C CD    . ARG C 3 48 ? -11.300 2.577   5.405   1.00 21.81 ? 48  ARG C CD    1 
ATOM   842  N NE    . ARG C 3 48 ? -10.871 2.168   6.740   1.00 24.40 ? 48  ARG C NE    1 
ATOM   843  C CZ    . ARG C 3 48 ? -10.834 2.976   7.799   1.00 26.18 ? 48  ARG C CZ    1 
ATOM   844  N NH1   . ARG C 3 48 ? -11.199 4.250   7.687   1.00 25.23 ? 48  ARG C NH1   1 
ATOM   845  N NH2   . ARG C 3 48 ? -10.432 2.507   8.977   1.00 26.73 ? 48  ARG C NH2   1 
ATOM   846  N N     . LYS C 3 49 ? -11.195 6.685   3.096   1.00 21.80 ? 49  LYS C N     1 
ATOM   847  C CA    . LYS C 3 49 ? -10.942 8.008   3.656   1.00 22.42 ? 49  LYS C CA    1 
ATOM   848  C C     . LYS C 3 49 ? -12.013 9.013   3.234   1.00 23.55 ? 49  LYS C C     1 
ATOM   849  O O     . LYS C 3 49 ? -11.962 10.185  3.612   1.00 23.61 ? 49  LYS C O     1 
ATOM   850  C CB    . LYS C 3 49 ? -9.568  8.503   3.187   1.00 22.18 ? 49  LYS C CB    1 
ATOM   851  C CG    . LYS C 3 49 ? -8.401  8.025   4.043   1.00 22.42 ? 49  LYS C CG    1 
ATOM   852  C CD    . LYS C 3 49 ? -7.991  9.085   5.060   1.00 21.84 ? 49  LYS C CD    1 
ATOM   853  C CE    . LYS C 3 49 ? -6.785  9.872   4.571   1.00 22.84 ? 49  LYS C CE    1 
ATOM   854  N NZ    . LYS C 3 49 ? -7.038  11.338  4.438   1.00 25.73 ? 49  LYS C NZ    1 
ATOM   855  N N     . ASN C 3 50 ? -12.988 8.539   2.462   1.00 25.35 ? 50  ASN C N     1 
ATOM   856  C CA    . ASN C 3 50 ? -14.052 9.382   1.929   1.00 26.17 ? 50  ASN C CA    1 
ATOM   857  C C     . ASN C 3 50 ? -13.471 10.503  1.063   1.00 26.18 ? 50  ASN C C     1 
ATOM   858  O O     . ASN C 3 50 ? -13.726 11.690  1.286   1.00 26.49 ? 50  ASN C O     1 
ATOM   859  C CB    . ASN C 3 50 ? -14.912 9.980   3.043   1.00 28.95 ? 50  ASN C CB    1 
ATOM   860  C CG    . ASN C 3 50 ? -16.089 10.778  2.490   1.00 33.27 ? 50  ASN C CG    1 
ATOM   861  O OD1   . ASN C 3 50 ? -16.556 11.738  3.111   1.00 35.43 ? 50  ASN C OD1   1 
ATOM   862  N ND2   . ASN C 3 50 ? -16.568 10.385  1.304   1.00 34.13 ? 50  ASN C ND2   1 
ATOM   863  N N     . LYS C 3 51 ? -12.668 10.107  0.081   1.00 24.25 ? 51  LYS C N     1 
ATOM   864  C CA    . LYS C 3 51 ? -12.052 11.023  -0.868  1.00 23.84 ? 51  LYS C CA    1 
ATOM   865  C C     . LYS C 3 51 ? -12.367 10.351  -2.196  1.00 23.87 ? 51  LYS C C     1 
ATOM   866  O O     . LYS C 3 51 ? -11.486 9.777   -2.835  1.00 23.23 ? 51  LYS C O     1 
ATOM   867  C CB    . LYS C 3 51 ? -10.533 11.093  -0.655  1.00 24.54 ? 51  LYS C CB    1 
ATOM   868  C CG    . LYS C 3 51 ? -10.106 11.653  0.699   1.00 23.94 ? 51  LYS C CG    1 
ATOM   869  C CD    . LYS C 3 51 ? -10.089 13.175  0.665   1.00 25.80 ? 51  LYS C CD    1 
ATOM   870  C CE    . LYS C 3 51 ? -10.129 13.784  2.051   1.00 25.04 ? 51  LYS C CE    1 
ATOM   871  N NZ    . LYS C 3 51 ? -10.771 15.131  1.982   1.00 28.03 ? 51  LYS C NZ    1 
ATOM   872  N N     . PRO C 3 52 ? -13.637 10.435  -2.637  1.00 23.73 ? 52  PRO C N     1 
ATOM   873  C CA    . PRO C 3 52 ? -14.167 9.847   -3.877  1.00 22.75 ? 52  PRO C CA    1 
ATOM   874  C C     . PRO C 3 52 ? -13.320 10.030  -5.122  1.00 21.62 ? 52  PRO C C     1 
ATOM   875  O O     . PRO C 3 52 ? -13.376 9.210   -6.038  1.00 22.62 ? 52  PRO C O     1 
ATOM   876  C CB    . PRO C 3 52 ? -15.552 10.485  -4.031  1.00 22.06 ? 52  PRO C CB    1 
ATOM   877  C CG    . PRO C 3 52 ? -15.574 11.626  -3.067  1.00 22.67 ? 52  PRO C CG    1 
ATOM   878  C CD    . PRO C 3 52 ? -14.666 11.229  -1.947  1.00 23.34 ? 52  PRO C CD    1 
ATOM   879  N N     . ASN C 3 53 ? -12.527 11.097  -5.154  1.00 20.46 ? 53  ASN C N     1 
ATOM   880  C CA    . ASN C 3 53 ? -11.686 11.363  -6.315  1.00 19.68 ? 53  ASN C CA    1 
ATOM   881  C C     . ASN C 3 53 ? -10.263 10.797  -6.209  1.00 17.94 ? 53  ASN C C     1 
ATOM   882  O O     . ASN C 3 53 ? -9.389  11.158  -6.988  1.00 17.07 ? 53  ASN C O     1 
ATOM   883  C CB    . ASN C 3 53 ? -11.628 12.870  -6.567  1.00 20.71 ? 53  ASN C CB    1 
ATOM   884  C CG    . ASN C 3 53 ? -12.965 13.436  -7.028  1.00 22.65 ? 53  ASN C CG    1 
ATOM   885  O OD1   . ASN C 3 53 ? -13.634 12.859  -7.891  1.00 22.38 ? 53  ASN C OD1   1 
ATOM   886  N ND2   . ASN C 3 53 ? -13.352 14.575  -6.457  1.00 20.90 ? 53  ASN C ND2   1 
ATOM   887  N N     . MET C 3 54 ? -10.033 9.896   -5.264  1.00 17.11 ? 54  MET C N     1 
ATOM   888  C CA    . MET C 3 54 ? -8.701  9.325   -5.093  1.00 15.47 ? 54  MET C CA    1 
ATOM   889  C C     . MET C 3 54 ? -8.368  8.432   -6.284  1.00 15.56 ? 54  MET C C     1 
ATOM   890  O O     . MET C 3 54 ? -9.253  7.785   -6.848  1.00 16.24 ? 54  MET C O     1 
ATOM   891  C CB    . MET C 3 54 ? -8.647  8.538   -3.775  1.00 14.32 ? 54  MET C CB    1 
ATOM   892  C CG    . MET C 3 54 ? -7.330  7.821   -3.508  1.00 13.77 ? 54  MET C CG    1 
ATOM   893  S SD    . MET C 3 54 ? -5.906  8.920   -3.574  1.00 12.76 ? 54  MET C SD    1 
ATOM   894  C CE    . MET C 3 54 ? -6.371  10.070  -2.335  1.00 10.77 ? 54  MET C CE    1 
ATOM   895  N N     . ASN C 3 55 ? -7.098  8.428   -6.689  1.00 14.96 ? 55  ASN C N     1 
ATOM   896  C CA    . ASN C 3 55 ? -6.626  7.596   -7.801  1.00 13.32 ? 55  ASN C CA    1 
ATOM   897  C C     . ASN C 3 55 ? -5.157  7.228   -7.554  1.00 13.19 ? 55  ASN C C     1 
ATOM   898  O O     . ASN C 3 55 ? -4.576  7.655   -6.558  1.00 14.17 ? 55  ASN C O     1 
ATOM   899  C CB    . ASN C 3 55 ? -6.784  8.330   -9.139  1.00 11.65 ? 55  ASN C CB    1 
ATOM   900  C CG    . ASN C 3 55 ? -6.048  9.654   -9.176  1.00 11.57 ? 55  ASN C CG    1 
ATOM   901  O OD1   . ASN C 3 55 ? -5.023  9.827   -8.518  1.00 11.81 ? 55  ASN C OD1   1 
ATOM   902  N ND2   . ASN C 3 55 ? -6.565  10.594  -9.959  1.00 9.12  ? 55  ASN C ND2   1 
ATOM   903  N N     . TYR C 3 56 ? -4.551  6.441   -8.433  1.00 12.19 ? 56  TYR C N     1 
ATOM   904  C CA    . TYR C 3 56 ? -3.161  6.049   -8.211  1.00 12.58 ? 56  TYR C CA    1 
ATOM   905  C C     . TYR C 3 56 ? -2.182  7.229   -8.217  1.00 12.97 ? 56  TYR C C     1 
ATOM   906  O O     . TYR C 3 56 ? -1.198  7.227   -7.480  1.00 13.19 ? 56  TYR C O     1 
ATOM   907  C CB    . TYR C 3 56 ? -2.708  5.011   -9.244  1.00 9.61  ? 56  TYR C CB    1 
ATOM   908  C CG    . TYR C 3 56 ? -1.317  4.472   -8.962  1.00 9.44  ? 56  TYR C CG    1 
ATOM   909  C CD1   . TYR C 3 56 ? -1.040  3.798   -7.767  1.00 10.97 ? 56  TYR C CD1   1 
ATOM   910  C CD2   . TYR C 3 56 ? -0.271  4.661   -9.871  1.00 10.20 ? 56  TYR C CD2   1 
ATOM   911  C CE1   . TYR C 3 56 ? 0.238   3.324   -7.486  1.00 10.41 ? 56  TYR C CE1   1 
ATOM   912  C CE2   . TYR C 3 56 ? 1.014   4.190   -9.595  1.00 9.85  ? 56  TYR C CE2   1 
ATOM   913  C CZ    . TYR C 3 56 ? 1.252   3.525   -8.401  1.00 10.83 ? 56  TYR C CZ    1 
ATOM   914  O OH    . TYR C 3 56 ? 2.513   3.046   -8.114  1.00 12.20 ? 56  TYR C OH    1 
ATOM   915  N N     . ASP C 3 57 ? -2.440  8.223   -9.060  1.00 13.59 ? 57  ASP C N     1 
ATOM   916  C CA    . ASP C 3 57 ? -1.581  9.402   -9.134  1.00 14.14 ? 57  ASP C CA    1 
ATOM   917  C C     . ASP C 3 57 ? -1.376  9.982   -7.746  1.00 12.71 ? 57  ASP C C     1 
ATOM   918  O O     . ASP C 3 57 ? -0.266  10.363  -7.372  1.00 14.00 ? 57  ASP C O     1 
ATOM   919  C CB    . ASP C 3 57 ? -2.222  10.480  -10.006 1.00 17.78 ? 57  ASP C CB    1 
ATOM   920  C CG    . ASP C 3 57 ? -2.063  10.212  -11.476 1.00 21.71 ? 57  ASP C CG    1 
ATOM   921  O OD1   . ASP C 3 57 ? -1.358  9.251   -11.841 1.00 24.07 ? 57  ASP C OD1   1 
ATOM   922  O OD2   . ASP C 3 57 ? -2.650  10.969  -12.281 1.00 26.80 ? 57  ASP C OD2   1 
ATOM   923  N N     . LYS C 3 58 ? -2.461  10.059  -6.990  1.00 10.76 ? 58  LYS C N     1 
ATOM   924  C CA    . LYS C 3 58 ? -2.414  10.620  -5.653  1.00 10.63 ? 58  LYS C CA    1 
ATOM   925  C C     . LYS C 3 58 ? -2.039  9.601   -4.573  1.00 10.86 ? 58  LYS C C     1 
ATOM   926  O O     . LYS C 3 58 ? -1.373  9.946   -3.592  1.00 10.11 ? 58  LYS C O     1 
ATOM   927  C CB    . LYS C 3 58 ? -3.754  11.290  -5.336  1.00 10.52 ? 58  LYS C CB    1 
ATOM   928  C CG    . LYS C 3 58 ? -4.005  12.553  -6.186  1.00 10.32 ? 58  LYS C CG    1 
ATOM   929  C CD    . LYS C 3 58 ? -5.379  13.160  -5.932  1.00 11.04 ? 58  LYS C CD    1 
ATOM   930  C CE    . LYS C 3 58 ? -6.503  12.404  -6.638  1.00 10.03 ? 58  LYS C CE    1 
ATOM   931  N NZ    . LYS C 3 58 ? -7.828  13.077  -6.432  1.00 9.28  ? 58  LYS C NZ    1 
ATOM   932  N N     . LEU C 3 59 ? -2.459  8.352   -4.744  1.00 9.28  ? 59  LEU C N     1 
ATOM   933  C CA    . LEU C 3 59 ? -2.109  7.336   -3.755  1.00 9.90  ? 59  LEU C CA    1 
ATOM   934  C C     . LEU C 3 59 ? -0.588  7.131   -3.819  1.00 9.03  ? 59  LEU C C     1 
ATOM   935  O O     . LEU C 3 59 ? 0.061   7.003   -2.797  1.00 12.27 ? 59  LEU C O     1 
ATOM   936  C CB    . LEU C 3 59 ? -2.843  6.011   -4.035  1.00 7.86  ? 59  LEU C CB    1 
ATOM   937  C CG    . LEU C 3 59 ? -2.554  4.863   -3.046  1.00 10.16 ? 59  LEU C CG    1 
ATOM   938  C CD1   . LEU C 3 59 ? -3.747  3.933   -2.929  1.00 7.87  ? 59  LEU C CD1   1 
ATOM   939  C CD2   . LEU C 3 59 ? -1.348  4.087   -3.529  1.00 9.01  ? 59  LEU C CD2   1 
ATOM   940  N N     . SER C 3 60 ? -0.021  7.126   -5.018  1.00 9.37  ? 60  SER C N     1 
ATOM   941  C CA    . SER C 3 60 ? 1.411   6.943   -5.172  1.00 9.68  ? 60  SER C CA    1 
ATOM   942  C C     . SER C 3 60 ? 2.199   8.118   -4.610  1.00 10.15 ? 60  SER C C     1 
ATOM   943  O O     . SER C 3 60 ? 3.307   7.927   -4.112  1.00 10.38 ? 60  SER C O     1 
ATOM   944  C CB    . SER C 3 60 ? 1.769   6.720   -6.639  1.00 9.32  ? 60  SER C CB    1 
ATOM   945  O OG    . SER C 3 60 ? 1.508   7.875   -7.413  1.00 13.43 ? 60  SER C OG    1 
ATOM   946  N N     . ARG C 3 61 ? 1.645   9.330   -4.676  1.00 10.06 ? 61  ARG C N     1 
ATOM   947  C CA    . ARG C 3 61 ? 2.346   10.498  -4.114  1.00 9.95  ? 61  ARG C CA    1 
ATOM   948  C C     . ARG C 3 61 ? 2.408   10.354  -2.592  1.00 10.50 ? 61  ARG C C     1 
ATOM   949  O O     . ARG C 3 61 ? 3.378   10.767  -1.961  1.00 10.79 ? 61  ARG C O     1 
ATOM   950  C CB    . ARG C 3 61 ? 1.639   11.813  -4.450  1.00 9.98  ? 61  ARG C CB    1 
ATOM   951  C CG    . ARG C 3 61 ? 2.275   13.026  -3.743  1.00 9.87  ? 61  ARG C CG    1 
ATOM   952  C CD    . ARG C 3 61 ? 3.575   13.383  -4.440  1.00 9.13  ? 61  ARG C CD    1 
ATOM   953  N NE    . ARG C 3 61 ? 4.411   14.370  -3.749  1.00 8.73  ? 61  ARG C NE    1 
ATOM   954  C CZ    . ARG C 3 61 ? 5.307   14.071  -2.814  1.00 9.97  ? 61  ARG C CZ    1 
ATOM   955  N NH1   . ARG C 3 61 ? 5.487   12.812  -2.445  1.00 8.25  ? 61  ARG C NH1   1 
ATOM   956  N NH2   . ARG C 3 61 ? 6.077   15.021  -2.300  1.00 7.49  ? 61  ARG C NH2   1 
ATOM   957  N N     . ALA C 3 62 ? 1.358   9.769   -2.016  1.00 10.64 ? 62  ALA C N     1 
ATOM   958  C CA    . ALA C 3 62 ? 1.289   9.536   -0.581  1.00 10.60 ? 62  ALA C CA    1 
ATOM   959  C C     . ALA C 3 62 ? 2.376   8.520   -0.190  1.00 11.64 ? 62  ALA C C     1 
ATOM   960  O O     . ALA C 3 62 ? 2.977   8.618   0.885   1.00 12.77 ? 62  ALA C O     1 
ATOM   961  C CB    . ALA C 3 62 ? -0.094  9.013   -0.205  1.00 10.51 ? 62  ALA C CB    1 
ATOM   962  N N     . LEU C 3 63 ? 2.619   7.553   -1.073  1.00 10.96 ? 63  LEU C N     1 
ATOM   963  C CA    . LEU C 3 63 ? 3.639   6.531   -0.851  1.00 11.90 ? 63  LEU C CA    1 
ATOM   964  C C     . LEU C 3 63 ? 5.034   7.156   -1.018  1.00 11.83 ? 63  LEU C C     1 
ATOM   965  O O     . LEU C 3 63 ? 5.984   6.732   -0.362  1.00 12.83 ? 63  LEU C O     1 
ATOM   966  C CB    . LEU C 3 63 ? 3.466   5.364   -1.849  1.00 11.02 ? 63  LEU C CB    1 
ATOM   967  C CG    . LEU C 3 63 ? 2.255   4.430   -1.678  1.00 9.97  ? 63  LEU C CG    1 
ATOM   968  C CD1   . LEU C 3 63 ? 2.255   3.382   -2.766  1.00 8.18  ? 63  LEU C CD1   1 
ATOM   969  C CD2   . LEU C 3 63 ? 2.304   3.774   -0.317  1.00 8.12  ? 63  LEU C CD2   1 
ATOM   970  N N     . ARG C 3 64 ? 5.164   8.149   -1.896  1.00 11.45 ? 64  ARG C N     1 
ATOM   971  C CA    . ARG C 3 64 ? 6.453   8.804   -2.093  1.00 12.15 ? 64  ARG C CA    1 
ATOM   972  C C     . ARG C 3 64 ? 6.908   9.541   -0.839  1.00 12.11 ? 64  ARG C C     1 
ATOM   973  O O     . ARG C 3 64 ? 8.096   9.691   -0.604  1.00 14.10 ? 64  ARG C O     1 
ATOM   974  C CB    . ARG C 3 64 ? 6.388   9.788   -3.254  1.00 12.92 ? 64  ARG C CB    1 
ATOM   975  C CG    . ARG C 3 64 ? 7.005   9.250   -4.524  1.00 15.83 ? 64  ARG C CG    1 
ATOM   976  C CD    . ARG C 3 64 ? 6.700   10.139  -5.708  1.00 17.06 ? 64  ARG C CD    1 
ATOM   977  N NE    . ARG C 3 64 ? 5.835   9.427   -6.625  1.00 19.31 ? 64  ARG C NE    1 
ATOM   978  C CZ    . ARG C 3 64 ? 4.675   9.881   -7.070  1.00 18.35 ? 64  ARG C CZ    1 
ATOM   979  N NH1   . ARG C 3 64 ? 4.217   11.063  -6.690  1.00 20.20 ? 64  ARG C NH1   1 
ATOM   980  N NH2   . ARG C 3 64 ? 3.961   9.130   -7.885  1.00 19.91 ? 64  ARG C NH2   1 
ATOM   981  N N     . TYR C 3 65 ? 5.959   9.987   -0.029  1.00 11.83 ? 65  TYR C N     1 
ATOM   982  C CA    . TYR C 3 65 ? 6.268   10.699  1.202   1.00 12.60 ? 65  TYR C CA    1 
ATOM   983  C C     . TYR C 3 65 ? 6.850   9.747   2.262   1.00 14.47 ? 65  TYR C C     1 
ATOM   984  O O     . TYR C 3 65 ? 7.470   10.183  3.234   1.00 13.16 ? 65  TYR C O     1 
ATOM   985  C CB    . TYR C 3 65 ? 4.989   11.319  1.765   1.00 13.44 ? 65  TYR C CB    1 
ATOM   986  C CG    . TYR C 3 65 ? 4.623   12.684  1.214   1.00 13.21 ? 65  TYR C CG    1 
ATOM   987  C CD1   . TYR C 3 65 ? 5.523   13.750  1.276   1.00 14.37 ? 65  TYR C CD1   1 
ATOM   988  C CD2   . TYR C 3 65 ? 3.363   12.913  0.659   1.00 14.34 ? 65  TYR C CD2   1 
ATOM   989  C CE1   . TYR C 3 65 ? 5.176   15.011  0.801   1.00 14.46 ? 65  TYR C CE1   1 
ATOM   990  C CE2   . TYR C 3 65 ? 2.999   14.173  0.178   1.00 13.81 ? 65  TYR C CE2   1 
ATOM   991  C CZ    . TYR C 3 65 ? 3.914   15.222  0.252   1.00 15.80 ? 65  TYR C CZ    1 
ATOM   992  O OH    . TYR C 3 65 ? 3.564   16.484  -0.201  1.00 14.85 ? 65  TYR C OH    1 
ATOM   993  N N     . TYR C 3 66 ? 6.625   8.448   2.078   1.00 13.93 ? 66  TYR C N     1 
ATOM   994  C CA    . TYR C 3 66 ? 7.088   7.439   3.029   1.00 13.14 ? 66  TYR C CA    1 
ATOM   995  C C     . TYR C 3 66 ? 8.579   7.165   2.913   1.00 14.25 ? 66  TYR C C     1 
ATOM   996  O O     . TYR C 3 66 ? 9.208   6.749   3.889   1.00 14.37 ? 66  TYR C O     1 
ATOM   997  C CB    . TYR C 3 66 ? 6.323   6.126   2.828   1.00 9.93  ? 66  TYR C CB    1 
ATOM   998  C CG    . TYR C 3 66 ? 4.910   6.098   3.374   1.00 7.94  ? 66  TYR C CG    1 
ATOM   999  C CD1   . TYR C 3 66 ? 4.520   6.945   4.411   1.00 9.68  ? 66  TYR C CD1   1 
ATOM   1000 C CD2   . TYR C 3 66 ? 3.967   5.196   2.870   1.00 9.38  ? 66  TYR C CD2   1 
ATOM   1001 C CE1   . TYR C 3 66 ? 3.235   6.896   4.935   1.00 11.14 ? 66  TYR C CE1   1 
ATOM   1002 C CE2   . TYR C 3 66 ? 2.668   5.135   3.388   1.00 7.80  ? 66  TYR C CE2   1 
ATOM   1003 C CZ    . TYR C 3 66 ? 2.312   5.984   4.418   1.00 10.03 ? 66  TYR C CZ    1 
ATOM   1004 O OH    . TYR C 3 66 ? 1.052   5.912   4.960   1.00 10.42 ? 66  TYR C OH    1 
ATOM   1005 N N     . TYR C 3 67 ? 9.135   7.392   1.724   1.00 14.98 ? 67  TYR C N     1 
ATOM   1006 C CA    . TYR C 3 67 ? 10.553  7.162   1.470   1.00 16.59 ? 67  TYR C CA    1 
ATOM   1007 C C     . TYR C 3 67 ? 11.459  7.750   2.545   1.00 19.02 ? 67  TYR C C     1 
ATOM   1008 O O     . TYR C 3 67 ? 12.317  7.049   3.089   1.00 19.29 ? 67  TYR C O     1 
ATOM   1009 C CB    . TYR C 3 67 ? 10.953  7.739   0.115   1.00 14.45 ? 67  TYR C CB    1 
ATOM   1010 C CG    . TYR C 3 67 ? 10.224  7.148   -1.067  1.00 13.08 ? 67  TYR C CG    1 
ATOM   1011 C CD1   . TYR C 3 67 ? 9.308   6.112   -0.908  1.00 11.43 ? 67  TYR C CD1   1 
ATOM   1012 C CD2   . TYR C 3 67 ? 10.453  7.631   -2.348  1.00 10.89 ? 67  TYR C CD2   1 
ATOM   1013 C CE1   . TYR C 3 67 ? 8.637   5.574   -1.999  1.00 11.64 ? 67  TYR C CE1   1 
ATOM   1014 C CE2   . TYR C 3 67 ? 9.791   7.104   -3.444  1.00 12.63 ? 67  TYR C CE2   1 
ATOM   1015 C CZ    . TYR C 3 67 ? 8.882   6.076   -3.261  1.00 11.06 ? 67  TYR C CZ    1 
ATOM   1016 O OH    . TYR C 3 67 ? 8.208   5.568   -4.342  1.00 12.15 ? 67  TYR C OH    1 
ATOM   1017 N N     . VAL C 3 68 ? 11.278  9.037   2.841   1.00 19.87 ? 68  VAL C N     1 
ATOM   1018 C CA    . VAL C 3 68 ? 12.088  9.714   3.858   1.00 21.42 ? 68  VAL C CA    1 
ATOM   1019 C C     . VAL C 3 68 ? 11.692  9.259   5.271   1.00 21.87 ? 68  VAL C C     1 
ATOM   1020 O O     . VAL C 3 68 ? 12.521  9.259   6.188   1.00 21.77 ? 68  VAL C O     1 
ATOM   1021 C CB    . VAL C 3 68 ? 11.956  11.264  3.747   1.00 22.37 ? 68  VAL C CB    1 
ATOM   1022 C CG1   . VAL C 3 68 ? 10.498  11.654  3.516   1.00 22.80 ? 68  VAL C CG1   1 
ATOM   1023 C CG2   . VAL C 3 68 ? 12.501  11.939  5.013   1.00 23.66 ? 68  VAL C CG2   1 
ATOM   1024 N N     . LYS C 3 69 ? 10.430  8.860   5.438   1.00 21.63 ? 69  LYS C N     1 
ATOM   1025 C CA    . LYS C 3 69 ? 9.936   8.388   6.727   1.00 22.27 ? 69  LYS C CA    1 
ATOM   1026 C C     . LYS C 3 69 ? 10.440  6.971   7.017   1.00 22.16 ? 69  LYS C C     1 
ATOM   1027 O O     . LYS C 3 69 ? 10.241  6.444   8.111   1.00 21.97 ? 69  LYS C O     1 
ATOM   1028 C CB    . LYS C 3 69 ? 8.400   8.392   6.751   1.00 22.56 ? 69  LYS C CB    1 
ATOM   1029 C CG    . LYS C 3 69 ? 7.760   9.754   6.495   1.00 24.50 ? 69  LYS C CG    1 
ATOM   1030 C CD    . LYS C 3 69 ? 6.683   10.079  7.519   1.00 25.48 ? 69  LYS C CD    1 
ATOM   1031 C CE    . LYS C 3 69 ? 5.398   9.331   7.225   1.00 26.31 ? 69  LYS C CE    1 
ATOM   1032 N NZ    . LYS C 3 69 ? 4.189   10.024  7.770   1.00 27.37 ? 69  LYS C NZ    1 
ATOM   1033 N N     . ASN C 3 70 ? 11.085  6.359   6.030   1.00 22.53 ? 70  ASN C N     1 
ATOM   1034 C CA    . ASN C 3 70 ? 11.610  5.008   6.186   1.00 23.89 ? 70  ASN C CA    1 
ATOM   1035 C C     . ASN C 3 70 ? 10.511  3.978   6.425   1.00 23.60 ? 70  ASN C C     1 
ATOM   1036 O O     . ASN C 3 70 ? 10.753  2.945   7.050   1.00 23.47 ? 70  ASN C O     1 
ATOM   1037 C CB    . ASN C 3 70 ? 12.589  4.957   7.356   1.00 25.99 ? 70  ASN C CB    1 
ATOM   1038 C CG    . ASN C 3 70 ? 14.017  5.168   6.926   1.00 29.00 ? 70  ASN C CG    1 
ATOM   1039 O OD1   . ASN C 3 70 ? 14.478  4.584   5.941   1.00 30.19 ? 70  ASN C OD1   1 
ATOM   1040 N ND2   . ASN C 3 70 ? 14.735  6.011   7.669   1.00 30.66 ? 70  ASN C ND2   1 
ATOM   1041 N N     . ILE C 3 71 ? 9.302   4.249   5.942   1.00 22.46 ? 71  ILE C N     1 
ATOM   1042 C CA    . ILE C 3 71 ? 8.214   3.301   6.138   1.00 21.62 ? 71  ILE C CA    1 
ATOM   1043 C C     . ILE C 3 71 ? 8.098   2.357   4.954   1.00 20.62 ? 71  ILE C C     1 
ATOM   1044 O O     . ILE C 3 71 ? 8.052   1.137   5.120   1.00 22.04 ? 71  ILE C O     1 
ATOM   1045 C CB    . ILE C 3 71 ? 6.869   4.019   6.350   1.00 22.15 ? 71  ILE C CB    1 
ATOM   1046 C CG1   . ILE C 3 71 ? 6.912   4.820   7.652   1.00 22.27 ? 71  ILE C CG1   1 
ATOM   1047 C CG2   . ILE C 3 71 ? 5.739   2.998   6.424   1.00 21.69 ? 71  ILE C CG2   1 
ATOM   1048 C CD1   . ILE C 3 71 ? 5.689   5.689   7.876   1.00 25.39 ? 71  ILE C CD1   1 
ATOM   1049 N N     . ILE C 3 72 ? 8.060   2.927   3.758   1.00 18.64 ? 72  ILE C N     1 
ATOM   1050 C CA    . ILE C 3 72 ? 7.958   2.145   2.539   1.00 16.69 ? 72  ILE C CA    1 
ATOM   1051 C C     . ILE C 3 72 ? 8.967   2.709   1.546   1.00 16.09 ? 72  ILE C C     1 
ATOM   1052 O O     . ILE C 3 72 ? 9.264   3.892   1.570   1.00 15.78 ? 72  ILE C O     1 
ATOM   1053 C CB    . ILE C 3 72 ? 6.512   2.229   1.953   1.00 15.47 ? 72  ILE C CB    1 
ATOM   1054 C CG1   . ILE C 3 72 ? 5.607   1.211   2.652   1.00 14.73 ? 72  ILE C CG1   1 
ATOM   1055 C CG2   . ILE C 3 72 ? 6.526   1.980   0.460   1.00 15.70 ? 72  ILE C CG2   1 
ATOM   1056 C CD1   . ILE C 3 72 ? 4.116   1.431   2.429   1.00 15.75 ? 72  ILE C CD1   1 
ATOM   1057 N N     . LYS C 3 73 ? 9.506   1.854   0.688   1.00 16.32 ? 73  LYS C N     1 
ATOM   1058 C CA    . LYS C 3 73 ? 10.467  2.291   -0.314  1.00 17.49 ? 73  LYS C CA    1 
ATOM   1059 C C     . LYS C 3 73 ? 9.996   1.784   -1.665  1.00 17.19 ? 73  LYS C C     1 
ATOM   1060 O O     . LYS C 3 73 ? 9.142   0.904   -1.729  1.00 18.47 ? 73  LYS C O     1 
ATOM   1061 C CB    . LYS C 3 73 ? 11.859  1.714   -0.018  1.00 20.03 ? 73  LYS C CB    1 
ATOM   1062 C CG    . LYS C 3 73 ? 12.644  2.468   1.048   1.00 21.56 ? 73  LYS C CG    1 
ATOM   1063 C CD    . LYS C 3 73 ? 13.400  3.642   0.446   1.00 24.34 ? 73  LYS C CD    1 
ATOM   1064 C CE    . LYS C 3 73 ? 14.495  4.143   1.384   1.00 24.58 ? 73  LYS C CE    1 
ATOM   1065 N NZ    . LYS C 3 73 ? 14.936  3.067   2.324   1.00 24.92 ? 73  LYS C NZ    1 
ATOM   1066 N N     . LYS C 3 74 ? 10.544  2.334   -2.743  1.00 15.86 ? 74  LYS C N     1 
ATOM   1067 C CA    . LYS C 3 74 ? 10.177  1.883   -4.077  1.00 15.44 ? 74  LYS C CA    1 
ATOM   1068 C C     . LYS C 3 74 ? 11.113  0.751   -4.483  1.00 17.27 ? 74  LYS C C     1 
ATOM   1069 O O     . LYS C 3 74 ? 12.274  0.716   -4.071  1.00 17.91 ? 74  LYS C O     1 
ATOM   1070 C CB    . LYS C 3 74 ? 10.327  3.024   -5.085  1.00 14.05 ? 74  LYS C CB    1 
ATOM   1071 C CG    . LYS C 3 74 ? 9.844   2.718   -6.502  1.00 12.64 ? 74  LYS C CG    1 
ATOM   1072 C CD    . LYS C 3 74 ? 8.345   2.401   -6.524  1.00 13.06 ? 74  LYS C CD    1 
ATOM   1073 C CE    . LYS C 3 74 ? 7.780   2.328   -7.941  1.00 11.95 ? 74  LYS C CE    1 
ATOM   1074 N NZ    . LYS C 3 74 ? 8.281   1.165   -8.724  1.00 11.85 ? 74  LYS C NZ    1 
ATOM   1075 N N     . VAL C 3 75 ? 10.612  -0.204  -5.252  1.00 16.78 ? 75  VAL C N     1 
ATOM   1076 C CA    . VAL C 3 75 ? 11.498  -1.247  -5.727  1.00 17.17 ? 75  VAL C CA    1 
ATOM   1077 C C     . VAL C 3 75 ? 11.769  -0.744  -7.142  1.00 19.72 ? 75  VAL C C     1 
ATOM   1078 O O     . VAL C 3 75 ? 10.938  -0.868  -8.043  1.00 20.23 ? 75  VAL C O     1 
ATOM   1079 C CB    . VAL C 3 75 ? 10.838  -2.653  -5.735  1.00 15.25 ? 75  VAL C CB    1 
ATOM   1080 C CG1   . VAL C 3 75 ? 11.826  -3.663  -6.304  1.00 14.26 ? 75  VAL C CG1   1 
ATOM   1081 C CG2   . VAL C 3 75 ? 10.448  -3.065  -4.321  1.00 11.34 ? 75  VAL C CG2   1 
ATOM   1082 N N     . ASN C 3 76 ? 12.934  -0.127  -7.309  1.00 21.93 ? 76  ASN C N     1 
ATOM   1083 C CA    . ASN C 3 76 ? 13.336  0.457   -8.575  1.00 23.84 ? 76  ASN C CA    1 
ATOM   1084 C C     . ASN C 3 76 ? 13.274  -0.468  -9.771  1.00 24.89 ? 76  ASN C C     1 
ATOM   1085 O O     . ASN C 3 76 ? 13.704  -1.621  -9.704  1.00 26.06 ? 76  ASN C O     1 
ATOM   1086 C CB    . ASN C 3 76 ? 14.740  1.050   -8.426  1.00 26.82 ? 76  ASN C CB    1 
ATOM   1087 C CG    . ASN C 3 76 ? 14.805  2.095   -7.322  1.00 28.35 ? 76  ASN C CG    1 
ATOM   1088 O OD1   . ASN C 3 76 ? 14.095  3.106   -7.367  1.00 29.60 ? 76  ASN C OD1   1 
ATOM   1089 N ND2   . ASN C 3 76 ? 15.643  1.852   -6.317  1.00 30.34 ? 76  ASN C ND2   1 
ATOM   1090 N N     . GLY C 3 77 ? 12.712  0.052   -10.858 1.00 24.82 ? 77  GLY C N     1 
ATOM   1091 C CA    . GLY C 3 77 ? 12.586  -0.704  -12.094 1.00 24.09 ? 77  GLY C CA    1 
ATOM   1092 C C     . GLY C 3 77 ? 11.421  -1.671  -12.135 1.00 23.22 ? 77  GLY C C     1 
ATOM   1093 O O     . GLY C 3 77 ? 11.159  -2.286  -13.166 1.00 23.76 ? 77  GLY C O     1 
ATOM   1094 N N     . GLN C 3 78 ? 10.712  -1.805  -11.020 1.00 22.26 ? 78  GLN C N     1 
ATOM   1095 C CA    . GLN C 3 78 ? 9.580   -2.720  -10.952 1.00 21.51 ? 78  GLN C CA    1 
ATOM   1096 C C     . GLN C 3 78 ? 8.239   -1.998  -10.809 1.00 19.69 ? 78  GLN C C     1 
ATOM   1097 O O     . GLN C 3 78 ? 7.855   -1.588  -9.712  1.00 17.82 ? 78  GLN C O     1 
ATOM   1098 C CB    . GLN C 3 78 ? 9.790   -3.699  -9.796  1.00 22.39 ? 78  GLN C CB    1 
ATOM   1099 C CG    . GLN C 3 78 ? 10.599  -4.933  -10.191 1.00 26.92 ? 78  GLN C CG    1 
ATOM   1100 C CD    . GLN C 3 78 ? 11.036  -5.761  -8.994  1.00 30.06 ? 78  GLN C CD    1 
ATOM   1101 O OE1   . GLN C 3 78 ? 10.456  -5.662  -7.912  1.00 32.34 ? 78  GLN C OE1   1 
ATOM   1102 N NE2   . GLN C 3 78 ? 12.064  -6.585  -9.182  1.00 31.68 ? 78  GLN C NE2   1 
ATOM   1103 N N     . LYS C 3 79 ? 7.537   -1.860  -11.936 1.00 18.92 ? 79  LYS C N     1 
ATOM   1104 C CA    . LYS C 3 79 ? 6.236   -1.187  -11.994 1.00 18.05 ? 79  LYS C CA    1 
ATOM   1105 C C     . LYS C 3 79 ? 5.232   -1.598  -10.915 1.00 16.70 ? 79  LYS C C     1 
ATOM   1106 O O     . LYS C 3 79 ? 4.826   -2.758  -10.842 1.00 17.73 ? 79  LYS C O     1 
ATOM   1107 C CB    . LYS C 3 79 ? 5.608   -1.396  -13.381 1.00 20.30 ? 79  LYS C CB    1 
ATOM   1108 C CG    . LYS C 3 79 ? 5.171   -0.107  -14.069 1.00 21.67 ? 79  LYS C CG    1 
ATOM   1109 C CD    . LYS C 3 79 ? 4.622   -0.364  -15.468 1.00 24.85 ? 79  LYS C CD    1 
ATOM   1110 C CE    . LYS C 3 79 ? 3.171   0.121   -15.584 1.00 27.32 ? 79  LYS C CE    1 
ATOM   1111 N NZ    . LYS C 3 79 ? 2.566   -0.051  -16.951 1.00 29.05 ? 79  LYS C NZ    1 
ATOM   1112 N N     . PHE C 3 80 ? 4.842   -0.632  -10.088 1.00 13.86 ? 80  PHE C N     1 
ATOM   1113 C CA    . PHE C 3 80 ? 3.876   -0.814  -9.012  1.00 12.77 ? 80  PHE C CA    1 
ATOM   1114 C C     . PHE C 3 80 ? 4.383   -1.614  -7.840  1.00 11.29 ? 80  PHE C C     1 
ATOM   1115 O O     . PHE C 3 80 ? 3.606   -2.012  -6.975  1.00 10.31 ? 80  PHE C O     1 
ATOM   1116 C CB    . PHE C 3 80 ? 2.592   -1.479  -9.524  1.00 13.13 ? 80  PHE C CB    1 
ATOM   1117 C CG    . PHE C 3 80 ? 1.989   -0.800  -10.708 1.00 13.11 ? 80  PHE C CG    1 
ATOM   1118 C CD1   . PHE C 3 80 ? 1.594   0.527   -10.637 1.00 12.91 ? 80  PHE C CD1   1 
ATOM   1119 C CD2   . PHE C 3 80 ? 1.836   -1.482  -11.903 1.00 12.17 ? 80  PHE C CD2   1 
ATOM   1120 C CE1   . PHE C 3 80 ? 1.055   1.165   -11.743 1.00 12.88 ? 80  PHE C CE1   1 
ATOM   1121 C CE2   . PHE C 3 80 ? 1.299   -0.855  -13.008 1.00 14.74 ? 80  PHE C CE2   1 
ATOM   1122 C CZ    . PHE C 3 80 ? 0.906   0.474   -12.931 1.00 13.08 ? 80  PHE C CZ    1 
ATOM   1123 N N     . VAL C 3 81 ? 5.683   -1.853  -7.799  1.00 12.27 ? 81  VAL C N     1 
ATOM   1124 C CA    . VAL C 3 81 ? 6.244   -2.630  -6.698  1.00 11.92 ? 81  VAL C CA    1 
ATOM   1125 C C     . VAL C 3 81 ? 6.945   -1.729  -5.683  1.00 12.61 ? 81  VAL C C     1 
ATOM   1126 O O     . VAL C 3 81 ? 7.786   -0.903  -6.039  1.00 13.64 ? 81  VAL C O     1 
ATOM   1127 C CB    . VAL C 3 81 ? 7.237   -3.711  -7.225  1.00 12.84 ? 81  VAL C CB    1 
ATOM   1128 C CG1   . VAL C 3 81 ? 7.706   -4.605  -6.070  1.00 10.41 ? 81  VAL C CG1   1 
ATOM   1129 C CG2   . VAL C 3 81 ? 6.561   -4.563  -8.298  1.00 10.66 ? 81  VAL C CG2   1 
ATOM   1130 N N     . TYR C 3 82 ? 6.572   -1.889  -4.419  1.00 12.75 ? 82  TYR C N     1 
ATOM   1131 C CA    . TYR C 3 82 ? 7.143   -1.115  -3.326  1.00 13.28 ? 82  TYR C CA    1 
ATOM   1132 C C     . TYR C 3 82 ? 7.549   -2.126  -2.252  1.00 14.95 ? 82  TYR C C     1 
ATOM   1133 O O     . TYR C 3 82 ? 7.296   -3.337  -2.392  1.00 12.60 ? 82  TYR C O     1 
ATOM   1134 C CB    . TYR C 3 82 ? 6.098   -0.150  -2.749  1.00 13.20 ? 82  TYR C CB    1 
ATOM   1135 C CG    . TYR C 3 82 ? 5.619   0.930   -3.703  1.00 12.05 ? 82  TYR C CG    1 
ATOM   1136 C CD1   . TYR C 3 82 ? 4.638   0.661   -4.654  1.00 11.81 ? 82  TYR C CD1   1 
ATOM   1137 C CD2   . TYR C 3 82 ? 6.141   2.220   -3.641  1.00 12.29 ? 82  TYR C CD2   1 
ATOM   1138 C CE1   . TYR C 3 82 ? 4.186   1.649   -5.523  1.00 10.24 ? 82  TYR C CE1   1 
ATOM   1139 C CE2   . TYR C 3 82 ? 5.694   3.214   -4.505  1.00 11.54 ? 82  TYR C CE2   1 
ATOM   1140 C CZ    . TYR C 3 82 ? 4.713   2.924   -5.443  1.00 13.11 ? 82  TYR C CZ    1 
ATOM   1141 O OH    . TYR C 3 82 ? 4.248   3.921   -6.283  1.00 14.51 ? 82  TYR C OH    1 
ATOM   1142 N N     . LYS C 3 83 ? 8.168   -1.637  -1.181  1.00 14.88 ? 83  LYS C N     1 
ATOM   1143 C CA    . LYS C 3 83 ? 8.587   -2.525  -0.108  1.00 16.31 ? 83  LYS C CA    1 
ATOM   1144 C C     . LYS C 3 83 ? 8.459   -1.870  1.256   1.00 16.37 ? 83  LYS C C     1 
ATOM   1145 O O     . LYS C 3 83 ? 8.758   -0.686  1.421   1.00 18.11 ? 83  LYS C O     1 
ATOM   1146 C CB    . LYS C 3 83 ? 10.033  -2.989  -0.338  1.00 16.71 ? 83  LYS C CB    1 
ATOM   1147 C CG    . LYS C 3 83 ? 10.559  -4.012  0.676   1.00 16.49 ? 83  LYS C CG    1 
ATOM   1148 C CD    . LYS C 3 83 ? 12.094  -4.072  0.636   1.00 18.73 ? 83  LYS C CD    1 
ATOM   1149 C CE    . LYS C 3 83 ? 12.673  -5.037  1.678   1.00 19.96 ? 83  LYS C CE    1 
ATOM   1150 N NZ    . LYS C 3 83 ? 12.154  -4.804  3.068   1.00 21.12 ? 83  LYS C NZ    1 
ATOM   1151 N N     . PHE C 3 84 ? 7.973   -2.638  2.225   1.00 16.12 ? 84  PHE C N     1 
ATOM   1152 C CA    . PHE C 3 84 ? 7.849   -2.147  3.578   1.00 17.53 ? 84  PHE C CA    1 
ATOM   1153 C C     . PHE C 3 84 ? 9.283   -2.247  4.080   1.00 20.58 ? 84  PHE C C     1 
ATOM   1154 O O     . PHE C 3 84 ? 9.860   -3.338  4.115   1.00 20.21 ? 84  PHE C O     1 
ATOM   1155 C CB    . PHE C 3 84 ? 6.917   -3.050  4.379   1.00 15.77 ? 84  PHE C CB    1 
ATOM   1156 C CG    . PHE C 3 84 ? 5.460   -2.740  4.178   1.00 16.70 ? 84  PHE C CG    1 
ATOM   1157 C CD1   . PHE C 3 84 ? 4.869   -1.664  4.836   1.00 15.83 ? 84  PHE C CD1   1 
ATOM   1158 C CD2   . PHE C 3 84 ? 4.682   -3.510  3.315   1.00 16.03 ? 84  PHE C CD2   1 
ATOM   1159 C CE1   . PHE C 3 84 ? 3.521   -1.354  4.638   1.00 15.26 ? 84  PHE C CE1   1 
ATOM   1160 C CE2   . PHE C 3 84 ? 3.326   -3.207  3.108   1.00 16.25 ? 84  PHE C CE2   1 
ATOM   1161 C CZ    . PHE C 3 84 ? 2.749   -2.127  3.772   1.00 14.45 ? 84  PHE C CZ    1 
ATOM   1162 N N     . VAL C 3 85 ? 9.868   -1.109  4.441   1.00 23.36 ? 85  VAL C N     1 
ATOM   1163 C CA    . VAL C 3 85 ? 11.256  -1.080  4.904   1.00 24.83 ? 85  VAL C CA    1 
ATOM   1164 C C     . VAL C 3 85 ? 11.577  -2.045  6.049   1.00 26.19 ? 85  VAL C C     1 
ATOM   1165 O O     . VAL C 3 85 ? 12.473  -2.885  5.919   1.00 28.13 ? 85  VAL C O     1 
ATOM   1166 C CB    . VAL C 3 85 ? 11.677  0.349   5.315   1.00 24.58 ? 85  VAL C CB    1 
ATOM   1167 C CG1   . VAL C 3 85 ? 13.096  0.331   5.877   1.00 23.20 ? 85  VAL C CG1   1 
ATOM   1168 C CG2   . VAL C 3 85 ? 11.596  1.277   4.110   1.00 23.16 ? 85  VAL C CG2   1 
ATOM   1169 N N     . SER C 3 86 ? 10.856  -1.925  7.162   1.00 26.91 ? 86  SER C N     1 
ATOM   1170 C CA    . SER C 3 86 ? 11.092  -2.793  8.313   1.00 27.73 ? 86  SER C CA    1 
ATOM   1171 C C     . SER C 3 86 ? 10.062  -3.920  8.419   1.00 28.08 ? 86  SER C C     1 
ATOM   1172 O O     . SER C 3 86 ? 9.115   -3.852  9.200   1.00 28.57 ? 86  SER C O     1 
ATOM   1173 C CB    . SER C 3 86 ? 11.122  -1.960  9.604   1.00 27.89 ? 86  SER C CB    1 
ATOM   1174 O OG    . SER C 3 86 ? 9.832   -1.513  9.984   1.00 28.34 ? 86  SER C OG    1 
ATOM   1175 N N     . TYR C 3 87 ? 10.257  -4.957  7.616   1.00 29.31 ? 87  TYR C N     1 
ATOM   1176 C CA    . TYR C 3 87 ? 9.362   -6.106  7.606   1.00 30.80 ? 87  TYR C CA    1 
ATOM   1177 C C     . TYR C 3 87 ? 10.091  -7.303  8.236   1.00 31.90 ? 87  TYR C C     1 
ATOM   1178 O O     . TYR C 3 87 ? 11.275  -7.522  7.968   1.00 32.65 ? 87  TYR C O     1 
ATOM   1179 C CB    . TYR C 3 87 ? 8.964   -6.423  6.163   1.00 30.53 ? 87  TYR C CB    1 
ATOM   1180 C CG    . TYR C 3 87 ? 7.993   -7.568  6.038   1.00 30.84 ? 87  TYR C CG    1 
ATOM   1181 C CD1   . TYR C 3 87 ? 6.615   -7.357  6.134   1.00 29.94 ? 87  TYR C CD1   1 
ATOM   1182 C CD2   . TYR C 3 87 ? 8.452   -8.872  5.849   1.00 30.85 ? 87  TYR C CD2   1 
ATOM   1183 C CE1   . TYR C 3 87 ? 5.722   -8.416  6.049   1.00 31.12 ? 87  TYR C CE1   1 
ATOM   1184 C CE2   . TYR C 3 87 ? 7.569   -9.937  5.761   1.00 31.49 ? 87  TYR C CE2   1 
ATOM   1185 C CZ    . TYR C 3 87 ? 6.208   -9.707  5.864   1.00 31.71 ? 87  TYR C CZ    1 
ATOM   1186 O OH    . TYR C 3 87 ? 5.345   -10.779 5.790   1.00 33.42 ? 87  TYR C OH    1 
ATOM   1187 N N     . PRO C 3 88 ? 9.387   -8.127  9.037   1.00 32.71 ? 88  PRO C N     1 
ATOM   1188 C CA    . PRO C 3 88 ? 7.977   -8.117  9.450   1.00 33.43 ? 88  PRO C CA    1 
ATOM   1189 C C     . PRO C 3 88 ? 7.623   -7.274  10.669  1.00 34.29 ? 88  PRO C C     1 
ATOM   1190 O O     . PRO C 3 88 ? 6.513   -7.372  11.186  1.00 33.86 ? 88  PRO C O     1 
ATOM   1191 C CB    . PRO C 3 88 ? 7.693   -9.583  9.715   1.00 32.78 ? 88  PRO C CB    1 
ATOM   1192 C CG    . PRO C 3 88 ? 8.994   -10.076 10.299  1.00 33.10 ? 88  PRO C CG    1 
ATOM   1193 C CD    . PRO C 3 88 ? 10.105  -9.261  9.653   1.00 32.73 ? 88  PRO C CD    1 
ATOM   1194 N N     . GLU C 3 89 ? 8.560   -6.460  11.132  1.00 36.49 ? 89  GLU C N     1 
ATOM   1195 C CA    . GLU C 3 89 ? 8.312   -5.620  12.298  1.00 39.28 ? 89  GLU C CA    1 
ATOM   1196 C C     . GLU C 3 89 ? 6.956   -4.916  12.240  1.00 41.02 ? 89  GLU C C     1 
ATOM   1197 O O     . GLU C 3 89 ? 6.146   -5.056  13.157  1.00 41.42 ? 89  GLU C O     1 
ATOM   1198 C CB    . GLU C 3 89 ? 9.423   -4.582  12.442  1.00 38.96 ? 89  GLU C CB    1 
ATOM   1199 C CG    . GLU C 3 89 ? 10.750  -5.157  12.898  1.00 39.87 ? 89  GLU C CG    1 
ATOM   1200 C CD    . GLU C 3 89 ? 11.292  -6.200  11.947  1.00 40.96 ? 89  GLU C CD    1 
ATOM   1201 O OE1   . GLU C 3 89 ? 11.451  -5.894  10.746  1.00 42.21 ? 89  GLU C OE1   1 
ATOM   1202 O OE2   . GLU C 3 89 ? 11.564  -7.332  12.398  1.00 42.33 ? 89  GLU C OE2   1 
ATOM   1203 N N     . ILE C 3 90 ? 6.712   -4.164  11.166  1.00 43.57 ? 90  ILE C N     1 
ATOM   1204 C CA    . ILE C 3 90 ? 5.447   -3.435  11.009  1.00 46.16 ? 90  ILE C CA    1 
ATOM   1205 C C     . ILE C 3 90 ? 4.224   -4.339  11.148  1.00 48.22 ? 90  ILE C C     1 
ATOM   1206 O O     . ILE C 3 90 ? 3.155   -3.889  11.561  1.00 47.65 ? 90  ILE C O     1 
ATOM   1207 C CB    . ILE C 3 90 ? 5.348   -2.721  9.633   1.00 46.01 ? 90  ILE C CB    1 
ATOM   1208 C CG1   . ILE C 3 90 ? 5.893   -3.627  8.531   1.00 45.73 ? 90  ILE C CG1   1 
ATOM   1209 C CG2   . ILE C 3 90 ? 6.091   -1.397  9.674   1.00 46.32 ? 90  ILE C CG2   1 
ATOM   1210 C CD1   . ILE C 3 90 ? 4.844   -4.531  7.920   1.00 45.40 ? 90  ILE C CD1   1 
ATOM   1211 N N     . LEU C 3 91 ? 4.383   -5.611  10.794  1.00 51.15 ? 91  LEU C N     1 
ATOM   1212 C CA    . LEU C 3 91 ? 3.286   -6.562  10.886  1.00 54.35 ? 91  LEU C CA    1 
ATOM   1213 C C     . LEU C 3 91 ? 2.902   -6.753  12.346  1.00 57.09 ? 91  LEU C C     1 
ATOM   1214 O O     . LEU C 3 91 ? 1.785   -6.424  12.753  1.00 57.16 ? 91  LEU C O     1 
ATOM   1215 C CB    . LEU C 3 91 ? 3.693   -7.907  10.275  1.00 53.38 ? 91  LEU C CB    1 
ATOM   1216 C CG    . LEU C 3 91 ? 3.590   -8.054  8.752   1.00 53.46 ? 91  LEU C CG    1 
ATOM   1217 C CD1   . LEU C 3 91 ? 3.535   -9.533  8.378   1.00 52.75 ? 91  LEU C CD1   1 
ATOM   1218 C CD2   . LEU C 3 91 ? 2.349   -7.328  8.247   1.00 53.22 ? 91  LEU C CD2   1 
ATOM   1219 N N     . ASN C 3 92 ? 3.838   -7.281  13.129  1.00 60.69 ? 92  ASN C N     1 
ATOM   1220 C CA    . ASN C 3 92 ? 3.606   -7.523  14.550  1.00 64.18 ? 92  ASN C CA    1 
ATOM   1221 C C     . ASN C 3 92 ? 3.763   -6.236  15.357  1.00 65.72 ? 92  ASN C C     1 
ATOM   1222 O O     . ASN C 3 92 ? 4.560   -6.169  16.294  1.00 65.63 ? 92  ASN C O     1 
ATOM   1223 C CB    . ASN C 3 92 ? 4.583   -8.580  15.073  1.00 65.21 ? 92  ASN C CB    1 
ATOM   1224 C CG    . ASN C 3 92 ? 4.005   -9.392  16.216  1.00 66.46 ? 92  ASN C CG    1 
ATOM   1225 O OD1   . ASN C 3 92 ? 4.158   -9.038  17.389  1.00 67.14 ? 92  ASN C OD1   1 
ATOM   1226 N ND2   . ASN C 3 92 ? 3.336   -10.492 15.880  1.00 66.88 ? 92  ASN C ND2   1 
ATOM   1227 N N     . MET C 3 93 ? 2.993   -5.220  14.982  1.00 67.36 ? 93  MET C N     1 
ATOM   1228 C CA    . MET C 3 93 ? 3.035   -3.931  15.657  1.00 69.01 ? 93  MET C CA    1 
ATOM   1229 C C     . MET C 3 93 ? 1.629   -3.348  15.737  1.00 69.97 ? 93  MET C C     1 
ATOM   1230 O O     . MET C 3 93 ? 1.422   -2.432  16.567  1.00 70.85 ? 93  MET C O     1 
ATOM   1231 C CB    . MET C 3 93 ? 3.959   -2.972  14.900  1.00 69.55 ? 93  MET C CB    1 
ATOM   1232 C CG    . MET C 3 93 ? 3.692   -1.497  15.159  1.00 70.22 ? 93  MET C CG    1 
ATOM   1233 S SD    . MET C 3 93 ? 3.159   -0.630  13.674  1.00 71.00 ? 93  MET C SD    1 
ATOM   1234 C CE    . MET C 3 93 ? 1.365   -0.829  13.771  1.00 70.97 ? 93  MET C CE    1 
ATOM   1235 O OXT   . MET C 3 93 ? 0.754   -3.815  14.972  1.00 70.31 ? 93  MET C OXT   1 
HETATM 1236 O O     . HOH D 4 .  ? 4.463   18.692  1.176   1.00 31.56 ? 15  HOH A O     1 
HETATM 1237 O O     . HOH D 4 .  ? 8.280   17.004  -0.705  1.00 22.86 ? 16  HOH A O     1 
HETATM 1238 O O     . HOH D 4 .  ? 9.641   11.196  -3.001  1.00 15.82 ? 18  HOH A O     1 
HETATM 1239 O O     . HOH D 4 .  ? 14.057  8.292   -3.997  1.00 33.47 ? 19  HOH A O     1 
HETATM 1240 O O     . HOH D 4 .  ? 12.591  5.986   -4.834  1.00 12.61 ? 20  HOH A O     1 
HETATM 1241 O O     . HOH D 4 .  ? -1.674  25.348  -5.078  1.00 37.75 ? 32  HOH A O     1 
HETATM 1242 O O     . HOH D 4 .  ? 4.202   6.256   -9.291  1.00 10.22 ? 46  HOH A O     1 
HETATM 1243 O O     . HOH D 4 .  ? 12.651  11.834  -11.035 1.00 36.53 ? 49  HOH A O     1 
HETATM 1244 O O     . HOH D 4 .  ? 11.887  15.400  -8.941  1.00 41.80 ? 50  HOH A O     1 
HETATM 1245 O O     . HOH D 4 .  ? 15.336  12.054  -7.396  1.00 32.54 ? 51  HOH A O     1 
HETATM 1246 O O     . HOH D 4 .  ? 7.370   22.845  -0.273  1.00 17.95 ? 54  HOH A O     1 
HETATM 1247 O O     . HOH D 4 .  ? 3.614   26.143  0.528   1.00 22.30 ? 55  HOH A O     1 
HETATM 1248 O O     . HOH D 4 .  ? 3.181   25.394  2.805   1.00 38.12 ? 56  HOH A O     1 
HETATM 1249 O O     . HOH D 4 .  ? 4.234   23.675  -7.485  1.00 20.47 ? 60  HOH A O     1 
HETATM 1250 O O     . HOH D 4 .  ? 0.720   24.130  -5.540  1.00 20.19 ? 62  HOH A O     1 
HETATM 1251 O O     . HOH D 4 .  ? -3.705  22.730  -2.385  1.00 27.62 ? 63  HOH A O     1 
HETATM 1252 O O     . HOH D 4 .  ? 1.816   23.468  3.752   1.00 31.28 ? 74  HOH A O     1 
HETATM 1253 O O     . HOH D 4 .  ? -4.133  24.508  9.447   1.00 35.47 ? 75  HOH A O     1 
HETATM 1254 O O     . HOH D 4 .  ? -7.125  25.219  6.341   1.00 34.72 ? 76  HOH A O     1 
HETATM 1255 O O     . HOH D 4 .  ? -6.703  17.542  1.883   1.00 27.76 ? 77  HOH A O     1 
HETATM 1256 O O     . HOH D 4 .  ? -6.205  15.605  8.537   1.00 38.84 ? 78  HOH A O     1 
HETATM 1257 O O     . HOH D 4 .  ? -3.110  13.711  10.744  1.00 33.65 ? 80  HOH A O     1 
HETATM 1258 O O     . HOH D 4 .  ? -11.460 25.824  4.445   1.00 33.00 ? 89  HOH A O     1 
HETATM 1259 O O     . HOH D 4 .  ? -9.576  23.056  8.725   1.00 30.86 ? 90  HOH A O     1 
HETATM 1260 O O     . HOH D 4 .  ? -5.589  24.144  7.667   1.00 33.70 ? 91  HOH A O     1 
HETATM 1261 O O     . HOH D 4 .  ? -3.133  26.768  8.747   1.00 38.21 ? 92  HOH A O     1 
HETATM 1262 O O     . HOH D 4 .  ? 5.742   12.456  -22.627 1.00 31.16 ? 93  HOH A O     1 
HETATM 1263 O O     . HOH D 4 .  ? 9.057   5.699   -15.065 1.00 29.46 ? 94  HOH A O     1 
HETATM 1264 O O     . HOH D 4 .  ? 7.331   3.047   -16.761 1.00 32.43 ? 95  HOH A O     1 
HETATM 1265 O O     . HOH D 4 .  ? 14.759  18.232  0.243   1.00 30.34 ? 111 HOH A O     1 
HETATM 1266 O O     . HOH D 4 .  ? 11.901  14.767  -0.133  1.00 38.27 ? 113 HOH A O     1 
HETATM 1267 O O     . HOH D 4 .  ? 5.912   18.470  -0.735  1.00 24.28 ? 116 HOH A O     1 
HETATM 1268 O O     . HOH D 4 .  ? 6.361   25.041  0.786   1.00 27.23 ? 117 HOH A O     1 
HETATM 1269 O O     . HOH D 4 .  ? 10.950  24.892  -0.251  1.00 8.66  ? 118 HOH A O     1 
HETATM 1270 O O     . HOH D 4 .  ? 8.285   20.059  -8.145  1.00 29.87 ? 126 HOH A O     1 
HETATM 1271 O O     . HOH D 4 .  ? -6.298  8.005   -18.659 1.00 42.73 ? 127 HOH A O     1 
HETATM 1272 O O     . HOH D 4 .  ? -11.421 29.784  -0.697  1.00 41.99 ? 129 HOH A O     1 
HETATM 1273 O O     . HOH D 4 .  ? 11.911  11.187  -0.772  1.00 29.41 ? 131 HOH A O     1 
HETATM 1274 O O     . HOH D 4 .  ? 6.553   22.260  -7.312  1.00 29.70 ? 136 HOH A O     1 
HETATM 1275 O O     . HOH E 4 .  ? -4.490  8.877   6.150   1.00 16.31 ? 23  HOH B O     1 
HETATM 1276 O O     . HOH E 4 .  ? -5.134  15.127  4.068   1.00 19.21 ? 24  HOH B O     1 
HETATM 1277 O O     . HOH E 4 .  ? -2.423  11.355  -1.397  1.00 10.18 ? 25  HOH B O     1 
HETATM 1278 O O     . HOH E 4 .  ? 0.208   12.625  -0.194  1.00 11.32 ? 26  HOH B O     1 
HETATM 1279 O O     . HOH E 4 .  ? 4.566   16.255  4.122   1.00 26.90 ? 27  HOH B O     1 
HETATM 1280 O O     . HOH E 4 .  ? 3.838   17.326  6.878   1.00 17.80 ? 28  HOH B O     1 
HETATM 1281 O O     . HOH E 4 .  ? 4.471   23.702  -18.949 1.00 46.82 ? 29  HOH B O     1 
HETATM 1282 O O     . HOH E 4 .  ? -2.991  22.169  -4.779  1.00 30.33 ? 30  HOH B O     1 
HETATM 1283 O O     . HOH E 4 .  ? 0.674   22.981  -7.946  1.00 27.93 ? 31  HOH B O     1 
HETATM 1284 O O     . HOH E 4 .  ? -5.384  23.892  -5.854  1.00 36.75 ? 32  HOH B O     1 
HETATM 1285 O O     . HOH E 4 .  ? -0.147  20.376  -15.369 1.00 30.49 ? 33  HOH B O     1 
HETATM 1286 O O     . HOH E 4 .  ? 4.051   20.565  -17.140 1.00 22.28 ? 34  HOH B O     1 
HETATM 1287 O O     . HOH E 4 .  ? 7.771   19.113  -18.910 1.00 24.94 ? 35  HOH B O     1 
HETATM 1288 O O     . HOH E 4 .  ? 10.841  19.689  -20.048 1.00 28.69 ? 36  HOH B O     1 
HETATM 1289 O O     . HOH E 4 .  ? -4.475  13.557  7.818   1.00 35.51 ? 37  HOH B O     1 
HETATM 1290 O O     . HOH E 4 .  ? -4.838  15.328  -9.048  1.00 35.01 ? 38  HOH B O     1 
HETATM 1291 O O     . HOH E 4 .  ? -8.009  8.470   0.361   1.00 14.31 ? 39  HOH B O     1 
HETATM 1292 O O     . HOH E 4 .  ? -11.914 13.377  -3.246  1.00 18.10 ? 40  HOH B O     1 
HETATM 1293 O O     . HOH E 4 .  ? -9.982  16.858  -1.052  1.00 21.69 ? 41  HOH B O     1 
HETATM 1294 O O     . HOH E 4 .  ? 4.442   10.962  14.802  1.00 32.26 ? 42  HOH B O     1 
HETATM 1295 O O     . HOH E 4 .  ? -10.840 16.406  -5.434  1.00 34.47 ? 43  HOH B O     1 
HETATM 1296 O O     . HOH E 4 .  ? -0.443  13.873  -9.773  1.00 22.16 ? 44  HOH B O     1 
HETATM 1297 O O     . HOH E 4 .  ? 5.284   15.827  8.823   1.00 38.08 ? 45  HOH B O     1 
HETATM 1298 O O     . HOH F 4 .  ? -1.840  -1.380  -11.602 1.00 21.19 ? 94  HOH C O     1 
HETATM 1299 O O     . HOH F 4 .  ? -4.201  9.892   10.071  1.00 28.58 ? 95  HOH C O     1 
HETATM 1300 O O     . HOH F 4 .  ? 2.313   9.920   2.976   1.00 19.91 ? 96  HOH C O     1 
HETATM 1301 O O     . HOH F 4 .  ? 3.294   11.265  4.991   1.00 15.81 ? 97  HOH C O     1 
HETATM 1302 O O     . HOH F 4 .  ? 4.721   13.486  5.067   1.00 14.29 ? 98  HOH C O     1 
HETATM 1303 O O     . HOH F 4 .  ? 4.255   13.372  7.603   1.00 24.26 ? 99  HOH C O     1 
HETATM 1304 O O     . HOH F 4 .  ? 6.498   13.351  9.134   1.00 37.50 ? 100 HOH C O     1 
HETATM 1305 O O     . HOH F 4 .  ? 8.806   13.055  6.899   1.00 18.85 ? 101 HOH C O     1 
HETATM 1306 O O     . HOH F 4 .  ? 8.052   13.289  -1.051  1.00 14.64 ? 102 HOH C O     1 
HETATM 1307 O O     . HOH F 4 .  ? 12.529  4.569   -2.880  1.00 10.36 ? 103 HOH C O     1 
HETATM 1308 O O     . HOH F 4 .  ? 14.283  6.364   -0.507  1.00 30.87 ? 104 HOH C O     1 
HETATM 1309 O O     . HOH F 4 .  ? 11.794  4.425   2.895   1.00 50.22 ? 105 HOH C O     1 
HETATM 1310 O O     . HOH F 4 .  ? 15.495  8.155   3.866   1.00 35.51 ? 106 HOH C O     1 
HETATM 1311 O O     . HOH F 4 .  ? 14.216  8.737   9.068   1.00 42.68 ? 107 HOH C O     1 
HETATM 1312 O O     . HOH F 4 .  ? 13.723  6.400   10.684  1.00 42.02 ? 108 HOH C O     1 
HETATM 1313 O O     . HOH F 4 .  ? -16.259 6.892   10.177  1.00 35.16 ? 109 HOH C O     1 
HETATM 1314 O O     . HOH F 4 .  ? -10.195 -6.394  -13.501 1.00 22.27 ? 110 HOH C O     1 
HETATM 1315 O O     . HOH F 4 .  ? -9.954  -5.920  -11.294 1.00 5.85  ? 111 HOH C O     1 
HETATM 1316 O O     . HOH F 4 .  ? 16.456  -3.313  5.086   1.00 49.85 ? 112 HOH C O     1 
HETATM 1317 O O     . HOH F 4 .  ? 16.598  -3.476  -2.377  1.00 33.02 ? 113 HOH C O     1 
HETATM 1318 O O     . HOH F 4 .  ? 14.321  -4.766  -2.371  1.00 50.07 ? 114 HOH C O     1 
HETATM 1319 O O     . HOH F 4 .  ? 14.179  -2.020  -2.509  1.00 45.76 ? 115 HOH C O     1 
HETATM 1320 O O     . HOH F 4 .  ? 13.929  -4.526  -11.240 1.00 44.43 ? 116 HOH C O     1 
HETATM 1321 O O     . HOH F 4 .  ? 10.765  -5.712  -14.269 1.00 30.12 ? 117 HOH C O     1 
HETATM 1322 O O     . HOH F 4 .  ? 8.365   -3.155  -14.615 1.00 36.33 ? 118 HOH C O     1 
HETATM 1323 O O     . HOH F 4 .  ? 5.977   -5.196  -11.843 1.00 24.43 ? 119 HOH C O     1 
HETATM 1324 O O     . HOH F 4 .  ? -1.397  -5.825  -14.437 1.00 43.42 ? 120 HOH C O     1 
HETATM 1325 O O     . HOH F 4 .  ? -6.630  -1.092  -11.417 1.00 8.14  ? 121 HOH C O     1 
HETATM 1326 O O     . HOH F 4 .  ? -2.696  3.085   -12.571 1.00 29.86 ? 122 HOH C O     1 
HETATM 1327 O O     . HOH F 4 .  ? -4.178  7.758   -11.642 1.00 8.73  ? 123 HOH C O     1 
HETATM 1328 O O     . HOH F 4 .  ? 2.314   7.697   -10.420 1.00 9.86  ? 124 HOH C O     1 
HETATM 1329 O O     . HOH F 4 .  ? 5.554   6.281   -6.942  1.00 6.83  ? 125 HOH C O     1 
HETATM 1330 O O     . HOH F 4 .  ? 12.193  4.184   -8.952  1.00 19.21 ? 126 HOH C O     1 
HETATM 1331 O O     . HOH F 4 .  ? -4.844  -8.759  -11.006 1.00 30.10 ? 127 HOH C O     1 
HETATM 1332 O O     . HOH F 4 .  ? -8.697  -11.861 -4.957  1.00 27.07 ? 128 HOH C O     1 
HETATM 1333 O O     . HOH F 4 .  ? -12.121 -3.616  -6.021  1.00 37.69 ? 129 HOH C O     1 
HETATM 1334 O O     . HOH F 4 .  ? 16.346  -6.634  5.529   1.00 30.72 ? 130 HOH C O     1 
HETATM 1335 O O     . HOH F 4 .  ? 14.320  -2.340  3.659   1.00 36.32 ? 131 HOH C O     1 
HETATM 1336 O O     . HOH F 4 .  ? 15.127  9.238   6.321   1.00 35.86 ? 132 HOH C O     1 
HETATM 1337 O O     . HOH F 4 .  ? -14.853 2.914   6.848   1.00 28.44 ? 133 HOH C O     1 
HETATM 1338 O O     . HOH F 4 .  ? -15.226 -0.436  0.206   1.00 24.89 ? 134 HOH C O     1 
HETATM 1339 O O     . HOH F 4 .  ? -11.133 -1.229  1.522   1.00 30.69 ? 135 HOH C O     1 
HETATM 1340 O O     . HOH F 4 .  ? -11.173 -11.460 5.356   1.00 45.11 ? 136 HOH C O     1 
HETATM 1341 O O     . HOH F 4 .  ? 3.577   -12.667 4.759   1.00 31.15 ? 137 HOH C O     1 
HETATM 1342 O O     . HOH F 4 .  ? -10.347 10.039  -9.760  1.00 20.96 ? 138 HOH C O     1 
HETATM 1343 O O     . HOH F 4 .  ? -10.710 14.901  -9.477  1.00 40.09 ? 139 HOH C O     1 
HETATM 1344 O O     . HOH F 4 .  ? -0.069  13.078  -7.196  1.00 14.35 ? 140 HOH C O     1 
HETATM 1345 O O     . HOH F 4 .  ? 8.007   -0.960  7.290   1.00 23.65 ? 141 HOH C O     1 
HETATM 1346 O O     . HOH F 4 .  ? 6.732   -10.516 2.677   1.00 34.05 ? 142 HOH C O     1 
HETATM 1347 O O     . HOH F 4 .  ? 4.753   -12.585 2.617   1.00 40.21 ? 143 HOH C O     1 
HETATM 1348 O O     . HOH F 4 .  ? -9.060  10.253  -11.636 1.00 21.81 ? 144 HOH C O     1 
HETATM 1349 O O     . HOH F 4 .  ? -12.460 11.701  -10.090 1.00 29.43 ? 145 HOH C O     1 
HETATM 1350 O O     . HOH F 4 .  ? -8.793  15.252  -7.702  1.00 26.66 ? 146 HOH C O     1 
HETATM 1351 O O     . HOH F 4 .  ? -4.917  13.358  -10.747 1.00 26.89 ? 147 HOH C O     1 
HETATM 1352 O O     . HOH F 4 .  ? 1.959   10.126  -9.350  1.00 16.97 ? 148 HOH C O     1 
HETATM 1353 O O     . HOH F 4 .  ? 0.524   7.781   -12.397 1.00 44.03 ? 149 HOH C O     1 
HETATM 1354 O O     . HOH F 4 .  ? -0.285  -12.067 -1.402  1.00 24.04 ? 150 HOH C O     1 
HETATM 1355 O O     . HOH F 4 .  ? -2.038  -11.236 0.189   1.00 14.84 ? 151 HOH C O     1 
HETATM 1356 O O     . HOH F 4 .  ? -4.034  -9.397  -1.090  1.00 14.68 ? 152 HOH C O     1 
HETATM 1357 O O     . HOH F 4 .  ? -8.087  -14.909 -4.138  1.00 31.12 ? 153 HOH C O     1 
HETATM 1358 O O     . HOH F 4 .  ? 7.413   12.659  4.218   1.00 15.57 ? 154 HOH C O     1 
HETATM 1359 O O     . HOH F 4 .  ? -11.905 -1.164  -6.161  1.00 36.22 ? 155 HOH C O     1 
HETATM 1360 O O     . HOH F 4 .  ? 15.889  -8.717  -1.205  1.00 38.10 ? 156 HOH C O     1 
HETATM 1361 O O     . HOH F 4 .  ? 13.595  -10.629 -3.390  1.00 24.75 ? 157 HOH C O     1 
HETATM 1362 O O     . HOH F 4 .  ? -17.434 6.575   -2.542  1.00 29.17 ? 158 HOH C O     1 
HETATM 1363 O O     . HOH F 4 .  ? -18.568 2.675   -2.831  1.00 48.43 ? 159 HOH C O     1 
HETATM 1364 O O     . HOH F 4 .  ? -12.862 0.877   1.034   1.00 18.42 ? 160 HOH C O     1 
HETATM 1365 O O     . HOH F 4 .  ? -14.030 1.469   2.994   1.00 28.64 ? 161 HOH C O     1 
HETATM 1366 O O     . HOH F 4 .  ? 0.271   -10.115 5.127   1.00 29.83 ? 162 HOH C O     1 
HETATM 1367 O O     . HOH F 4 .  ? 15.190  -1.001  -4.939  1.00 24.29 ? 163 HOH C O     1 
HETATM 1368 O O     . HOH F 4 .  ? 11.705  1.910   9.479   1.00 34.74 ? 164 HOH C O     1 
HETATM 1369 O O     . HOH F 4 .  ? -1.227  -17.102 -3.013  1.00 36.99 ? 165 HOH C O     1 
HETATM 1370 O O     . HOH F 4 .  ? -2.895  -16.572 0.174   1.00 41.82 ? 166 HOH C O     1 
HETATM 1371 O O     . HOH F 4 .  ? 12.627  -8.526  6.004   1.00 29.29 ? 167 HOH C O     1 
HETATM 1372 O O     . HOH F 4 .  ? -6.113  -11.861 -11.278 1.00 34.74 ? 168 HOH C O     1 
# 
